data_5F3H
#
_entry.id   5F3H
#
_cell.length_a   75.138
_cell.length_b   80.916
_cell.length_c   101.401
_cell.angle_alpha   88.330
_cell.angle_beta   103.780
_cell.angle_gamma   92.400
#
_symmetry.space_group_name_H-M   'P 1'
#
loop_
_entity.id
_entity.type
_entity.pdbx_description
1 polymer 'humanized RK35 antibody heavy chain'
2 polymer 'humanized RK35 antibody light chain'
3 polymer 'Growth/differentiation factor 8'
#
loop_
_entity_poly.entity_id
_entity_poly.type
_entity_poly.pdbx_seq_one_letter_code
_entity_poly.pdbx_strand_id
1 'polypeptide(L)'
;EVQLLESGGGLVQPGGSLRLSCAASGFTFSSYAMSWVRQAPGKGLEWVSTISSGGSYTSYPDSVKGRFTISRDNSKNTLY
LQMNSLRAEDTAVYYCAKQDYAMNYWGQGTLVTVSSASTKGPSVFPLAPSSKSTSGGTAALGCLVKDYFPEPVTVSWNSG
ALTSGVHTFPAVLQSSGLYSLSSVVTVPSSSLGTQTYICNVNHKPSNTKVDKKVEPKSCDK
;
A,C,E,G
2 'polypeptide(L)'
;DIQMTQSPSSLSASVGDRVTITCKASQDVSTAVAWYQQKPGKAPKLLIYSASYRYTGVPSRFSGSGSGTDFTLTISSLNP
EDFATYYCQQHYSTPWTFGGGTKVEIKRTVAAPSVFIFPPSDEQLKSGTASVVCLLNNFYPREAKVQWKVDNALQSGNSQ
ESVTEQDSKDSTYSLSSTLTLSKADYEKHKVYACEVTHQGLSSPVTKSFNRGEC
;
B,D,F,H
3 'polypeptide(L)'
;FGLDCDEHSTESRCCRYPLTVDFEAFGWDWIIAPKRYKANYCSGECEFVFLQKYPHTHLVHQANPRGSAGPCCTPTKMSP
INMLYFNGKEQIIYGKIPAMVVDRCGCS
;
I,J,K,L
#
# COMPACT_ATOMS: atom_id res chain seq x y z
N LEU A 4 19.87 -12.55 61.00
CA LEU A 4 21.14 -13.18 60.64
C LEU A 4 22.17 -12.99 61.75
N LEU A 5 22.75 -14.08 62.27
CA LEU A 5 23.73 -14.00 63.36
C LEU A 5 25.00 -14.80 63.13
N GLU A 6 26.12 -14.06 62.97
CA GLU A 6 27.44 -14.64 62.74
C GLU A 6 28.05 -15.05 64.05
N SER A 7 28.97 -16.02 63.99
CA SER A 7 29.69 -16.56 65.13
C SER A 7 30.84 -17.41 64.59
N GLY A 8 31.89 -17.57 65.39
CA GLY A 8 33.03 -18.39 65.03
C GLY A 8 34.34 -17.67 64.75
N GLY A 9 34.30 -16.34 64.89
CA GLY A 9 35.44 -15.47 64.62
C GLY A 9 36.14 -15.00 65.86
N GLY A 10 37.46 -15.12 65.81
CA GLY A 10 38.39 -14.71 66.86
C GLY A 10 39.80 -14.72 66.31
N LEU A 11 40.77 -14.80 67.19
CA LEU A 11 42.17 -14.86 66.82
C LEU A 11 42.54 -16.25 66.29
N VAL A 12 43.34 -16.24 65.21
CA VAL A 12 43.94 -17.38 64.52
C VAL A 12 45.33 -16.91 64.10
N GLN A 13 46.26 -17.86 63.97
CA GLN A 13 47.62 -17.61 63.49
C GLN A 13 47.64 -17.64 61.94
N PRO A 14 48.57 -16.94 61.26
CA PRO A 14 48.62 -17.03 59.79
C PRO A 14 48.97 -18.44 59.36
N GLY A 15 48.37 -18.87 58.25
CA GLY A 15 48.51 -20.22 57.69
C GLY A 15 47.54 -21.18 58.34
N GLY A 16 46.77 -20.68 59.30
CA GLY A 16 45.77 -21.44 60.04
C GLY A 16 44.40 -21.42 59.44
N SER A 17 43.48 -22.21 60.04
CA SER A 17 42.09 -22.36 59.62
C SER A 17 41.06 -21.90 60.65
N LEU A 18 39.89 -21.42 60.15
CA LEU A 18 38.75 -20.96 60.93
C LEU A 18 37.47 -21.18 60.17
N ARG A 19 36.42 -21.60 60.85
CA ARG A 19 35.15 -21.85 60.22
C ARG A 19 34.09 -20.97 60.85
N LEU A 20 33.54 -20.03 60.03
CA LEU A 20 32.49 -19.11 60.45
C LEU A 20 31.15 -19.72 60.23
N SER A 21 30.16 -19.30 61.01
CA SER A 21 28.78 -19.77 60.86
C SER A 21 27.85 -18.56 60.90
N CYS A 22 26.69 -18.69 60.23
CA CYS A 22 25.70 -17.62 60.17
C CYS A 22 24.30 -18.21 60.32
N ALA A 23 23.65 -17.88 61.45
CA ALA A 23 22.32 -18.37 61.83
C ALA A 23 21.18 -17.57 61.23
N ALA A 24 20.53 -18.13 60.21
CA ALA A 24 19.41 -17.52 59.54
C ALA A 24 18.10 -17.94 60.19
N SER A 25 17.21 -16.96 60.44
CA SER A 25 15.90 -17.16 61.07
C SER A 25 14.98 -15.98 60.76
N GLY A 26 13.68 -16.27 60.59
CA GLY A 26 12.64 -15.29 60.29
C GLY A 26 12.24 -15.19 58.83
N PHE A 27 12.76 -16.10 58.00
CA PHE A 27 12.53 -16.19 56.57
C PHE A 27 12.96 -17.58 56.06
N THR A 28 12.52 -17.94 54.86
CA THR A 28 12.86 -19.22 54.23
C THR A 28 14.26 -19.13 53.61
N PHE A 29 15.24 -19.54 54.40
CA PHE A 29 16.66 -19.52 54.07
C PHE A 29 17.00 -20.34 52.82
N SER A 30 16.47 -21.60 52.74
CA SER A 30 16.68 -22.56 51.64
C SER A 30 16.26 -22.01 50.26
N SER A 31 15.45 -20.93 50.25
CA SER A 31 14.96 -20.29 49.03
C SER A 31 15.68 -18.97 48.73
N TYR A 32 16.69 -18.62 49.53
CA TYR A 32 17.45 -17.38 49.39
C TYR A 32 18.93 -17.63 49.17
N ALA A 33 19.52 -16.94 48.18
CA ALA A 33 20.96 -17.03 47.88
C ALA A 33 21.71 -16.23 48.93
N MET A 34 22.89 -16.70 49.37
CA MET A 34 23.61 -16.03 50.46
C MET A 34 24.99 -15.52 50.10
N SER A 35 25.47 -14.50 50.86
CA SER A 35 26.76 -13.85 50.65
C SER A 35 27.56 -13.56 51.95
N TRP A 36 28.90 -13.53 51.83
CA TRP A 36 29.84 -13.18 52.89
C TRP A 36 30.61 -11.93 52.41
N VAL A 37 30.62 -10.87 53.22
CA VAL A 37 31.28 -9.60 52.88
C VAL A 37 32.04 -9.14 54.12
N ARG A 38 33.32 -8.72 53.96
CA ARG A 38 34.16 -8.30 55.08
C ARG A 38 34.54 -6.80 55.12
N GLN A 39 34.93 -6.30 56.31
CA GLN A 39 35.36 -4.92 56.50
C GLN A 39 36.57 -4.85 57.44
N ALA A 40 37.76 -4.63 56.87
CA ALA A 40 38.98 -4.51 57.65
C ALA A 40 38.89 -3.18 58.40
N PRO A 41 39.33 -3.11 59.69
CA PRO A 41 39.25 -1.83 60.45
C PRO A 41 39.16 -0.49 59.67
N GLY A 42 40.08 -0.30 58.71
CA GLY A 42 40.06 0.81 57.76
C GLY A 42 40.05 0.33 56.31
N LYS A 43 38.92 0.32 55.60
CA LYS A 43 37.59 0.77 56.03
C LYS A 43 36.51 0.02 55.27
N GLY A 44 36.92 -0.94 54.46
CA GLY A 44 36.04 -1.82 53.69
C GLY A 44 35.22 -1.09 52.66
N LEU A 45 34.23 -1.74 52.03
CA LEU A 45 33.80 -3.12 52.15
C LEU A 45 34.38 -3.97 51.00
N GLU A 46 34.44 -5.30 51.19
CA GLU A 46 34.97 -6.23 50.19
C GLU A 46 34.10 -7.48 50.11
N TRP A 47 33.73 -7.88 48.88
CA TRP A 47 32.95 -9.08 48.61
C TRP A 47 33.85 -10.30 48.85
N VAL A 48 33.38 -11.27 49.63
CA VAL A 48 34.14 -12.47 49.96
C VAL A 48 33.67 -13.65 49.11
N SER A 49 32.33 -13.91 49.09
CA SER A 49 31.76 -15.04 48.37
C SER A 49 30.25 -14.99 48.33
N THR A 50 29.66 -15.67 47.29
CA THR A 50 28.22 -15.83 47.09
C THR A 50 27.90 -17.31 46.84
N ILE A 51 26.77 -17.78 47.38
CA ILE A 51 26.27 -19.15 47.25
C ILE A 51 24.81 -19.11 46.79
N SER A 52 24.44 -20.05 45.88
CA SER A 52 23.07 -20.23 45.35
C SER A 52 22.12 -20.73 46.46
N SER A 53 20.80 -20.52 46.32
CA SER A 53 19.80 -20.97 47.30
C SER A 53 19.91 -22.46 47.66
N GLY A 54 20.16 -23.29 46.64
CA GLY A 54 20.34 -24.74 46.78
C GLY A 54 21.71 -25.13 47.31
N GLY A 55 22.73 -24.33 47.00
CA GLY A 55 24.12 -24.54 47.41
C GLY A 55 25.05 -25.02 46.31
N SER A 56 24.48 -25.46 45.18
CA SER A 56 25.18 -25.99 44.01
C SER A 56 26.17 -24.99 43.36
N TYR A 57 25.87 -23.68 43.42
CA TYR A 57 26.66 -22.63 42.77
C TYR A 57 27.32 -21.68 43.74
N THR A 58 28.65 -21.43 43.53
CA THR A 58 29.49 -20.56 44.38
C THR A 58 30.47 -19.73 43.52
N SER A 59 30.62 -18.44 43.83
CA SER A 59 31.56 -17.54 43.16
C SER A 59 32.40 -16.81 44.23
N TYR A 60 33.71 -16.60 43.93
CA TYR A 60 34.68 -15.98 44.85
C TYR A 60 35.60 -14.97 44.14
N PRO A 61 36.15 -13.93 44.83
CA PRO A 61 37.14 -13.06 44.18
C PRO A 61 38.51 -13.76 44.20
N ASP A 62 39.45 -13.31 43.35
CA ASP A 62 40.80 -13.89 43.29
C ASP A 62 41.58 -13.75 44.60
N SER A 63 41.19 -12.78 45.47
CA SER A 63 41.82 -12.54 46.76
C SER A 63 41.65 -13.68 47.78
N VAL A 64 40.49 -14.39 47.76
CA VAL A 64 40.21 -15.48 48.71
C VAL A 64 39.97 -16.85 48.07
N LYS A 65 39.88 -16.89 46.71
CA LYS A 65 39.63 -18.10 45.92
C LYS A 65 40.68 -19.17 46.23
N GLY A 66 40.25 -20.41 46.38
CA GLY A 66 41.14 -21.54 46.69
C GLY A 66 41.42 -21.77 48.17
N ARG A 67 41.37 -20.66 48.96
CA ARG A 67 41.60 -20.65 50.40
C ARG A 67 40.27 -20.75 51.18
N PHE A 68 39.26 -19.93 50.81
CA PHE A 68 37.96 -19.89 51.45
C PHE A 68 36.91 -20.72 50.68
N THR A 69 35.97 -21.35 51.43
CA THR A 69 34.87 -22.13 50.88
C THR A 69 33.55 -21.79 51.57
N ILE A 70 32.59 -21.26 50.79
CA ILE A 70 31.23 -20.92 51.24
C ILE A 70 30.38 -22.18 51.13
N SER A 71 29.73 -22.58 52.22
CA SER A 71 28.89 -23.76 52.23
C SER A 71 27.62 -23.48 52.99
N ARG A 72 26.62 -24.35 52.87
CA ARG A 72 25.37 -24.17 53.61
C ARG A 72 24.67 -25.49 53.87
N ASP A 73 23.96 -25.57 55.01
CA ASP A 73 23.12 -26.71 55.37
C ASP A 73 21.76 -26.13 55.64
N ASN A 74 20.93 -26.10 54.59
CA ASN A 74 19.58 -25.56 54.61
C ASN A 74 18.68 -26.17 55.70
N SER A 75 18.92 -27.45 56.07
CA SER A 75 18.20 -28.13 57.15
C SER A 75 18.55 -27.51 58.52
N LYS A 76 19.79 -27.02 58.68
CA LYS A 76 20.28 -26.38 59.90
C LYS A 76 20.04 -24.86 59.90
N ASN A 77 19.57 -24.29 58.74
CA ASN A 77 19.36 -22.85 58.50
C ASN A 77 20.65 -22.08 58.79
N THR A 78 21.79 -22.65 58.35
CA THR A 78 23.11 -22.09 58.58
C THR A 78 23.95 -21.98 57.30
N LEU A 79 24.72 -20.88 57.25
CA LEU A 79 25.67 -20.49 56.22
C LEU A 79 27.06 -20.64 56.83
N TYR A 80 27.99 -21.22 56.09
CA TYR A 80 29.35 -21.40 56.58
C TYR A 80 30.37 -20.74 55.67
N LEU A 81 31.53 -20.45 56.26
CA LEU A 81 32.70 -19.94 55.57
C LEU A 81 33.91 -20.60 56.19
N GLN A 82 34.50 -21.54 55.43
CA GLN A 82 35.71 -22.23 55.84
C GLN A 82 36.85 -21.39 55.31
N MET A 83 37.61 -20.84 56.22
CA MET A 83 38.73 -20.01 55.83
C MET A 83 39.99 -20.82 56.15
N ASN A 84 40.73 -21.23 55.11
CA ASN A 84 41.98 -21.99 55.26
C ASN A 84 43.11 -21.17 54.69
N SER A 85 44.37 -21.50 55.03
CA SER A 85 45.58 -20.81 54.56
C SER A 85 45.46 -19.29 54.80
N LEU A 86 45.03 -18.93 56.03
CA LEU A 86 44.79 -17.55 56.44
C LEU A 86 46.02 -16.64 56.43
N ARG A 87 45.82 -15.41 55.96
CA ARG A 87 46.83 -14.37 55.86
C ARG A 87 46.40 -13.21 56.73
N ALA A 88 47.36 -12.38 57.17
CA ALA A 88 47.10 -11.20 57.99
C ALA A 88 46.10 -10.27 57.32
N GLU A 89 46.16 -10.15 55.97
CA GLU A 89 45.30 -9.31 55.12
C GLU A 89 43.80 -9.72 55.20
N ASP A 90 43.49 -10.90 55.80
CA ASP A 90 42.13 -11.40 55.99
C ASP A 90 41.54 -10.92 57.34
N THR A 91 42.26 -10.05 58.09
CA THR A 91 41.76 -9.50 59.37
C THR A 91 40.65 -8.51 59.03
N ALA A 92 39.42 -8.80 59.48
CA ALA A 92 38.23 -7.97 59.21
C ALA A 92 37.05 -8.43 60.04
N VAL A 93 36.00 -7.59 60.05
CA VAL A 93 34.69 -7.94 60.59
C VAL A 93 34.01 -8.64 59.41
N TYR A 94 33.57 -9.89 59.60
CA TYR A 94 32.91 -10.68 58.56
C TYR A 94 31.40 -10.73 58.70
N TYR A 95 30.70 -10.19 57.69
CA TYR A 95 29.24 -10.15 57.64
C TYR A 95 28.66 -11.20 56.70
N CYS A 96 27.52 -11.76 57.08
CA CYS A 96 26.72 -12.64 56.23
C CYS A 96 25.46 -11.86 55.86
N ALA A 97 25.01 -11.99 54.61
CA ALA A 97 23.86 -11.25 54.11
C ALA A 97 23.07 -12.03 53.07
N LYS A 98 21.80 -11.65 52.91
CA LYS A 98 20.91 -12.22 51.91
C LYS A 98 21.30 -11.64 50.55
N GLN A 99 21.34 -12.49 49.54
CA GLN A 99 21.72 -12.08 48.20
C GLN A 99 20.54 -12.11 47.24
N ASP A 100 20.17 -10.93 46.76
CA ASP A 100 19.14 -10.71 45.76
C ASP A 100 19.90 -9.97 44.65
N TYR A 101 19.49 -8.76 44.23
CA TYR A 101 20.25 -8.01 43.23
C TYR A 101 21.47 -7.45 43.94
N ALA A 102 21.31 -7.15 45.23
CA ALA A 102 22.32 -6.65 46.14
C ALA A 102 22.09 -7.30 47.51
N MET A 103 23.03 -7.10 48.46
CA MET A 103 22.90 -7.67 49.80
C MET A 103 21.85 -6.90 50.59
N ASN A 104 20.62 -7.42 50.61
CA ASN A 104 19.53 -6.86 51.40
C ASN A 104 19.54 -7.66 52.70
N TYR A 105 19.54 -6.96 53.83
CA TYR A 105 19.68 -7.56 55.17
C TYR A 105 21.04 -8.18 55.46
N TRP A 106 21.81 -7.49 56.32
CA TRP A 106 23.13 -7.90 56.75
C TRP A 106 23.13 -8.22 58.25
N GLY A 107 23.92 -9.23 58.62
CA GLY A 107 24.10 -9.60 60.02
C GLY A 107 25.10 -8.66 60.67
N GLN A 108 25.04 -8.49 62.00
CA GLN A 108 25.95 -7.57 62.68
C GLN A 108 27.46 -7.82 62.54
N GLY A 109 27.84 -9.06 62.15
CA GLY A 109 29.21 -9.47 61.90
C GLY A 109 29.95 -10.17 63.02
N THR A 110 31.17 -10.63 62.71
CA THR A 110 32.12 -11.33 63.58
C THR A 110 33.55 -10.94 63.22
N LEU A 111 34.33 -10.53 64.21
CA LEU A 111 35.70 -10.12 63.94
C LEU A 111 36.69 -11.28 63.92
N VAL A 112 37.43 -11.41 62.80
CA VAL A 112 38.46 -12.42 62.58
C VAL A 112 39.75 -11.67 62.59
N THR A 113 40.69 -12.08 63.47
CA THR A 113 42.02 -11.48 63.63
C THR A 113 43.08 -12.52 63.23
N VAL A 114 43.85 -12.21 62.18
CA VAL A 114 44.93 -13.10 61.71
C VAL A 114 46.24 -12.42 62.02
N SER A 115 46.98 -12.98 63.01
CA SER A 115 48.26 -12.46 63.52
C SER A 115 49.02 -13.55 64.21
N SER A 116 50.35 -13.39 64.32
CA SER A 116 51.23 -14.31 65.04
C SER A 116 51.36 -13.89 66.50
N ALA A 117 50.96 -12.64 66.81
CA ALA A 117 50.97 -12.08 68.16
C ALA A 117 50.02 -12.84 69.08
N SER A 118 50.54 -13.34 70.20
CA SER A 118 49.81 -14.07 71.24
C SER A 118 48.76 -13.19 71.93
N THR A 119 47.71 -13.85 72.48
CA THR A 119 46.66 -13.21 73.25
C THR A 119 47.29 -12.64 74.52
N LYS A 120 47.12 -11.31 74.76
CA LYS A 120 47.64 -10.61 75.93
C LYS A 120 46.56 -9.71 76.57
N GLY A 121 46.48 -9.75 77.90
CA GLY A 121 45.57 -8.91 78.67
C GLY A 121 46.11 -7.50 78.82
N PRO A 122 45.27 -6.46 78.99
CA PRO A 122 45.81 -5.08 79.09
C PRO A 122 46.50 -4.72 80.39
N SER A 123 47.31 -3.68 80.32
CA SER A 123 47.95 -3.07 81.49
C SER A 123 47.19 -1.75 81.63
N VAL A 124 46.44 -1.58 82.72
CA VAL A 124 45.66 -0.37 82.92
C VAL A 124 46.40 0.57 83.87
N PHE A 125 46.69 1.79 83.38
CA PHE A 125 47.40 2.84 84.11
C PHE A 125 46.51 4.07 84.20
N PRO A 126 46.54 4.85 85.31
CA PRO A 126 45.66 6.02 85.40
C PRO A 126 46.12 7.23 84.59
N LEU A 127 45.20 8.15 84.36
CA LEU A 127 45.46 9.45 83.75
C LEU A 127 44.93 10.40 84.80
N ALA A 128 45.79 10.69 85.77
CA ALA A 128 45.50 11.49 86.96
C ALA A 128 45.15 12.95 86.69
N PRO A 129 44.05 13.44 87.33
CA PRO A 129 43.65 14.85 87.14
C PRO A 129 44.58 15.86 87.79
N SER A 130 44.70 17.03 87.13
CA SER A 130 45.52 18.18 87.46
C SER A 130 44.86 19.08 88.51
N GLY A 137 37.27 24.85 87.72
CA GLY A 137 36.22 24.62 86.74
C GLY A 137 36.00 23.15 86.46
N THR A 138 36.36 22.70 85.24
CA THR A 138 36.25 21.28 84.83
C THR A 138 37.64 20.60 84.86
N ALA A 139 37.67 19.33 85.22
CA ALA A 139 38.89 18.54 85.30
C ALA A 139 38.75 17.29 84.45
N ALA A 140 39.82 16.87 83.78
CA ALA A 140 39.80 15.67 82.99
C ALA A 140 40.57 14.59 83.70
N LEU A 141 40.03 13.39 83.65
CA LEU A 141 40.49 12.16 84.32
C LEU A 141 40.37 11.02 83.29
N GLY A 142 41.15 9.94 83.46
CA GLY A 142 41.06 8.80 82.56
C GLY A 142 41.87 7.57 82.90
N CYS A 143 41.78 6.55 82.04
CA CYS A 143 42.51 5.28 82.14
C CYS A 143 43.22 5.00 80.82
N LEU A 144 44.48 4.58 80.89
CA LEU A 144 45.22 4.19 79.72
C LEU A 144 45.25 2.66 79.70
N VAL A 145 44.55 2.07 78.72
CA VAL A 145 44.43 0.62 78.52
C VAL A 145 45.48 0.27 77.47
N LYS A 146 46.65 -0.11 77.94
CA LYS A 146 47.81 -0.36 77.11
C LYS A 146 48.15 -1.84 76.97
N ASP A 147 48.70 -2.21 75.79
CA ASP A 147 49.21 -3.53 75.44
C ASP A 147 48.25 -4.68 75.64
N TYR A 148 47.29 -4.80 74.75
CA TYR A 148 46.33 -5.90 74.77
C TYR A 148 46.12 -6.42 73.35
N PHE A 149 45.89 -7.71 73.22
CA PHE A 149 45.66 -8.32 71.93
C PHE A 149 44.85 -9.60 72.08
N PRO A 150 43.82 -9.83 71.22
CA PRO A 150 43.33 -8.96 70.14
C PRO A 150 42.23 -8.02 70.63
N GLU A 151 41.46 -7.40 69.71
CA GLU A 151 40.35 -6.56 70.08
C GLU A 151 39.13 -7.46 70.36
N PRO A 152 38.13 -7.03 71.14
CA PRO A 152 37.95 -5.72 71.74
C PRO A 152 38.14 -5.71 73.26
N VAL A 153 38.06 -4.52 73.82
CA VAL A 153 38.10 -4.28 75.23
C VAL A 153 36.92 -3.35 75.50
N THR A 154 36.28 -3.49 76.66
CA THR A 154 35.14 -2.66 77.03
C THR A 154 35.51 -1.88 78.25
N VAL A 155 35.32 -0.54 78.18
CA VAL A 155 35.64 0.33 79.31
C VAL A 155 34.38 1.02 79.82
N SER A 156 34.11 0.87 81.12
CA SER A 156 32.99 1.46 81.87
C SER A 156 33.55 2.35 83.00
N TRP A 157 32.73 3.26 83.55
CA TRP A 157 33.14 4.14 84.64
C TRP A 157 32.18 4.03 85.82
N ASN A 158 32.73 3.67 87.00
CA ASN A 158 32.01 3.47 88.26
C ASN A 158 30.91 2.40 88.13
N SER A 159 31.26 1.26 87.48
CA SER A 159 30.37 0.12 87.20
C SER A 159 29.11 0.53 86.41
N GLY A 160 29.31 1.35 85.39
CA GLY A 160 28.25 1.84 84.52
C GLY A 160 27.56 3.10 85.00
N ALA A 161 27.70 3.45 86.29
CA ALA A 161 27.08 4.61 86.94
C ALA A 161 27.49 5.93 86.28
N LEU A 162 28.80 6.12 86.03
CA LEU A 162 29.32 7.32 85.36
C LEU A 162 29.38 7.04 83.87
N THR A 163 28.72 7.90 83.10
CA THR A 163 28.65 7.77 81.66
C THR A 163 28.64 9.10 80.92
N SER A 164 28.20 10.19 81.58
CA SER A 164 28.17 11.50 80.97
C SER A 164 29.56 12.11 80.95
N GLY A 165 30.01 12.46 79.74
CA GLY A 165 31.33 13.05 79.50
C GLY A 165 32.44 12.03 79.28
N VAL A 166 32.07 10.74 79.18
CA VAL A 166 33.01 9.64 78.95
C VAL A 166 33.29 9.55 77.48
N HIS A 167 34.58 9.48 77.11
CA HIS A 167 35.04 9.33 75.74
C HIS A 167 36.01 8.17 75.67
N THR A 168 35.54 6.99 75.23
CA THR A 168 36.42 5.85 75.04
C THR A 168 36.85 5.94 73.59
N PHE A 169 38.13 6.22 73.39
CA PHE A 169 38.73 6.40 72.07
C PHE A 169 38.97 5.10 71.36
N PRO A 170 38.78 5.05 70.02
CA PRO A 170 39.07 3.80 69.29
C PRO A 170 40.48 3.33 69.54
N ALA A 171 40.68 2.01 69.66
CA ALA A 171 42.01 1.45 69.87
C ALA A 171 42.91 1.70 68.67
N VAL A 172 44.17 2.06 68.93
CA VAL A 172 45.18 2.31 67.91
C VAL A 172 46.20 1.19 68.02
N LEU A 173 46.46 0.50 66.90
CA LEU A 173 47.41 -0.60 66.87
C LEU A 173 48.81 -0.02 66.84
N GLN A 174 49.56 -0.26 67.93
CA GLN A 174 50.93 0.21 68.18
C GLN A 174 51.94 -0.51 67.30
N SER A 175 53.19 0.00 67.25
CA SER A 175 54.30 -0.58 66.47
C SER A 175 54.62 -2.04 66.88
N SER A 176 54.42 -2.36 68.17
CA SER A 176 54.61 -3.67 68.81
C SER A 176 53.66 -4.76 68.26
N GLY A 177 52.54 -4.35 67.69
CA GLY A 177 51.54 -5.27 67.17
C GLY A 177 50.42 -5.47 68.18
N LEU A 178 50.49 -4.73 69.30
CA LEU A 178 49.51 -4.76 70.39
C LEU A 178 48.66 -3.50 70.30
N TYR A 179 47.43 -3.58 70.80
CA TYR A 179 46.50 -2.45 70.80
C TYR A 179 46.66 -1.65 72.07
N SER A 180 46.23 -0.39 72.03
CA SER A 180 46.25 0.55 73.14
C SER A 180 45.20 1.63 72.95
N LEU A 181 44.48 1.93 74.03
CA LEU A 181 43.47 2.97 74.02
C LEU A 181 43.42 3.74 75.32
N SER A 182 42.68 4.84 75.30
CA SER A 182 42.44 5.72 76.43
C SER A 182 40.96 5.98 76.58
N SER A 183 40.49 6.00 77.81
CA SER A 183 39.12 6.31 78.17
C SER A 183 39.20 7.46 79.17
N VAL A 184 38.68 8.62 78.79
CA VAL A 184 38.75 9.81 79.63
C VAL A 184 37.36 10.25 80.11
N VAL A 185 37.31 10.99 81.22
CA VAL A 185 36.07 11.53 81.76
C VAL A 185 36.27 12.96 82.28
N THR A 186 35.38 13.86 81.87
CA THR A 186 35.37 15.25 82.25
C THR A 186 34.39 15.38 83.42
N VAL A 187 34.91 15.82 84.58
CA VAL A 187 34.16 15.96 85.84
C VAL A 187 34.47 17.31 86.50
N PRO A 188 33.54 17.90 87.30
CA PRO A 188 33.86 19.16 87.98
C PRO A 188 34.98 18.98 89.01
N SER A 189 35.86 20.00 89.13
CA SER A 189 37.03 20.02 90.00
C SER A 189 36.73 19.67 91.46
N SER A 190 35.62 20.19 91.99
CA SER A 190 35.14 20.01 93.36
C SER A 190 34.93 18.54 93.74
N SER A 191 34.40 17.71 92.81
CA SER A 191 34.13 16.28 93.04
C SER A 191 35.37 15.47 93.39
N LEU A 192 36.54 15.89 92.88
CA LEU A 192 37.81 15.23 93.20
C LEU A 192 38.06 15.27 94.73
N GLY A 193 38.87 14.34 95.22
CA GLY A 193 39.15 14.22 96.65
C GLY A 193 38.04 13.44 97.34
N THR A 194 36.80 13.67 96.90
CA THR A 194 35.59 13.02 97.42
C THR A 194 35.03 11.95 96.48
N GLN A 195 34.44 12.34 95.32
CA GLN A 195 33.90 11.38 94.36
C GLN A 195 35.00 10.44 93.89
N THR A 196 34.82 9.14 94.16
CA THR A 196 35.81 8.13 93.76
C THR A 196 35.49 7.62 92.36
N TYR A 197 36.47 7.76 91.46
CA TYR A 197 36.35 7.39 90.04
C TYR A 197 37.14 6.13 89.70
N ILE A 198 36.44 5.10 89.19
CA ILE A 198 37.02 3.81 88.85
C ILE A 198 36.65 3.43 87.42
N CYS A 199 37.66 3.05 86.61
CA CYS A 199 37.42 2.56 85.26
C CYS A 199 37.35 1.05 85.33
N ASN A 200 36.29 0.48 84.76
CA ASN A 200 36.03 -0.95 84.72
C ASN A 200 36.33 -1.44 83.30
N VAL A 201 37.50 -2.04 83.15
CA VAL A 201 38.05 -2.56 81.90
C VAL A 201 37.80 -4.07 81.84
N ASN A 202 37.26 -4.54 80.72
CA ASN A 202 37.01 -5.97 80.53
C ASN A 202 37.52 -6.37 79.16
N HIS A 203 38.50 -7.27 79.17
CA HIS A 203 39.08 -7.81 77.97
C HIS A 203 38.67 -9.26 77.87
N LYS A 204 37.54 -9.49 77.17
CA LYS A 204 36.99 -10.83 76.98
C LYS A 204 37.96 -11.78 76.26
N PRO A 205 38.68 -11.37 75.17
CA PRO A 205 39.56 -12.34 74.49
C PRO A 205 40.70 -12.93 75.31
N SER A 206 40.84 -12.49 76.57
CA SER A 206 41.91 -12.89 77.48
C SER A 206 41.41 -13.21 78.91
N ASN A 207 40.05 -13.22 79.10
CA ASN A 207 39.37 -13.49 80.38
C ASN A 207 39.92 -12.63 81.54
N THR A 208 40.30 -11.40 81.20
CA THR A 208 40.88 -10.41 82.10
C THR A 208 39.94 -9.22 82.30
N LYS A 209 39.63 -8.97 83.59
CA LYS A 209 38.80 -7.88 84.07
C LYS A 209 39.67 -7.07 85.01
N VAL A 210 39.72 -5.75 84.80
CA VAL A 210 40.56 -4.84 85.60
C VAL A 210 39.74 -3.61 86.06
N ASP A 211 39.70 -3.39 87.38
CA ASP A 211 39.07 -2.22 87.97
C ASP A 211 40.23 -1.36 88.47
N LYS A 212 40.34 -0.11 87.97
CA LYS A 212 41.42 0.82 88.35
C LYS A 212 40.85 2.10 88.94
N LYS A 213 41.37 2.49 90.11
CA LYS A 213 41.00 3.70 90.83
C LYS A 213 41.92 4.82 90.34
N VAL A 214 41.34 5.89 89.79
CA VAL A 214 42.07 7.07 89.33
C VAL A 214 41.83 8.19 90.35
N GLU A 215 42.92 8.69 90.95
CA GLU A 215 42.85 9.75 91.95
C GLU A 215 44.01 10.74 91.80
N PRO A 216 43.93 12.00 92.32
CA PRO A 216 45.08 12.92 92.19
C PRO A 216 46.22 12.57 93.14
N ILE B 2 38.22 -2.92 37.39
CA ILE B 2 36.93 -3.30 37.94
C ILE B 2 36.42 -2.25 38.99
N GLN B 3 37.23 -1.20 39.28
CA GLN B 3 37.05 -0.08 40.24
C GLN B 3 35.72 0.70 40.31
N MET B 4 35.46 1.34 41.47
CA MET B 4 34.30 2.21 41.75
C MET B 4 34.81 3.39 42.56
N THR B 5 34.92 4.58 41.92
CA THR B 5 35.46 5.82 42.51
C THR B 5 34.36 6.69 43.09
N GLN B 6 34.44 6.94 44.40
CA GLN B 6 33.44 7.75 45.06
C GLN B 6 33.76 9.21 45.19
N SER B 7 32.72 10.05 44.99
CA SER B 7 32.69 11.51 45.06
C SER B 7 33.10 11.99 46.44
N PRO B 8 33.43 13.29 46.66
CA PRO B 8 33.86 13.75 47.98
C PRO B 8 33.78 12.79 49.16
N SER B 9 34.97 12.25 49.50
CA SER B 9 35.34 11.33 50.56
C SER B 9 34.58 11.59 51.85
N SER B 10 34.27 12.88 52.10
CA SER B 10 33.55 13.37 53.26
C SER B 10 32.75 14.61 52.88
N LEU B 11 31.70 14.93 53.68
CA LEU B 11 30.84 16.11 53.50
C LEU B 11 30.14 16.53 54.79
N SER B 12 30.06 17.85 55.05
CA SER B 12 29.40 18.41 56.23
C SER B 12 28.12 19.08 55.80
N ALA B 13 27.01 18.77 56.48
CA ALA B 13 25.72 19.40 56.20
C ALA B 13 24.79 19.38 57.41
N SER B 14 23.74 20.22 57.38
CA SER B 14 22.77 20.28 58.46
C SER B 14 21.43 19.71 57.99
N VAL B 15 20.45 19.53 58.91
CA VAL B 15 19.12 19.00 58.56
C VAL B 15 18.44 19.85 57.50
N GLY B 16 17.79 19.17 56.55
CA GLY B 16 17.07 19.80 55.46
C GLY B 16 17.89 19.98 54.20
N ASP B 17 19.23 20.13 54.34
CA ASP B 17 20.13 20.32 53.19
C ASP B 17 20.00 19.18 52.18
N ARG B 18 19.96 19.52 50.88
CA ARG B 18 19.87 18.56 49.78
C ARG B 18 21.30 18.09 49.42
N VAL B 19 21.59 16.79 49.62
CA VAL B 19 22.92 16.25 49.33
C VAL B 19 23.03 15.32 48.13
N THR B 20 24.12 15.50 47.35
CA THR B 20 24.41 14.79 46.10
C THR B 20 25.72 14.03 46.17
N ILE B 21 25.61 12.69 46.19
CA ILE B 21 26.75 11.79 46.26
C ILE B 21 26.83 11.02 44.95
N THR B 22 27.96 11.12 44.25
CA THR B 22 28.17 10.43 42.98
C THR B 22 29.13 9.23 43.12
N CYS B 23 29.24 8.38 42.07
CA CYS B 23 30.10 7.20 42.04
C CYS B 23 30.38 6.86 40.57
N LYS B 24 31.69 6.79 40.17
CA LYS B 24 32.09 6.52 38.78
C LYS B 24 32.73 5.12 38.63
N ALA B 25 32.33 4.38 37.59
CA ALA B 25 32.84 3.06 37.27
C ALA B 25 33.93 3.11 36.19
N SER B 26 34.98 2.27 36.35
CA SER B 26 36.10 2.14 35.39
C SER B 26 35.71 1.50 34.02
N GLN B 27 34.49 0.91 33.92
CA GLN B 27 33.92 0.26 32.72
C GLN B 27 32.37 0.46 32.71
N ASP B 28 31.69 0.16 31.58
CA ASP B 28 30.23 0.26 31.48
C ASP B 28 29.57 -0.83 32.35
N VAL B 29 28.69 -0.41 33.31
CA VAL B 29 28.01 -1.32 34.23
C VAL B 29 26.47 -1.22 34.22
N SER B 30 25.89 -0.89 33.05
CA SER B 30 24.45 -0.74 32.86
C SER B 30 23.78 -0.10 34.11
N THR B 31 22.71 -0.71 34.63
CA THR B 31 22.03 -0.17 35.81
C THR B 31 22.23 -1.11 37.03
N ALA B 32 23.42 -1.70 37.16
CA ALA B 32 23.67 -2.61 38.27
C ALA B 32 24.50 -1.96 39.37
N VAL B 33 23.94 -0.94 40.01
CA VAL B 33 24.59 -0.20 41.08
C VAL B 33 23.71 -0.23 42.33
N ALA B 34 24.34 -0.41 43.51
CA ALA B 34 23.64 -0.45 44.78
C ALA B 34 24.23 0.54 45.78
N TRP B 35 23.35 1.25 46.47
CA TRP B 35 23.78 2.18 47.49
C TRP B 35 23.42 1.60 48.83
N TYR B 36 24.35 1.75 49.80
CA TYR B 36 24.25 1.26 51.20
C TYR B 36 24.49 2.39 52.18
N GLN B 37 23.98 2.23 53.40
CA GLN B 37 24.18 3.19 54.48
C GLN B 37 24.74 2.42 55.69
N GLN B 38 25.92 2.83 56.19
CA GLN B 38 26.54 2.21 57.34
C GLN B 38 26.82 3.25 58.42
N LYS B 39 26.49 2.91 59.67
CA LYS B 39 26.72 3.76 60.84
C LYS B 39 27.81 3.15 61.74
N PRO B 40 28.65 4.00 62.40
CA PRO B 40 29.71 3.47 63.28
C PRO B 40 29.29 2.37 64.26
N GLY B 41 29.94 1.21 64.11
CA GLY B 41 29.70 0.05 64.95
C GLY B 41 28.59 -0.87 64.47
N LYS B 42 27.96 -0.53 63.33
CA LYS B 42 26.85 -1.31 62.77
C LYS B 42 27.09 -1.79 61.34
N ALA B 43 26.42 -2.89 60.96
CA ALA B 43 26.45 -3.53 59.64
C ALA B 43 25.74 -2.64 58.63
N PRO B 44 26.12 -2.64 57.34
CA PRO B 44 25.43 -1.79 56.36
C PRO B 44 23.98 -2.20 56.03
N LYS B 45 23.17 -1.21 55.65
CA LYS B 45 21.74 -1.38 55.28
C LYS B 45 21.55 -1.01 53.83
N LEU B 46 20.76 -1.82 53.07
CA LEU B 46 20.48 -1.55 51.65
C LEU B 46 19.54 -0.35 51.48
N LEU B 47 19.91 0.57 50.56
CA LEU B 47 19.13 1.75 50.22
C LEU B 47 18.46 1.59 48.87
N ILE B 48 19.30 1.45 47.82
CA ILE B 48 18.98 1.39 46.38
C ILE B 48 19.67 0.18 45.69
N TYR B 49 18.96 -0.46 44.75
CA TYR B 49 19.47 -1.55 43.92
C TYR B 49 19.07 -1.29 42.47
N SER B 50 19.70 -1.99 41.52
CA SER B 50 19.45 -1.83 40.07
C SER B 50 19.44 -0.33 39.63
N ALA B 51 20.36 0.45 40.25
CA ALA B 51 20.64 1.89 40.11
C ALA B 51 19.61 2.86 40.66
N SER B 52 18.30 2.56 40.52
CA SER B 52 17.20 3.45 40.93
C SER B 52 16.15 2.85 41.87
N TYR B 53 16.06 1.51 41.92
CA TYR B 53 15.07 0.80 42.72
C TYR B 53 15.33 0.88 44.20
N ARG B 54 14.42 1.55 44.93
CA ARG B 54 14.48 1.69 46.38
C ARG B 54 14.03 0.38 47.02
N TYR B 55 14.73 -0.01 48.11
CA TYR B 55 14.39 -1.22 48.86
C TYR B 55 13.22 -0.90 49.83
N THR B 56 12.48 -1.94 50.25
CA THR B 56 11.36 -1.84 51.20
C THR B 56 11.80 -1.16 52.50
N GLY B 57 10.99 -0.22 52.98
CA GLY B 57 11.28 0.50 54.22
C GLY B 57 12.09 1.78 54.04
N VAL B 58 12.92 1.85 52.97
CA VAL B 58 13.78 3.00 52.68
C VAL B 58 12.92 4.25 52.41
N PRO B 59 13.16 5.37 53.15
CA PRO B 59 12.36 6.59 52.95
C PRO B 59 12.50 7.18 51.54
N SER B 60 11.40 7.77 51.06
CA SER B 60 11.23 8.41 49.75
C SER B 60 12.28 9.50 49.43
N ARG B 61 12.84 10.14 50.48
CA ARG B 61 13.85 11.20 50.40
C ARG B 61 15.22 10.78 49.83
N PHE B 62 15.43 9.45 49.65
CA PHE B 62 16.63 8.83 49.10
C PHE B 62 16.35 8.40 47.65
N SER B 63 17.22 8.76 46.68
CA SER B 63 16.99 8.36 45.28
C SER B 63 18.22 8.25 44.38
N GLY B 64 18.33 7.09 43.77
CA GLY B 64 19.42 6.77 42.86
C GLY B 64 19.06 6.98 41.42
N SER B 65 20.04 7.42 40.61
CA SER B 65 19.92 7.68 39.18
C SER B 65 21.25 7.46 38.47
N GLY B 66 21.19 6.92 37.26
CA GLY B 66 22.37 6.66 36.44
C GLY B 66 22.21 5.46 35.51
N SER B 67 23.20 5.29 34.62
CA SER B 67 23.37 4.23 33.61
C SER B 67 24.76 4.38 33.00
N GLY B 68 25.41 3.24 32.79
CA GLY B 68 26.73 3.18 32.19
C GLY B 68 27.91 3.37 33.12
N THR B 69 28.31 4.62 33.34
CA THR B 69 29.48 4.90 34.17
C THR B 69 29.21 5.89 35.32
N ASP B 70 28.43 6.95 35.06
CA ASP B 70 28.15 7.95 36.10
C ASP B 70 26.80 7.72 36.79
N PHE B 71 26.88 7.37 38.10
CA PHE B 71 25.73 7.12 38.96
C PHE B 71 25.75 8.09 40.12
N THR B 72 24.56 8.41 40.67
CA THR B 72 24.39 9.36 41.77
C THR B 72 23.34 8.86 42.77
N LEU B 73 23.54 9.18 44.05
CA LEU B 73 22.59 8.98 45.13
C LEU B 73 22.18 10.37 45.54
N THR B 74 20.89 10.57 45.77
CA THR B 74 20.39 11.89 46.13
C THR B 74 19.56 11.89 47.41
N ILE B 75 19.97 12.73 48.40
CA ILE B 75 19.21 12.94 49.64
C ILE B 75 18.57 14.34 49.58
N SER B 76 17.29 14.38 49.14
CA SER B 76 16.47 15.57 48.95
C SER B 76 16.39 16.49 50.17
N SER B 77 16.22 15.90 51.39
CA SER B 77 16.15 16.63 52.66
C SER B 77 16.67 15.78 53.83
N LEU B 78 17.98 15.95 54.14
CA LEU B 78 18.69 15.26 55.21
C LEU B 78 17.95 15.27 56.54
N ASN B 79 17.91 14.12 57.20
CA ASN B 79 17.29 13.94 58.50
C ASN B 79 18.33 13.55 59.56
N PRO B 80 18.11 13.82 60.89
CA PRO B 80 19.14 13.47 61.89
C PRO B 80 19.75 12.06 61.77
N GLU B 81 18.91 11.06 61.44
CA GLU B 81 19.33 9.67 61.28
C GLU B 81 20.03 9.39 59.94
N ASP B 82 20.18 10.41 59.07
CA ASP B 82 20.85 10.23 57.79
C ASP B 82 22.35 10.42 57.82
N PHE B 83 22.89 11.00 58.90
CA PHE B 83 24.33 11.21 59.07
C PHE B 83 25.00 9.89 59.35
N ALA B 84 25.67 9.38 58.30
CA ALA B 84 26.36 8.10 58.24
C ALA B 84 27.33 8.10 57.05
N THR B 85 27.93 6.92 56.75
CA THR B 85 28.83 6.70 55.61
C THR B 85 27.99 6.04 54.52
N TYR B 86 28.19 6.46 53.27
CA TYR B 86 27.44 5.93 52.15
C TYR B 86 28.37 5.24 51.17
N TYR B 87 28.03 4.01 50.76
CA TYR B 87 28.85 3.23 49.83
C TYR B 87 28.08 2.85 48.56
N CYS B 88 28.74 2.91 47.40
CA CYS B 88 28.23 2.47 46.11
C CYS B 88 28.89 1.11 45.83
N GLN B 89 28.30 0.31 44.93
CA GLN B 89 28.76 -1.03 44.56
C GLN B 89 28.32 -1.32 43.11
N GLN B 90 28.82 -2.42 42.52
CA GLN B 90 28.44 -2.85 41.19
C GLN B 90 28.07 -4.32 41.11
N HIS B 91 26.75 -4.61 41.03
CA HIS B 91 26.24 -5.97 40.85
C HIS B 91 26.12 -6.33 39.37
N TYR B 92 27.13 -5.92 38.56
CA TYR B 92 27.18 -6.14 37.12
C TYR B 92 27.91 -7.43 36.76
N SER B 93 29.19 -7.55 37.16
CA SER B 93 30.03 -8.71 36.89
C SER B 93 31.07 -8.89 38.01
N THR B 94 31.24 -10.14 38.49
CA THR B 94 32.19 -10.48 39.55
C THR B 94 33.64 -10.32 39.07
N PRO B 95 34.60 -9.91 39.94
CA PRO B 95 34.44 -9.58 41.36
C PRO B 95 33.68 -8.27 41.58
N TRP B 96 32.69 -8.32 42.48
CA TRP B 96 31.86 -7.17 42.83
C TRP B 96 32.68 -6.20 43.65
N THR B 97 32.87 -4.99 43.12
CA THR B 97 33.69 -3.95 43.74
C THR B 97 32.85 -2.81 44.31
N PHE B 98 33.34 -2.23 45.42
CA PHE B 98 32.65 -1.16 46.14
C PHE B 98 33.33 0.21 45.99
N GLY B 99 32.60 1.25 46.38
CA GLY B 99 33.11 2.62 46.40
C GLY B 99 33.90 2.84 47.67
N GLY B 100 34.68 3.91 47.69
CA GLY B 100 35.50 4.28 48.83
C GLY B 100 34.73 4.64 50.09
N GLY B 101 33.54 5.22 49.91
CA GLY B 101 32.67 5.68 50.99
C GLY B 101 32.56 7.19 51.05
N THR B 102 31.46 7.70 51.63
CA THR B 102 31.21 9.14 51.80
C THR B 102 30.66 9.40 53.21
N LYS B 103 31.48 10.01 54.08
CA LYS B 103 31.08 10.33 55.43
C LYS B 103 30.21 11.61 55.44
N VAL B 104 28.93 11.52 55.87
CA VAL B 104 28.06 12.70 55.96
C VAL B 104 28.01 13.14 57.42
N GLU B 105 28.72 14.24 57.67
CA GLU B 105 28.90 14.87 58.96
C GLU B 105 27.80 15.89 59.21
N ILE B 106 27.41 16.05 60.48
CA ILE B 106 26.41 17.01 60.92
C ILE B 106 27.17 18.28 61.29
N LYS B 107 26.99 19.32 60.48
CA LYS B 107 27.59 20.65 60.59
C LYS B 107 26.99 21.42 61.82
N ARG B 108 27.87 22.05 62.65
CA ARG B 108 27.52 22.83 63.85
C ARG B 108 28.45 24.04 64.07
N THR B 109 28.26 24.80 65.18
CA THR B 109 29.07 26.00 65.47
C THR B 109 30.50 25.65 65.83
N VAL B 110 31.45 26.55 65.53
CA VAL B 110 32.87 26.33 65.83
C VAL B 110 33.04 26.13 67.32
N ALA B 111 33.76 25.06 67.71
CA ALA B 111 34.02 24.73 69.11
C ALA B 111 35.51 24.47 69.31
N ALA B 112 36.14 25.25 70.21
CA ALA B 112 37.55 25.15 70.56
C ALA B 112 37.78 23.93 71.47
N PRO B 113 38.93 23.22 71.41
CA PRO B 113 39.12 22.05 72.30
C PRO B 113 39.55 22.38 73.72
N SER B 114 39.22 21.49 74.66
CA SER B 114 39.67 21.61 76.05
C SER B 114 40.93 20.75 76.07
N VAL B 115 42.11 21.39 76.26
CA VAL B 115 43.41 20.71 76.22
C VAL B 115 43.91 20.30 77.60
N PHE B 116 44.25 18.99 77.74
CA PHE B 116 44.78 18.37 78.95
C PHE B 116 45.95 17.50 78.62
N ILE B 117 46.95 17.53 79.49
CA ILE B 117 48.16 16.71 79.39
C ILE B 117 48.27 15.82 80.64
N PHE B 118 48.55 14.53 80.45
CA PHE B 118 48.70 13.58 81.56
C PHE B 118 50.13 13.00 81.58
N PRO B 119 50.89 13.16 82.70
CA PRO B 119 52.25 12.58 82.77
C PRO B 119 52.18 11.05 82.90
N PRO B 120 53.25 10.29 82.58
CA PRO B 120 53.15 8.82 82.73
C PRO B 120 53.09 8.43 84.20
N SER B 121 52.36 7.36 84.50
CA SER B 121 52.20 6.88 85.87
C SER B 121 53.49 6.25 86.40
N ASP B 122 53.70 6.34 87.73
CA ASP B 122 54.85 5.74 88.39
C ASP B 122 54.79 4.22 88.23
N GLU B 123 53.56 3.65 88.27
CA GLU B 123 53.27 2.23 88.06
C GLU B 123 53.80 1.78 86.69
N GLN B 124 53.60 2.62 85.66
CA GLN B 124 54.01 2.35 84.30
C GLN B 124 55.51 2.46 84.13
N LEU B 125 56.11 3.53 84.68
CA LEU B 125 57.56 3.79 84.59
C LEU B 125 58.40 2.62 85.10
N LYS B 126 57.81 1.76 85.92
CA LYS B 126 58.43 0.56 86.47
C LYS B 126 58.74 -0.48 85.36
N SER B 127 57.97 -0.46 84.26
CA SER B 127 58.06 -1.41 83.17
C SER B 127 59.14 -1.37 82.06
N GLY B 128 59.92 -0.33 81.72
CA GLY B 128 59.92 1.07 82.03
C GLY B 128 59.75 1.80 80.71
N THR B 129 58.50 2.03 80.40
CA THR B 129 57.91 2.75 79.29
C THR B 129 57.23 3.98 79.90
N ALA B 130 57.21 5.09 79.16
CA ALA B 130 56.56 6.34 79.57
C ALA B 130 55.56 6.76 78.50
N SER B 131 54.26 6.73 78.85
CA SER B 131 53.17 7.10 77.96
C SER B 131 52.60 8.42 78.41
N VAL B 132 52.94 9.46 77.65
CA VAL B 132 52.50 10.82 77.89
C VAL B 132 51.31 11.02 77.00
N VAL B 133 50.15 11.34 77.59
CA VAL B 133 48.89 11.51 76.85
C VAL B 133 48.42 12.97 76.81
N CYS B 134 47.91 13.38 75.65
CA CYS B 134 47.31 14.70 75.45
C CYS B 134 45.90 14.53 74.96
N LEU B 135 44.97 15.27 75.57
CA LEU B 135 43.55 15.21 75.26
C LEU B 135 43.01 16.57 74.78
N LEU B 136 42.36 16.56 73.60
CA LEU B 136 41.63 17.67 72.98
C LEU B 136 40.19 17.19 73.12
N ASN B 137 39.45 17.76 74.06
CA ASN B 137 38.09 17.33 74.38
C ASN B 137 36.98 18.29 73.88
N ASN B 138 35.94 17.69 73.25
CA ASN B 138 34.75 18.33 72.74
C ASN B 138 35.02 19.56 71.87
N PHE B 139 35.40 19.34 70.60
CA PHE B 139 35.70 20.40 69.62
C PHE B 139 35.03 20.20 68.24
N TYR B 140 35.07 21.26 67.40
CA TYR B 140 34.50 21.27 66.05
C TYR B 140 35.21 22.33 65.16
N PRO B 141 35.61 22.01 63.90
CA PRO B 141 35.51 20.72 63.17
C PRO B 141 36.57 19.68 63.56
N ARG B 142 36.59 18.46 62.93
CA ARG B 142 37.59 17.45 63.31
C ARG B 142 39.05 17.80 62.98
N GLU B 143 39.24 18.87 62.17
CA GLU B 143 40.56 19.38 61.80
C GLU B 143 41.23 20.03 63.01
N ALA B 144 42.23 19.32 63.55
CA ALA B 144 43.04 19.77 64.70
C ALA B 144 44.46 19.25 64.56
N LYS B 145 45.45 20.08 64.93
CA LYS B 145 46.85 19.67 64.90
C LYS B 145 47.47 19.74 66.28
N VAL B 146 47.92 18.56 66.76
CA VAL B 146 48.60 18.39 68.04
C VAL B 146 50.07 18.11 67.77
N GLN B 147 50.96 18.94 68.36
CA GLN B 147 52.42 18.87 68.26
C GLN B 147 53.03 18.57 69.61
N TRP B 148 53.88 17.53 69.68
CA TRP B 148 54.60 17.12 70.89
C TRP B 148 55.96 17.74 70.91
N LYS B 149 56.29 18.46 71.99
CA LYS B 149 57.58 19.11 72.14
C LYS B 149 58.23 18.72 73.46
N VAL B 150 59.44 18.10 73.40
CA VAL B 150 60.22 17.71 74.59
C VAL B 150 61.48 18.54 74.63
N ASP B 151 61.61 19.42 75.64
CA ASP B 151 62.72 20.38 75.80
C ASP B 151 62.85 21.25 74.51
N ASN B 152 61.67 21.61 73.95
CA ASN B 152 61.47 22.37 72.72
C ASN B 152 61.71 21.62 71.42
N ALA B 153 62.24 20.38 71.50
CA ALA B 153 62.49 19.54 70.33
C ALA B 153 61.17 19.00 69.81
N LEU B 154 60.87 19.26 68.52
CA LEU B 154 59.67 18.80 67.85
C LEU B 154 59.73 17.29 67.72
N GLN B 155 58.67 16.60 68.17
CA GLN B 155 58.61 15.14 68.17
C GLN B 155 57.91 14.53 66.98
N SER B 156 58.58 13.55 66.36
CA SER B 156 58.08 12.81 65.21
C SER B 156 58.28 11.29 65.40
N GLY B 157 57.42 10.49 64.78
CA GLY B 157 57.47 9.04 64.80
C GLY B 157 57.19 8.29 66.10
N ASN B 158 56.89 9.00 67.18
CA ASN B 158 56.63 8.45 68.53
C ASN B 158 55.25 8.82 69.11
N SER B 159 54.35 9.33 68.24
CA SER B 159 53.01 9.77 68.57
C SER B 159 51.94 8.96 67.78
N GLN B 160 50.80 8.72 68.44
CA GLN B 160 49.64 8.03 67.87
C GLN B 160 48.36 8.71 68.34
N GLU B 161 47.57 9.19 67.36
CA GLU B 161 46.31 9.89 67.57
C GLU B 161 45.11 8.96 67.40
N SER B 162 43.98 9.34 68.02
CA SER B 162 42.72 8.62 67.97
C SER B 162 41.58 9.64 68.10
N VAL B 163 40.62 9.59 67.16
CA VAL B 163 39.49 10.52 67.17
C VAL B 163 38.15 9.79 67.35
N THR B 164 37.38 10.18 68.40
CA THR B 164 36.05 9.64 68.66
C THR B 164 35.12 9.97 67.46
N GLU B 165 34.04 9.20 67.31
CA GLU B 165 33.08 9.49 66.23
C GLU B 165 32.27 10.69 66.69
N GLN B 166 31.71 11.45 65.74
CA GLN B 166 30.95 12.67 66.07
C GLN B 166 29.90 12.41 67.16
N ASP B 167 30.08 13.07 68.32
CA ASP B 167 29.22 12.92 69.50
C ASP B 167 27.76 13.07 69.13
N SER B 168 26.93 12.15 69.62
CA SER B 168 25.49 12.13 69.31
C SER B 168 24.73 13.32 69.91
N LYS B 169 25.10 13.75 71.13
CA LYS B 169 24.45 14.86 71.84
C LYS B 169 24.81 16.25 71.27
N ASP B 170 26.11 16.63 71.26
CA ASP B 170 26.54 17.97 70.84
C ASP B 170 27.27 18.09 69.49
N SER B 171 27.34 17.00 68.71
CA SER B 171 27.96 16.95 67.37
C SER B 171 29.44 17.37 67.36
N THR B 172 30.12 17.17 68.50
CA THR B 172 31.54 17.51 68.71
C THR B 172 32.46 16.31 68.58
N TYR B 173 33.75 16.59 68.43
CA TYR B 173 34.79 15.58 68.38
C TYR B 173 35.70 15.66 69.64
N SER B 174 36.38 14.56 69.90
CA SER B 174 37.38 14.45 70.94
C SER B 174 38.56 13.69 70.34
N LEU B 175 39.80 14.10 70.70
CA LEU B 175 41.03 13.55 70.19
C LEU B 175 41.96 13.21 71.36
N SER B 176 42.69 12.11 71.19
CA SER B 176 43.71 11.61 72.13
C SER B 176 45.00 11.38 71.34
N SER B 177 46.09 12.04 71.74
CA SER B 177 47.41 11.86 71.15
C SER B 177 48.28 11.26 72.25
N THR B 178 49.03 10.20 71.93
CA THR B 178 49.87 9.52 72.92
C THR B 178 51.34 9.47 72.51
N LEU B 179 52.22 10.06 73.34
CA LEU B 179 53.66 10.08 73.14
C LEU B 179 54.29 8.89 73.89
N THR B 180 54.94 7.99 73.13
CA THR B 180 55.60 6.83 73.70
C THR B 180 57.13 7.00 73.70
N LEU B 181 57.68 7.04 74.91
CA LEU B 181 59.09 7.18 75.18
C LEU B 181 59.53 6.10 76.18
N SER B 182 60.83 5.73 76.15
CA SER B 182 61.38 4.74 77.10
C SER B 182 61.68 5.46 78.42
N LYS B 183 61.78 4.73 79.54
CA LYS B 183 62.09 5.34 80.82
C LYS B 183 63.39 6.13 80.70
N ALA B 184 64.40 5.58 79.99
CA ALA B 184 65.71 6.21 79.76
C ALA B 184 65.59 7.59 79.07
N ASP B 185 64.91 7.65 77.90
CA ASP B 185 64.71 8.88 77.14
C ASP B 185 63.85 9.87 77.91
N TYR B 186 62.79 9.36 78.56
CA TYR B 186 61.88 10.15 79.37
C TYR B 186 62.65 10.88 80.47
N GLU B 187 63.50 10.16 81.19
CA GLU B 187 64.31 10.69 82.30
C GLU B 187 65.48 11.59 81.87
N LYS B 188 65.75 11.62 80.57
CA LYS B 188 66.81 12.38 79.91
C LYS B 188 66.40 13.87 79.62
N HIS B 189 65.10 14.21 79.74
CA HIS B 189 64.53 15.54 79.46
C HIS B 189 63.55 16.05 80.54
N LYS B 190 63.35 17.38 80.63
CA LYS B 190 62.49 18.01 81.64
C LYS B 190 61.08 18.40 81.20
N VAL B 191 60.95 19.42 80.33
CA VAL B 191 59.63 19.93 79.86
C VAL B 191 59.00 19.04 78.81
N TYR B 192 57.73 18.65 79.05
CA TYR B 192 56.91 17.83 78.17
C TYR B 192 55.67 18.63 77.82
N ALA B 193 55.62 19.14 76.59
CA ALA B 193 54.55 20.01 76.10
C ALA B 193 53.75 19.46 74.95
N CYS B 194 52.45 19.78 74.96
CA CYS B 194 51.47 19.44 73.94
C CYS B 194 50.89 20.76 73.39
N GLU B 195 51.24 21.12 72.15
CA GLU B 195 50.76 22.35 71.52
C GLU B 195 49.61 22.01 70.58
N VAL B 196 48.50 22.73 70.74
CA VAL B 196 47.26 22.50 69.98
C VAL B 196 46.87 23.67 69.05
N THR B 197 46.67 23.37 67.75
CA THR B 197 46.24 24.32 66.72
C THR B 197 44.82 23.95 66.25
N HIS B 198 43.89 24.90 66.41
CA HIS B 198 42.49 24.75 66.04
C HIS B 198 41.82 26.08 65.61
N GLN B 199 40.74 25.97 64.81
CA GLN B 199 39.94 27.09 64.30
C GLN B 199 39.36 27.95 65.44
N GLY B 200 38.82 27.27 66.46
CA GLY B 200 38.21 27.89 67.64
C GLY B 200 39.18 28.58 68.55
N LEU B 201 40.49 28.27 68.43
CA LEU B 201 41.56 28.87 69.23
C LEU B 201 42.18 30.05 68.48
N SER B 202 42.18 31.25 69.12
CA SER B 202 42.73 32.48 68.55
C SER B 202 44.22 32.35 68.29
N SER B 203 44.93 31.69 69.21
CA SER B 203 46.37 31.43 69.19
C SER B 203 46.60 30.00 69.72
N PRO B 204 47.61 29.23 69.19
CA PRO B 204 47.85 27.87 69.71
C PRO B 204 48.01 27.76 71.24
N VAL B 205 47.24 26.82 71.82
CA VAL B 205 47.22 26.52 73.25
C VAL B 205 48.30 25.47 73.51
N THR B 206 49.11 25.67 74.56
CA THR B 206 50.16 24.75 74.95
C THR B 206 49.91 24.29 76.39
N LYS B 207 49.80 22.98 76.60
CA LYS B 207 49.64 22.41 77.94
C LYS B 207 50.82 21.52 78.21
N SER B 208 51.68 21.93 79.17
CA SER B 208 52.92 21.24 79.54
C SER B 208 53.08 20.88 81.01
N PHE B 209 54.19 20.15 81.30
CA PHE B 209 54.64 19.71 82.62
C PHE B 209 56.16 19.47 82.64
N ASN B 210 56.79 19.60 83.84
CA ASN B 210 58.22 19.34 84.06
C ASN B 210 58.33 18.04 84.84
N ARG B 211 58.97 17.02 84.25
CA ARG B 211 59.18 15.69 84.86
C ARG B 211 59.83 15.82 86.23
N GLY B 212 59.14 15.32 87.24
CA GLY B 212 59.56 15.46 88.64
C GLY B 212 58.75 16.52 89.37
N GLU B 213 58.60 17.73 88.76
CA GLU B 213 57.86 18.86 89.32
C GLU B 213 56.35 18.54 89.40
N GLU C 1 -17.51 -47.07 -14.92
CA GLU C 1 -18.13 -46.31 -16.00
C GLU C 1 -19.39 -45.59 -15.50
N VAL C 2 -19.29 -44.24 -15.21
CA VAL C 2 -20.40 -43.40 -14.72
C VAL C 2 -21.59 -43.44 -15.70
N GLN C 3 -22.76 -43.84 -15.18
CA GLN C 3 -23.97 -43.98 -15.96
C GLN C 3 -25.15 -43.33 -15.27
N LEU C 4 -25.90 -42.52 -16.03
CA LEU C 4 -27.12 -41.88 -15.57
C LEU C 4 -28.22 -42.16 -16.60
N LEU C 5 -29.32 -42.83 -16.17
CA LEU C 5 -30.41 -43.19 -17.08
C LEU C 5 -31.78 -42.76 -16.58
N GLU C 6 -32.38 -41.80 -17.29
CA GLU C 6 -33.70 -41.27 -16.97
C GLU C 6 -34.76 -42.18 -17.57
N SER C 7 -35.95 -42.16 -16.98
CA SER C 7 -37.12 -42.93 -17.38
C SER C 7 -38.33 -42.38 -16.65
N GLY C 8 -39.51 -42.59 -17.24
CA GLY C 8 -40.77 -42.17 -16.64
C GLY C 8 -41.50 -41.03 -17.32
N GLY C 9 -40.92 -40.53 -18.42
CA GLY C 9 -41.46 -39.41 -19.16
C GLY C 9 -42.20 -39.75 -20.43
N GLY C 10 -43.25 -38.96 -20.68
CA GLY C 10 -44.10 -39.05 -21.86
C GLY C 10 -45.26 -38.07 -21.82
N LEU C 11 -46.39 -38.47 -22.40
CA LEU C 11 -47.57 -37.65 -22.43
C LEU C 11 -48.37 -37.71 -21.12
N VAL C 12 -48.85 -36.52 -20.71
CA VAL C 12 -49.65 -36.26 -19.53
C VAL C 12 -50.46 -35.00 -19.82
N GLN C 13 -51.70 -34.98 -19.35
CA GLN C 13 -52.63 -33.85 -19.53
C GLN C 13 -52.25 -32.71 -18.59
N PRO C 14 -52.57 -31.43 -18.92
CA PRO C 14 -52.25 -30.34 -17.99
C PRO C 14 -53.04 -30.50 -16.68
N GLY C 15 -52.42 -30.13 -15.58
CA GLY C 15 -52.97 -30.27 -14.23
C GLY C 15 -52.74 -31.65 -13.66
N GLY C 16 -52.11 -32.52 -14.46
CA GLY C 16 -51.78 -33.89 -14.11
C GLY C 16 -50.42 -34.03 -13.45
N SER C 17 -50.11 -35.28 -13.03
CA SER C 17 -48.87 -35.66 -12.34
C SER C 17 -48.05 -36.71 -13.10
N LEU C 18 -46.72 -36.65 -12.90
CA LEU C 18 -45.74 -37.57 -13.48
C LEU C 18 -44.52 -37.68 -12.55
N ARG C 19 -43.98 -38.89 -12.40
CA ARG C 19 -42.81 -39.10 -11.55
C ARG C 19 -41.67 -39.65 -12.39
N LEU C 20 -40.60 -38.85 -12.50
CA LEU C 20 -39.40 -39.23 -13.25
C LEU C 20 -38.44 -39.96 -12.34
N SER C 21 -37.61 -40.82 -12.91
CA SER C 21 -36.59 -41.54 -12.17
C SER C 21 -35.26 -41.45 -12.92
N CYS C 22 -34.14 -41.51 -12.18
CA CYS C 22 -32.81 -41.45 -12.76
C CYS C 22 -31.87 -42.47 -12.10
N ALA C 23 -31.49 -43.49 -12.87
CA ALA C 23 -30.65 -44.60 -12.43
C ALA C 23 -29.17 -44.31 -12.48
N ALA C 24 -28.57 -44.09 -11.30
CA ALA C 24 -27.16 -43.82 -11.17
C ALA C 24 -26.39 -45.11 -10.95
N SER C 25 -25.23 -45.25 -11.62
CA SER C 25 -24.33 -46.41 -11.53
C SER C 25 -22.93 -46.05 -12.03
N GLY C 26 -21.89 -46.65 -11.44
CA GLY C 26 -20.49 -46.42 -11.82
C GLY C 26 -19.72 -45.40 -11.00
N PHE C 27 -20.32 -44.96 -9.89
CA PHE C 27 -19.78 -44.00 -8.94
C PHE C 27 -20.57 -44.07 -7.63
N THR C 28 -20.03 -43.47 -6.55
CA THR C 28 -20.69 -43.42 -5.24
C THR C 28 -21.73 -42.30 -5.21
N PHE C 29 -23.00 -42.65 -5.53
CA PHE C 29 -24.17 -41.76 -5.64
C PHE C 29 -24.51 -41.04 -4.34
N SER C 30 -24.49 -41.78 -3.22
CA SER C 30 -24.81 -41.26 -1.91
C SER C 30 -23.88 -40.15 -1.45
N SER C 31 -22.73 -40.01 -2.12
CA SER C 31 -21.74 -38.99 -1.81
C SER C 31 -21.71 -37.84 -2.82
N TYR C 32 -22.63 -37.86 -3.80
CA TYR C 32 -22.72 -36.86 -4.85
C TYR C 32 -24.05 -36.13 -4.86
N ALA C 33 -24.01 -34.78 -4.96
CA ALA C 33 -25.20 -33.94 -5.02
C ALA C 33 -25.77 -34.05 -6.43
N MET C 34 -27.10 -34.07 -6.58
CA MET C 34 -27.73 -34.28 -7.89
C MET C 34 -28.61 -33.15 -8.39
N SER C 35 -28.76 -33.04 -9.72
CA SER C 35 -29.56 -32.01 -10.38
C SER C 35 -30.47 -32.49 -11.53
N TRP C 36 -31.59 -31.77 -11.77
CA TRP C 36 -32.54 -32.00 -12.88
C TRP C 36 -32.54 -30.71 -13.73
N VAL C 37 -32.29 -30.83 -15.03
CA VAL C 37 -32.23 -29.68 -15.97
C VAL C 37 -33.02 -30.06 -17.22
N ARG C 38 -33.89 -29.17 -17.72
CA ARG C 38 -34.75 -29.44 -18.89
C ARG C 38 -34.43 -28.61 -20.16
N GLN C 39 -34.86 -29.14 -21.31
CA GLN C 39 -34.69 -28.51 -22.61
C GLN C 39 -35.95 -28.67 -23.49
N ALA C 40 -36.74 -27.58 -23.60
CA ALA C 40 -37.94 -27.55 -24.43
C ALA C 40 -37.47 -27.63 -25.88
N PRO C 41 -38.17 -28.38 -26.77
CA PRO C 41 -37.72 -28.54 -28.16
C PRO C 41 -36.80 -27.52 -28.86
N GLY C 42 -37.33 -26.37 -29.27
CA GLY C 42 -36.51 -25.36 -29.94
C GLY C 42 -35.62 -24.59 -28.99
N LYS C 43 -36.06 -24.44 -27.72
CA LYS C 43 -35.43 -23.69 -26.62
C LYS C 43 -34.09 -24.21 -26.10
N GLY C 44 -33.43 -23.37 -25.29
CA GLY C 44 -32.16 -23.65 -24.63
C GLY C 44 -32.37 -24.37 -23.33
N LEU C 45 -31.41 -24.27 -22.39
CA LEU C 45 -31.47 -25.00 -21.12
C LEU C 45 -32.02 -24.23 -19.92
N GLU C 46 -32.69 -24.97 -19.01
CA GLU C 46 -33.28 -24.40 -17.80
C GLU C 46 -33.04 -25.30 -16.60
N TRP C 47 -32.57 -24.72 -15.48
CA TRP C 47 -32.34 -25.44 -14.22
C TRP C 47 -33.71 -25.76 -13.60
N VAL C 48 -33.91 -27.02 -13.19
CA VAL C 48 -35.18 -27.47 -12.61
C VAL C 48 -35.05 -27.58 -11.10
N SER C 49 -34.01 -28.30 -10.61
CA SER C 49 -33.81 -28.52 -9.18
C SER C 49 -32.47 -29.16 -8.87
N THR C 50 -31.97 -28.94 -7.62
CA THR C 50 -30.74 -29.51 -7.06
C THR C 50 -31.04 -30.11 -5.69
N ILE C 51 -30.41 -31.25 -5.40
CA ILE C 51 -30.53 -32.00 -4.14
C ILE C 51 -29.14 -32.29 -3.59
N SER C 52 -28.99 -32.18 -2.25
CA SER C 52 -27.75 -32.45 -1.51
C SER C 52 -27.46 -33.97 -1.54
N SER C 53 -26.17 -34.37 -1.35
CA SER C 53 -25.75 -35.78 -1.35
C SER C 53 -26.59 -36.66 -0.41
N GLY C 54 -26.91 -36.14 0.77
CA GLY C 54 -27.73 -36.83 1.76
C GLY C 54 -29.21 -36.77 1.50
N GLY C 55 -29.65 -35.69 0.85
CA GLY C 55 -31.05 -35.47 0.51
C GLY C 55 -31.75 -34.41 1.34
N SER C 56 -31.12 -33.99 2.45
CA SER C 56 -31.63 -32.99 3.39
C SER C 56 -31.90 -31.59 2.76
N TYR C 57 -31.11 -31.21 1.76
CA TYR C 57 -31.19 -29.90 1.13
C TYR C 57 -31.63 -29.95 -0.33
N THR C 58 -32.61 -29.08 -0.70
CA THR C 58 -33.18 -28.96 -2.05
C THR C 58 -33.43 -27.48 -2.41
N SER C 59 -33.10 -27.07 -3.65
CA SER C 59 -33.36 -25.72 -4.16
C SER C 59 -34.05 -25.84 -5.51
N TYR C 60 -35.01 -24.92 -5.79
CA TYR C 60 -35.82 -24.91 -7.01
C TYR C 60 -35.98 -23.48 -7.57
N PRO C 61 -36.19 -23.30 -8.89
CA PRO C 61 -36.50 -21.95 -9.39
C PRO C 61 -38.00 -21.68 -9.15
N ASP C 62 -38.40 -20.39 -9.20
CA ASP C 62 -39.79 -20.00 -8.98
C ASP C 62 -40.74 -20.55 -10.03
N SER C 63 -40.21 -20.94 -11.22
CA SER C 63 -41.02 -21.52 -12.30
C SER C 63 -41.63 -22.89 -11.95
N VAL C 64 -40.93 -23.74 -11.17
CA VAL C 64 -41.40 -25.09 -10.81
C VAL C 64 -41.62 -25.33 -9.30
N LYS C 65 -41.18 -24.37 -8.46
CA LYS C 65 -41.31 -24.43 -6.99
C LYS C 65 -42.78 -24.62 -6.58
N GLY C 66 -43.01 -25.50 -5.60
CA GLY C 66 -44.33 -25.82 -5.09
C GLY C 66 -45.04 -26.94 -5.83
N ARG C 67 -44.73 -27.10 -7.14
CA ARG C 67 -45.30 -28.11 -8.06
C ARG C 67 -44.40 -29.35 -8.14
N PHE C 68 -43.08 -29.14 -8.36
CA PHE C 68 -42.08 -30.19 -8.50
C PHE C 68 -41.33 -30.47 -7.18
N THR C 69 -40.99 -31.75 -6.93
CA THR C 69 -40.24 -32.20 -5.76
C THR C 69 -39.14 -33.18 -6.15
N ILE C 70 -37.87 -32.78 -5.91
CA ILE C 70 -36.67 -33.59 -6.15
C ILE C 70 -36.45 -34.45 -4.88
N SER C 71 -36.37 -35.76 -5.07
CA SER C 71 -36.16 -36.70 -3.97
C SER C 71 -35.13 -37.73 -4.38
N ARG C 72 -34.59 -38.44 -3.39
CA ARG C 72 -33.64 -39.51 -3.67
C ARG C 72 -33.78 -40.66 -2.70
N ASP C 73 -33.34 -41.83 -3.14
CA ASP C 73 -33.22 -43.03 -2.33
C ASP C 73 -31.85 -43.58 -2.64
N ASN C 74 -30.84 -43.13 -1.88
CA ASN C 74 -29.44 -43.52 -2.01
C ASN C 74 -29.22 -45.02 -1.98
N SER C 75 -30.08 -45.79 -1.26
CA SER C 75 -30.01 -47.25 -1.20
C SER C 75 -30.36 -47.87 -2.58
N LYS C 76 -31.28 -47.20 -3.33
CA LYS C 76 -31.73 -47.63 -4.65
C LYS C 76 -30.88 -47.03 -5.77
N ASN C 77 -29.95 -46.10 -5.43
CA ASN C 77 -29.09 -45.35 -6.37
C ASN C 77 -29.96 -44.63 -7.41
N THR C 78 -31.11 -44.09 -6.96
CA THR C 78 -32.11 -43.41 -7.80
C THR C 78 -32.44 -42.02 -7.31
N LEU C 79 -32.62 -41.13 -8.31
CA LEU C 79 -32.98 -39.73 -8.20
C LEU C 79 -34.40 -39.64 -8.74
N TYR C 80 -35.28 -38.89 -8.05
CA TYR C 80 -36.66 -38.73 -8.48
C TYR C 80 -37.02 -37.28 -8.68
N LEU C 81 -38.05 -37.07 -9.52
CA LEU C 81 -38.66 -35.77 -9.77
C LEU C 81 -40.15 -36.00 -9.86
N GLN C 82 -40.87 -35.56 -8.84
CA GLN C 82 -42.34 -35.64 -8.80
C GLN C 82 -42.81 -34.32 -9.41
N MET C 83 -43.48 -34.41 -10.55
CA MET C 83 -44.00 -33.24 -11.24
C MET C 83 -45.52 -33.23 -11.11
N ASN C 84 -46.04 -32.35 -10.25
CA ASN C 84 -47.50 -32.24 -10.02
C ASN C 84 -47.95 -30.89 -10.57
N SER C 85 -49.28 -30.72 -10.78
CA SER C 85 -49.89 -29.51 -11.30
C SER C 85 -49.18 -29.06 -12.58
N LEU C 86 -48.97 -30.02 -13.51
CA LEU C 86 -48.28 -29.82 -14.77
C LEU C 86 -48.94 -28.82 -15.72
N ARG C 87 -48.13 -27.99 -16.34
CA ARG C 87 -48.53 -26.96 -17.30
C ARG C 87 -47.89 -27.30 -18.63
N ALA C 88 -48.47 -26.81 -19.74
CA ALA C 88 -47.94 -27.01 -21.09
C ALA C 88 -46.48 -26.51 -21.19
N GLU C 89 -46.16 -25.41 -20.50
CA GLU C 89 -44.83 -24.78 -20.44
C GLU C 89 -43.72 -25.71 -19.84
N ASP C 90 -44.13 -26.84 -19.22
CA ASP C 90 -43.23 -27.85 -18.67
C ASP C 90 -42.85 -28.93 -19.71
N THR C 91 -43.27 -28.76 -20.98
CA THR C 91 -42.94 -29.71 -22.06
C THR C 91 -41.46 -29.53 -22.38
N ALA C 92 -40.64 -30.59 -22.16
CA ALA C 92 -39.21 -30.58 -22.40
C ALA C 92 -38.59 -31.96 -22.26
N VAL C 93 -37.31 -32.08 -22.67
CA VAL C 93 -36.52 -33.30 -22.46
C VAL C 93 -35.83 -33.02 -21.13
N TYR C 94 -36.12 -33.87 -20.12
CA TYR C 94 -35.61 -33.75 -18.76
C TYR C 94 -34.36 -34.57 -18.49
N TYR C 95 -33.26 -33.87 -18.17
CA TYR C 95 -31.96 -34.49 -17.88
C TYR C 95 -31.68 -34.53 -16.39
N CYS C 96 -31.01 -35.60 -15.93
CA CYS C 96 -30.48 -35.72 -14.58
C CYS C 96 -28.96 -35.66 -14.72
N ALA C 97 -28.29 -34.96 -13.79
CA ALA C 97 -26.84 -34.79 -13.82
C ALA C 97 -26.21 -34.71 -12.45
N LYS C 98 -24.90 -35.02 -12.37
CA LYS C 98 -24.08 -34.94 -11.15
C LYS C 98 -23.80 -33.47 -10.88
N GLN C 99 -24.00 -33.02 -9.64
CA GLN C 99 -23.79 -31.63 -9.25
C GLN C 99 -22.55 -31.43 -8.40
N ASP C 100 -21.59 -30.68 -8.95
CA ASP C 100 -20.36 -30.27 -8.31
C ASP C 100 -20.40 -28.74 -8.39
N TYR C 101 -19.41 -28.06 -8.98
CA TYR C 101 -19.47 -26.61 -9.17
C TYR C 101 -20.47 -26.35 -10.31
N ALA C 102 -20.53 -27.30 -11.26
CA ALA C 102 -21.40 -27.32 -12.42
C ALA C 102 -21.84 -28.76 -12.66
N MET C 103 -22.80 -28.96 -13.59
CA MET C 103 -23.30 -30.29 -13.91
C MET C 103 -22.26 -31.05 -14.76
N ASN C 104 -21.46 -31.88 -14.09
CA ASN C 104 -20.48 -32.74 -14.75
C ASN C 104 -21.18 -34.08 -14.91
N TYR C 105 -21.18 -34.63 -16.12
CA TYR C 105 -21.92 -35.85 -16.50
C TYR C 105 -23.44 -35.72 -16.44
N TRP C 106 -24.04 -35.71 -17.64
CA TRP C 106 -25.48 -35.62 -17.84
C TRP C 106 -26.03 -36.90 -18.48
N GLY C 107 -27.23 -37.28 -18.06
CA GLY C 107 -27.94 -38.44 -18.63
C GLY C 107 -28.58 -38.03 -19.94
N GLN C 108 -28.81 -38.99 -20.85
CA GLN C 108 -29.39 -38.66 -22.15
C GLN C 108 -30.77 -37.98 -22.18
N GLY C 109 -31.51 -38.08 -21.07
CA GLY C 109 -32.81 -37.43 -20.91
C GLY C 109 -34.03 -38.29 -21.17
N THR C 110 -35.21 -37.70 -20.87
CA THR C 110 -36.54 -38.26 -21.04
C THR C 110 -37.51 -37.15 -21.44
N LEU C 111 -38.28 -37.36 -22.50
CA LEU C 111 -39.21 -36.33 -22.95
C LEU C 111 -40.56 -36.36 -22.23
N VAL C 112 -40.95 -35.23 -21.64
CA VAL C 112 -42.22 -35.04 -20.95
C VAL C 112 -43.02 -34.07 -21.82
N THR C 113 -44.23 -34.48 -22.22
CA THR C 113 -45.13 -33.71 -23.08
C THR C 113 -46.39 -33.40 -22.29
N VAL C 114 -46.67 -32.11 -22.10
CA VAL C 114 -47.87 -31.67 -21.38
C VAL C 114 -48.78 -31.00 -22.38
N SER C 115 -49.92 -31.65 -22.69
CA SER C 115 -50.93 -31.22 -23.67
C SER C 115 -52.25 -31.92 -23.41
N SER C 116 -53.36 -31.33 -23.90
CA SER C 116 -54.71 -31.89 -23.81
C SER C 116 -55.00 -32.78 -25.02
N ALA C 117 -54.17 -32.66 -26.08
CA ALA C 117 -54.29 -33.44 -27.31
C ALA C 117 -54.03 -34.90 -27.04
N SER C 118 -54.96 -35.76 -27.45
CA SER C 118 -54.91 -37.22 -27.30
C SER C 118 -53.78 -37.85 -28.13
N THR C 119 -53.29 -39.03 -27.68
CA THR C 119 -52.30 -39.83 -28.39
C THR C 119 -52.90 -40.28 -29.74
N LYS C 120 -52.22 -39.96 -30.85
CA LYS C 120 -52.65 -40.33 -32.21
C LYS C 120 -51.47 -40.91 -33.04
N GLY C 121 -51.74 -42.00 -33.74
CA GLY C 121 -50.77 -42.63 -34.64
C GLY C 121 -50.68 -41.88 -35.95
N PRO C 122 -49.53 -41.89 -36.66
CA PRO C 122 -49.43 -41.13 -37.92
C PRO C 122 -50.18 -41.69 -39.11
N SER C 123 -50.43 -40.82 -40.09
CA SER C 123 -51.00 -41.17 -41.37
C SER C 123 -49.81 -41.01 -42.33
N VAL C 124 -49.37 -42.11 -42.94
CA VAL C 124 -48.21 -42.08 -43.83
C VAL C 124 -48.69 -42.06 -45.27
N PHE C 125 -48.29 -40.99 -46.00
CA PHE C 125 -48.63 -40.77 -47.42
C PHE C 125 -47.34 -40.67 -48.24
N PRO C 126 -47.31 -41.15 -49.49
CA PRO C 126 -46.05 -41.08 -50.26
C PRO C 126 -45.73 -39.71 -50.84
N LEU C 127 -44.48 -39.53 -51.22
CA LEU C 127 -43.97 -38.37 -51.92
C LEU C 127 -43.33 -38.99 -53.17
N ALA C 128 -44.19 -39.21 -54.16
CA ALA C 128 -43.86 -39.88 -55.41
C ALA C 128 -42.86 -39.16 -56.31
N PRO C 129 -41.86 -39.93 -56.85
CA PRO C 129 -40.85 -39.31 -57.73
C PRO C 129 -41.39 -38.94 -59.11
N SER C 130 -40.91 -37.79 -59.65
CA SER C 130 -41.28 -37.31 -61.00
C SER C 130 -40.32 -37.83 -62.08
N GLY C 136 -32.57 -39.40 -66.60
CA GLY C 136 -33.10 -38.19 -66.00
C GLY C 136 -32.19 -37.52 -64.97
N GLY C 137 -31.24 -38.30 -64.44
CA GLY C 137 -30.27 -37.91 -63.43
C GLY C 137 -30.57 -38.49 -62.06
N THR C 138 -30.78 -37.62 -61.06
CA THR C 138 -31.14 -38.02 -59.71
C THR C 138 -32.63 -37.75 -59.47
N ALA C 139 -33.30 -38.64 -58.72
CA ALA C 139 -34.71 -38.46 -58.39
C ALA C 139 -34.91 -38.44 -56.88
N ALA C 140 -35.83 -37.57 -56.40
CA ALA C 140 -36.16 -37.49 -54.99
C ALA C 140 -37.49 -38.17 -54.76
N LEU C 141 -37.53 -38.93 -53.68
CA LEU C 141 -38.58 -39.83 -53.22
C LEU C 141 -38.74 -39.63 -51.71
N GLY C 142 -39.93 -39.86 -51.16
CA GLY C 142 -40.15 -39.73 -49.72
C GLY C 142 -41.48 -40.17 -49.16
N CYS C 143 -41.64 -40.01 -47.85
CA CYS C 143 -42.85 -40.32 -47.09
C CYS C 143 -43.24 -39.14 -46.23
N LEU C 144 -44.53 -38.81 -46.23
CA LEU C 144 -45.05 -37.75 -45.39
C LEU C 144 -45.73 -38.43 -44.20
N VAL C 145 -45.14 -38.25 -43.00
CA VAL C 145 -45.62 -38.79 -41.73
C VAL C 145 -46.42 -37.66 -41.10
N LYS C 146 -47.72 -37.67 -41.34
CA LYS C 146 -48.63 -36.62 -40.92
C LYS C 146 -49.54 -37.01 -39.76
N ASP C 147 -49.90 -36.01 -38.95
CA ASP C 147 -50.83 -36.08 -37.82
C ASP C 147 -50.55 -37.19 -36.83
N TYR C 148 -49.53 -36.97 -35.99
CA TYR C 148 -49.17 -37.90 -34.95
C TYR C 148 -48.89 -37.10 -33.68
N PHE C 149 -49.23 -37.68 -32.52
CA PHE C 149 -49.00 -37.03 -31.24
C PHE C 149 -48.88 -38.08 -30.14
N PRO C 150 -47.88 -37.99 -29.23
CA PRO C 150 -46.81 -36.98 -29.16
C PRO C 150 -45.57 -37.43 -29.93
N GLU C 151 -44.42 -36.78 -29.71
CA GLU C 151 -43.18 -37.19 -30.35
C GLU C 151 -42.57 -38.36 -29.53
N PRO C 152 -41.74 -39.24 -30.11
CA PRO C 152 -41.15 -39.18 -31.45
C PRO C 152 -41.67 -40.28 -32.35
N VAL C 153 -41.22 -40.21 -33.60
CA VAL C 153 -41.47 -41.19 -34.62
C VAL C 153 -40.11 -41.50 -35.24
N THR C 154 -39.90 -42.75 -35.64
CA THR C 154 -38.63 -43.19 -36.25
C THR C 154 -38.90 -43.64 -37.66
N VAL C 155 -38.14 -43.12 -38.61
CA VAL C 155 -38.33 -43.47 -40.02
C VAL C 155 -37.07 -44.12 -40.59
N SER C 156 -37.24 -45.31 -41.20
CA SER C 156 -36.21 -46.12 -41.86
C SER C 156 -36.60 -46.33 -43.32
N TRP C 157 -35.63 -46.71 -44.17
CA TRP C 157 -35.87 -46.98 -45.60
C TRP C 157 -35.39 -48.36 -46.01
N ASN C 158 -36.32 -49.18 -46.54
CA ASN C 158 -36.10 -50.56 -46.97
C ASN C 158 -35.60 -51.46 -45.82
N SER C 159 -36.25 -51.32 -44.64
CA SER C 159 -35.93 -52.03 -43.40
C SER C 159 -34.46 -51.83 -42.98
N GLY C 160 -34.01 -50.58 -43.03
CA GLY C 160 -32.66 -50.17 -42.65
C GLY C 160 -31.62 -50.27 -43.75
N ALA C 161 -31.92 -51.04 -44.83
CA ALA C 161 -31.03 -51.26 -45.97
C ALA C 161 -30.63 -49.98 -46.66
N LEU C 162 -31.61 -49.11 -46.95
CA LEU C 162 -31.35 -47.81 -47.58
C LEU C 162 -31.16 -46.77 -46.51
N THR C 163 -30.01 -46.09 -46.57
CA THR C 163 -29.65 -45.08 -45.59
C THR C 163 -28.88 -43.90 -46.17
N SER C 164 -28.16 -44.12 -47.28
CA SER C 164 -27.39 -43.07 -47.95
C SER C 164 -28.31 -42.15 -48.75
N GLY C 165 -28.27 -40.87 -48.44
CA GLY C 165 -29.08 -39.84 -49.07
C GLY C 165 -30.41 -39.60 -48.40
N VAL C 166 -30.63 -40.25 -47.24
CA VAL C 166 -31.87 -40.15 -46.46
C VAL C 166 -31.80 -38.92 -45.60
N HIS C 167 -32.86 -38.11 -45.61
CA HIS C 167 -32.98 -36.91 -44.79
C HIS C 167 -34.33 -36.97 -44.07
N THR C 168 -34.32 -37.37 -42.79
CA THR C 168 -35.54 -37.34 -41.98
C THR C 168 -35.52 -35.98 -41.30
N PHE C 169 -36.47 -35.13 -41.69
CA PHE C 169 -36.56 -33.76 -41.22
C PHE C 169 -37.17 -33.66 -39.83
N PRO C 170 -36.70 -32.72 -39.00
CA PRO C 170 -37.32 -32.54 -37.68
C PRO C 170 -38.82 -32.30 -37.79
N ALA C 171 -39.59 -32.87 -36.86
CA ALA C 171 -41.05 -32.71 -36.85
C ALA C 171 -41.43 -31.27 -36.56
N VAL C 172 -42.44 -30.77 -37.26
CA VAL C 172 -42.95 -29.41 -37.09
C VAL C 172 -44.35 -29.54 -36.52
N LEU C 173 -44.60 -28.86 -35.39
CA LEU C 173 -45.89 -28.90 -34.74
C LEU C 173 -46.84 -28.00 -35.49
N GLN C 174 -47.85 -28.63 -36.12
CA GLN C 174 -48.90 -28.01 -36.93
C GLN C 174 -49.87 -27.20 -36.09
N SER C 175 -50.70 -26.37 -36.74
CA SER C 175 -51.73 -25.53 -36.08
C SER C 175 -52.77 -26.35 -35.29
N SER C 176 -53.03 -27.61 -35.73
CA SER C 176 -53.93 -28.59 -35.13
C SER C 176 -53.47 -29.08 -33.74
N GLY C 177 -52.18 -28.94 -33.48
CA GLY C 177 -51.58 -29.38 -32.23
C GLY C 177 -50.94 -30.74 -32.39
N LEU C 178 -50.97 -31.28 -33.62
CA LEU C 178 -50.40 -32.57 -34.01
C LEU C 178 -49.09 -32.33 -34.75
N TYR C 179 -48.18 -33.30 -34.67
CA TYR C 179 -46.89 -33.20 -35.35
C TYR C 179 -46.99 -33.77 -36.76
N SER C 180 -46.04 -33.37 -37.60
CA SER C 180 -45.93 -33.83 -38.98
C SER C 180 -44.49 -33.68 -39.46
N LEU C 181 -43.98 -34.72 -40.13
CA LEU C 181 -42.65 -34.70 -40.72
C LEU C 181 -42.59 -35.39 -42.08
N SER C 182 -41.46 -35.21 -42.76
CA SER C 182 -41.16 -35.78 -44.05
C SER C 182 -39.79 -36.44 -44.01
N SER C 183 -39.69 -37.59 -44.67
CA SER C 183 -38.45 -38.34 -44.83
C SER C 183 -38.28 -38.55 -46.31
N VAL C 184 -37.22 -37.98 -46.87
CA VAL C 184 -36.96 -38.05 -48.30
C VAL C 184 -35.67 -38.84 -48.61
N VAL C 185 -35.57 -39.38 -49.81
CA VAL C 185 -34.39 -40.10 -50.27
C VAL C 185 -34.08 -39.78 -51.73
N THR C 186 -32.81 -39.47 -52.00
CA THR C 186 -32.31 -39.18 -53.33
C THR C 186 -31.73 -40.46 -53.88
N VAL C 187 -32.29 -40.91 -55.02
CA VAL C 187 -31.89 -42.15 -55.71
C VAL C 187 -31.71 -41.91 -57.21
N PRO C 188 -30.82 -42.67 -57.91
CA PRO C 188 -30.69 -42.48 -59.37
C PRO C 188 -31.98 -42.86 -60.09
N SER C 189 -32.33 -42.12 -61.17
CA SER C 189 -33.56 -42.27 -61.96
C SER C 189 -33.80 -43.69 -62.47
N SER C 190 -32.72 -44.34 -62.93
CA SER C 190 -32.73 -45.71 -63.46
C SER C 190 -33.22 -46.74 -62.43
N SER C 191 -32.90 -46.52 -61.13
CA SER C 191 -33.29 -47.39 -60.01
C SER C 191 -34.80 -47.47 -59.74
N LEU C 192 -35.59 -46.53 -60.28
CA LEU C 192 -37.05 -46.52 -60.17
C LEU C 192 -37.59 -47.65 -61.05
N GLY C 193 -38.71 -48.25 -60.64
CA GLY C 193 -39.31 -49.37 -61.35
C GLY C 193 -38.69 -50.70 -60.95
N THR C 194 -37.35 -50.79 -61.05
CA THR C 194 -36.54 -51.96 -60.68
C THR C 194 -36.47 -52.09 -59.13
N GLN C 195 -35.80 -51.12 -58.44
CA GLN C 195 -35.70 -51.09 -56.99
C GLN C 195 -37.02 -50.55 -56.39
N THR C 196 -37.57 -51.28 -55.41
CA THR C 196 -38.78 -50.91 -54.67
C THR C 196 -38.36 -50.25 -53.38
N TYR C 197 -38.88 -49.04 -53.15
CA TYR C 197 -38.59 -48.19 -51.99
C TYR C 197 -39.75 -48.15 -50.99
N ILE C 198 -39.46 -48.54 -49.75
CA ILE C 198 -40.44 -48.60 -48.66
C ILE C 198 -39.93 -47.85 -47.44
N CYS C 199 -40.75 -46.94 -46.89
CA CYS C 199 -40.41 -46.22 -45.66
C CYS C 199 -41.02 -46.97 -44.51
N ASN C 200 -40.21 -47.25 -43.49
CA ASN C 200 -40.59 -47.99 -42.30
C ASN C 200 -40.70 -46.98 -41.15
N VAL C 201 -41.95 -46.60 -40.85
CA VAL C 201 -42.33 -45.63 -39.83
C VAL C 201 -42.76 -46.35 -38.56
N ASN C 202 -42.23 -45.93 -37.42
CA ASN C 202 -42.58 -46.51 -36.12
C ASN C 202 -42.87 -45.40 -35.12
N HIS C 203 -44.10 -45.37 -34.63
CA HIS C 203 -44.51 -44.41 -33.62
C HIS C 203 -44.76 -45.18 -32.34
N LYS C 204 -43.71 -45.25 -31.50
CA LYS C 204 -43.74 -45.95 -30.20
C LYS C 204 -44.82 -45.42 -29.24
N PRO C 205 -45.01 -44.06 -29.07
CA PRO C 205 -46.05 -43.58 -28.12
C PRO C 205 -47.50 -44.02 -28.40
N SER C 206 -47.73 -44.76 -29.49
CA SER C 206 -49.05 -45.19 -29.94
C SER C 206 -49.07 -46.66 -30.43
N ASN C 207 -47.94 -47.38 -30.26
CA ASN C 207 -47.76 -48.79 -30.69
C ASN C 207 -48.15 -49.04 -32.14
N THR C 208 -47.87 -48.02 -32.99
CA THR C 208 -48.20 -48.04 -34.41
C THR C 208 -46.94 -48.08 -35.27
N LYS C 209 -46.87 -49.10 -36.14
CA LYS C 209 -45.79 -49.36 -37.10
C LYS C 209 -46.44 -49.34 -38.47
N VAL C 210 -45.86 -48.56 -39.40
CA VAL C 210 -46.39 -48.42 -40.76
C VAL C 210 -45.27 -48.58 -41.82
N ASP C 211 -45.47 -49.51 -42.75
CA ASP C 211 -44.56 -49.73 -43.88
C ASP C 211 -45.33 -49.21 -45.10
N LYS C 212 -44.78 -48.20 -45.82
CA LYS C 212 -45.41 -47.60 -47.00
C LYS C 212 -44.52 -47.72 -48.23
N LYS C 213 -45.10 -48.21 -49.33
CA LYS C 213 -44.43 -48.37 -50.62
C LYS C 213 -44.62 -47.09 -51.42
N VAL C 214 -43.51 -46.44 -51.82
CA VAL C 214 -43.50 -45.21 -52.62
C VAL C 214 -43.06 -45.60 -54.04
N GLU C 215 -43.92 -45.35 -55.03
CA GLU C 215 -43.64 -45.69 -56.42
C GLU C 215 -44.15 -44.60 -57.38
N PRO C 216 -43.64 -44.49 -58.64
CA PRO C 216 -44.15 -43.45 -59.54
C PRO C 216 -45.52 -43.80 -60.11
N ASP D 1 -34.15 -12.41 -13.06
CA ASP D 1 -33.25 -12.70 -11.94
C ASP D 1 -31.84 -12.21 -12.34
N ILE D 2 -30.97 -13.12 -12.76
CA ILE D 2 -29.61 -12.90 -13.25
C ILE D 2 -29.65 -13.39 -14.70
N GLN D 3 -29.31 -12.53 -15.68
CA GLN D 3 -29.38 -12.92 -17.09
C GLN D 3 -28.00 -13.13 -17.69
N MET D 4 -27.87 -14.12 -18.59
CA MET D 4 -26.63 -14.39 -19.33
C MET D 4 -26.89 -14.10 -20.78
N THR D 5 -26.15 -13.14 -21.34
CA THR D 5 -26.26 -12.72 -22.74
C THR D 5 -25.06 -13.29 -23.49
N GLN D 6 -25.33 -14.23 -24.41
CA GLN D 6 -24.27 -14.91 -25.16
C GLN D 6 -24.03 -14.32 -26.55
N SER D 7 -22.74 -14.24 -26.95
CA SER D 7 -22.34 -13.69 -28.24
C SER D 7 -21.22 -14.48 -28.91
N PRO D 8 -21.34 -14.85 -30.22
CA PRO D 8 -22.48 -14.63 -31.13
C PRO D 8 -23.59 -15.66 -30.97
N SER D 9 -24.71 -15.48 -31.68
CA SER D 9 -25.82 -16.44 -31.65
C SER D 9 -25.43 -17.69 -32.49
N SER D 10 -24.67 -17.47 -33.55
CA SER D 10 -24.18 -18.49 -34.48
C SER D 10 -22.85 -18.01 -35.07
N LEU D 11 -22.03 -18.97 -35.55
CA LEU D 11 -20.75 -18.69 -36.20
C LEU D 11 -20.35 -19.78 -37.19
N SER D 12 -19.94 -19.36 -38.39
CA SER D 12 -19.45 -20.22 -39.46
C SER D 12 -17.94 -20.16 -39.39
N ALA D 13 -17.31 -21.30 -39.23
CA ALA D 13 -15.86 -21.40 -39.11
C ALA D 13 -15.32 -22.67 -39.75
N SER D 14 -14.02 -22.72 -40.00
CA SER D 14 -13.36 -23.88 -40.57
C SER D 14 -12.38 -24.49 -39.54
N VAL D 15 -11.94 -25.75 -39.76
CA VAL D 15 -11.01 -26.42 -38.85
C VAL D 15 -9.67 -25.68 -38.78
N GLY D 16 -9.12 -25.59 -37.57
CA GLY D 16 -7.85 -24.92 -37.31
C GLY D 16 -8.00 -23.48 -36.84
N ASP D 17 -9.15 -22.84 -37.12
CA ASP D 17 -9.41 -21.45 -36.74
C ASP D 17 -9.44 -21.23 -35.23
N ARG D 18 -8.96 -20.06 -34.76
CA ARG D 18 -8.99 -19.72 -33.33
C ARG D 18 -10.30 -18.95 -33.05
N VAL D 19 -11.23 -19.56 -32.27
CA VAL D 19 -12.48 -18.88 -31.97
C VAL D 19 -12.74 -18.57 -30.51
N THR D 20 -13.36 -17.41 -30.25
CA THR D 20 -13.72 -16.93 -28.91
C THR D 20 -15.22 -16.65 -28.75
N ILE D 21 -15.82 -17.25 -27.73
CA ILE D 21 -17.23 -17.05 -27.44
C ILE D 21 -17.39 -16.28 -26.14
N THR D 22 -18.05 -15.12 -26.22
CA THR D 22 -18.28 -14.25 -25.08
C THR D 22 -19.67 -14.43 -24.50
N CYS D 23 -19.80 -14.06 -23.21
CA CYS D 23 -20.96 -14.20 -22.34
C CYS D 23 -20.91 -13.05 -21.32
N LYS D 24 -22.03 -12.37 -21.11
CA LYS D 24 -22.10 -11.25 -20.14
C LYS D 24 -23.24 -11.46 -19.14
N ALA D 25 -22.94 -11.21 -17.85
CA ALA D 25 -23.88 -11.34 -16.73
C ALA D 25 -24.53 -10.00 -16.35
N SER D 26 -25.84 -10.06 -15.98
CA SER D 26 -26.65 -8.89 -15.54
C SER D 26 -26.19 -8.28 -14.18
N GLN D 27 -25.35 -9.02 -13.39
CA GLN D 27 -24.80 -8.65 -12.07
C GLN D 27 -23.40 -9.27 -11.92
N ASP D 28 -22.63 -8.87 -10.89
CA ASP D 28 -21.31 -9.44 -10.63
C ASP D 28 -21.48 -10.90 -10.21
N VAL D 29 -20.89 -11.81 -10.98
CA VAL D 29 -20.98 -13.27 -10.77
C VAL D 29 -19.63 -13.89 -10.35
N SER D 30 -18.61 -13.02 -10.10
CA SER D 30 -17.24 -13.40 -9.71
C SER D 30 -16.64 -14.28 -10.81
N THR D 31 -16.24 -15.50 -10.45
CA THR D 31 -15.66 -16.51 -11.35
C THR D 31 -16.62 -17.70 -11.55
N ALA D 32 -17.85 -17.63 -10.99
CA ALA D 32 -18.84 -18.70 -11.08
C ALA D 32 -19.51 -18.86 -12.46
N VAL D 33 -18.72 -19.18 -13.49
CA VAL D 33 -19.25 -19.40 -14.81
C VAL D 33 -18.81 -20.78 -15.32
N ALA D 34 -19.78 -21.52 -15.89
CA ALA D 34 -19.56 -22.86 -16.45
C ALA D 34 -19.94 -22.87 -17.94
N TRP D 35 -19.13 -23.56 -18.75
CA TRP D 35 -19.38 -23.71 -20.18
C TRP D 35 -19.63 -25.18 -20.51
N TYR D 36 -20.58 -25.42 -21.41
CA TYR D 36 -21.01 -26.73 -21.87
C TYR D 36 -20.99 -26.85 -23.39
N GLN D 37 -20.94 -28.09 -23.88
CA GLN D 37 -20.98 -28.38 -25.31
C GLN D 37 -22.10 -29.39 -25.55
N GLN D 38 -23.06 -29.06 -26.41
CA GLN D 38 -24.16 -29.95 -26.74
C GLN D 38 -24.22 -30.18 -28.26
N LYS D 39 -24.36 -31.46 -28.64
CA LYS D 39 -24.48 -31.88 -30.03
C LYS D 39 -25.92 -32.36 -30.32
N PRO D 40 -26.45 -32.10 -31.54
CA PRO D 40 -27.81 -32.53 -31.85
C PRO D 40 -28.13 -33.99 -31.54
N GLY D 41 -29.15 -34.17 -30.70
CA GLY D 41 -29.62 -35.49 -30.28
C GLY D 41 -28.91 -36.06 -29.07
N LYS D 42 -28.05 -35.24 -28.44
CA LYS D 42 -27.29 -35.66 -27.27
C LYS D 42 -27.37 -34.65 -26.11
N ALA D 43 -27.14 -35.17 -24.87
CA ALA D 43 -27.12 -34.45 -23.60
C ALA D 43 -25.88 -33.58 -23.55
N PRO D 44 -25.89 -32.41 -22.85
CA PRO D 44 -24.67 -31.57 -22.82
C PRO D 44 -23.50 -32.16 -22.01
N LYS D 45 -22.27 -31.79 -22.38
CA LYS D 45 -21.03 -32.23 -21.74
C LYS D 45 -20.35 -31.03 -21.10
N LEU D 46 -19.79 -31.20 -19.87
CA LEU D 46 -19.09 -30.09 -19.19
C LEU D 46 -17.71 -29.84 -19.82
N LEU D 47 -17.39 -28.54 -20.06
CA LEU D 47 -16.12 -28.11 -20.64
C LEU D 47 -15.23 -27.48 -19.58
N ILE D 48 -15.66 -26.31 -19.09
CA ILE D 48 -14.98 -25.51 -18.08
C ILE D 48 -15.95 -25.23 -16.93
N TYR D 49 -15.45 -25.31 -15.69
CA TYR D 49 -16.21 -25.03 -14.47
C TYR D 49 -15.52 -23.93 -13.69
N SER D 50 -16.31 -23.01 -13.11
CA SER D 50 -15.81 -21.89 -12.31
C SER D 50 -14.79 -21.01 -13.06
N ALA D 51 -15.27 -20.47 -14.18
CA ALA D 51 -14.65 -19.56 -15.15
C ALA D 51 -13.48 -20.09 -15.95
N SER D 52 -12.49 -20.72 -15.30
CA SER D 52 -11.27 -21.16 -15.95
C SER D 52 -10.90 -22.64 -15.79
N TYR D 53 -11.36 -23.30 -14.71
CA TYR D 53 -11.01 -24.70 -14.46
C TYR D 53 -11.61 -25.68 -15.46
N ARG D 54 -10.77 -26.37 -16.26
CA ARG D 54 -11.17 -27.37 -17.25
C ARG D 54 -11.57 -28.67 -16.54
N TYR D 55 -12.58 -29.37 -17.06
CA TYR D 55 -13.01 -30.65 -16.51
C TYR D 55 -12.13 -31.79 -17.08
N THR D 56 -12.05 -32.92 -16.36
CA THR D 56 -11.29 -34.12 -16.73
C THR D 56 -11.65 -34.57 -18.16
N GLY D 57 -10.64 -34.87 -18.95
CA GLY D 57 -10.81 -35.34 -20.33
C GLY D 57 -10.94 -34.25 -21.38
N VAL D 58 -11.35 -33.02 -20.98
CA VAL D 58 -11.53 -31.88 -21.89
C VAL D 58 -10.16 -31.48 -22.49
N PRO D 59 -10.04 -31.45 -23.84
CA PRO D 59 -8.76 -31.09 -24.47
C PRO D 59 -8.30 -29.67 -24.13
N SER D 60 -6.97 -29.48 -24.07
CA SER D 60 -6.29 -28.24 -23.73
C SER D 60 -6.63 -27.04 -24.61
N ARG D 61 -7.11 -27.29 -25.87
CA ARG D 61 -7.52 -26.25 -26.82
C ARG D 61 -8.71 -25.42 -26.30
N PHE D 62 -9.46 -25.97 -25.32
CA PHE D 62 -10.60 -25.34 -24.67
C PHE D 62 -10.10 -24.62 -23.43
N SER D 63 -10.34 -23.29 -23.35
CA SER D 63 -9.87 -22.48 -22.24
C SER D 63 -10.77 -21.28 -21.92
N GLY D 64 -11.30 -21.27 -20.70
CA GLY D 64 -12.16 -20.19 -20.21
C GLY D 64 -11.39 -19.14 -19.44
N SER D 65 -11.84 -17.87 -19.55
CA SER D 65 -11.26 -16.70 -18.87
C SER D 65 -12.31 -15.66 -18.56
N GLY D 66 -12.16 -15.00 -17.42
CA GLY D 66 -13.06 -13.92 -17.01
C GLY D 66 -13.33 -13.80 -15.53
N SER D 67 -13.86 -12.62 -15.13
CA SER D 67 -14.24 -12.25 -13.76
C SER D 67 -15.24 -11.09 -13.79
N GLY D 68 -16.29 -11.17 -12.95
CA GLY D 68 -17.32 -10.15 -12.79
C GLY D 68 -18.53 -10.18 -13.71
N THR D 69 -18.42 -9.52 -14.88
CA THR D 69 -19.48 -9.38 -15.89
C THR D 69 -18.88 -9.47 -17.33
N ASP D 70 -17.95 -10.42 -17.57
CA ASP D 70 -17.26 -10.59 -18.86
C ASP D 70 -16.59 -11.95 -18.88
N PHE D 71 -17.03 -12.87 -19.78
CA PHE D 71 -16.45 -14.23 -19.83
C PHE D 71 -16.16 -14.72 -21.25
N THR D 72 -15.00 -15.36 -21.48
CA THR D 72 -14.60 -15.79 -22.80
C THR D 72 -14.04 -17.21 -22.88
N LEU D 73 -14.84 -18.14 -23.41
CA LEU D 73 -14.41 -19.50 -23.70
C LEU D 73 -13.71 -19.40 -25.06
N THR D 74 -12.49 -19.94 -25.14
CA THR D 74 -11.63 -19.90 -26.31
C THR D 74 -11.32 -21.32 -26.82
N ILE D 75 -11.43 -21.52 -28.16
CA ILE D 75 -11.04 -22.75 -28.85
C ILE D 75 -9.87 -22.36 -29.77
N SER D 76 -8.64 -22.63 -29.29
CA SER D 76 -7.33 -22.32 -29.88
C SER D 76 -7.17 -22.74 -31.35
N SER D 77 -7.65 -23.94 -31.70
CA SER D 77 -7.58 -24.49 -33.06
C SER D 77 -8.78 -25.42 -33.23
N LEU D 78 -9.71 -25.06 -34.14
CA LEU D 78 -10.94 -25.84 -34.38
C LEU D 78 -10.71 -27.23 -34.94
N ASN D 79 -11.41 -28.23 -34.38
CA ASN D 79 -11.30 -29.62 -34.81
C ASN D 79 -12.67 -30.12 -35.30
N PRO D 80 -12.73 -31.18 -36.16
CA PRO D 80 -14.04 -31.64 -36.66
C PRO D 80 -15.11 -31.90 -35.59
N GLU D 81 -14.71 -32.47 -34.43
CA GLU D 81 -15.61 -32.80 -33.33
C GLU D 81 -16.03 -31.58 -32.49
N ASP D 82 -15.50 -30.37 -32.81
CA ASP D 82 -15.82 -29.16 -32.04
C ASP D 82 -17.06 -28.43 -32.52
N PHE D 83 -17.55 -28.76 -33.73
CA PHE D 83 -18.75 -28.15 -34.31
C PHE D 83 -19.97 -28.67 -33.61
N ALA D 84 -20.51 -27.81 -32.70
CA ALA D 84 -21.66 -28.03 -31.83
C ALA D 84 -22.19 -26.68 -31.33
N THR D 85 -23.15 -26.72 -30.38
CA THR D 85 -23.73 -25.53 -29.73
C THR D 85 -23.03 -25.39 -28.38
N TYR D 86 -22.70 -24.15 -28.01
CA TYR D 86 -22.00 -23.89 -26.77
C TYR D 86 -22.86 -23.03 -25.86
N TYR D 87 -22.99 -23.41 -24.56
CA TYR D 87 -23.79 -22.64 -23.60
C TYR D 87 -22.99 -22.20 -22.33
N CYS D 88 -23.05 -20.90 -21.99
CA CYS D 88 -22.45 -20.40 -20.74
C CYS D 88 -23.51 -20.46 -19.67
N GLN D 89 -23.10 -20.68 -18.42
CA GLN D 89 -24.02 -20.81 -17.29
C GLN D 89 -23.41 -20.13 -16.09
N GLN D 90 -24.25 -19.63 -15.18
CA GLN D 90 -23.78 -19.06 -13.94
C GLN D 90 -24.06 -20.03 -12.81
N HIS D 91 -23.09 -20.22 -11.92
CA HIS D 91 -23.28 -21.06 -10.73
C HIS D 91 -22.89 -20.23 -9.51
N TYR D 92 -23.42 -19.00 -9.52
CA TYR D 92 -23.24 -17.96 -8.51
C TYR D 92 -24.39 -17.95 -7.49
N SER D 93 -25.62 -17.75 -7.97
CA SER D 93 -26.80 -17.69 -7.12
C SER D 93 -28.03 -18.24 -7.84
N THR D 94 -28.82 -19.08 -7.16
CA THR D 94 -30.05 -19.65 -7.71
C THR D 94 -31.13 -18.57 -7.88
N PRO D 95 -32.00 -18.63 -8.92
CA PRO D 95 -32.08 -19.65 -9.97
C PRO D 95 -30.91 -19.60 -10.96
N TRP D 96 -30.30 -20.77 -11.22
CA TRP D 96 -29.16 -20.89 -12.12
C TRP D 96 -29.61 -20.66 -13.55
N THR D 97 -29.05 -19.61 -14.17
CA THR D 97 -29.42 -19.21 -15.54
C THR D 97 -28.33 -19.49 -16.57
N PHE D 98 -28.76 -19.81 -17.78
CA PHE D 98 -27.89 -20.16 -18.90
C PHE D 98 -27.84 -19.08 -19.99
N GLY D 99 -26.84 -19.17 -20.87
CA GLY D 99 -26.72 -18.27 -22.02
C GLY D 99 -27.60 -18.80 -23.12
N GLY D 100 -27.89 -17.94 -24.10
CA GLY D 100 -28.72 -18.27 -25.26
C GLY D 100 -28.22 -19.41 -26.12
N GLY D 101 -26.91 -19.57 -26.22
CA GLY D 101 -26.25 -20.60 -27.02
C GLY D 101 -25.49 -20.03 -28.19
N THR D 102 -24.48 -20.78 -28.70
CA THR D 102 -23.67 -20.40 -29.85
C THR D 102 -23.47 -21.61 -30.77
N LYS D 103 -24.13 -21.60 -31.93
CA LYS D 103 -24.02 -22.69 -32.91
C LYS D 103 -22.71 -22.51 -33.73
N VAL D 104 -21.78 -23.48 -33.65
CA VAL D 104 -20.54 -23.40 -34.43
C VAL D 104 -20.69 -24.34 -35.62
N GLU D 105 -20.89 -23.75 -36.80
CA GLU D 105 -21.15 -24.44 -38.06
C GLU D 105 -19.86 -24.66 -38.82
N ILE D 106 -19.82 -25.71 -39.68
CA ILE D 106 -18.71 -26.06 -40.56
C ILE D 106 -18.84 -25.17 -41.81
N LYS D 107 -17.82 -24.33 -42.06
CA LYS D 107 -17.81 -23.46 -43.24
C LYS D 107 -17.30 -24.23 -44.45
N ARG D 108 -18.12 -24.28 -45.52
CA ARG D 108 -17.79 -24.97 -46.78
C ARG D 108 -18.14 -24.13 -48.04
N THR D 109 -17.92 -24.69 -49.25
CA THR D 109 -18.19 -24.00 -50.52
C THR D 109 -19.68 -23.82 -50.74
N VAL D 110 -20.06 -22.75 -51.46
CA VAL D 110 -21.46 -22.45 -51.76
C VAL D 110 -22.06 -23.61 -52.54
N ALA D 111 -23.22 -24.11 -52.08
CA ALA D 111 -23.94 -25.22 -52.71
C ALA D 111 -25.40 -24.84 -52.94
N ALA D 112 -25.82 -24.86 -54.22
CA ALA D 112 -27.19 -24.56 -54.65
C ALA D 112 -28.13 -25.73 -54.29
N PRO D 113 -29.43 -25.49 -53.97
CA PRO D 113 -30.31 -26.61 -53.62
C PRO D 113 -30.89 -27.37 -54.79
N SER D 114 -31.20 -28.65 -54.59
CA SER D 114 -31.87 -29.48 -55.60
C SER D 114 -33.35 -29.32 -55.23
N VAL D 115 -34.15 -28.64 -56.10
CA VAL D 115 -35.55 -28.32 -55.82
C VAL D 115 -36.50 -29.35 -56.40
N PHE D 116 -37.37 -29.91 -55.53
CA PHE D 116 -38.40 -30.89 -55.88
C PHE D 116 -39.72 -30.50 -55.27
N ILE D 117 -40.79 -30.68 -56.03
CA ILE D 117 -42.16 -30.43 -55.61
C ILE D 117 -42.95 -31.75 -55.69
N PHE D 118 -43.69 -32.07 -54.63
CA PHE D 118 -44.50 -33.28 -54.58
C PHE D 118 -45.99 -32.94 -54.46
N PRO D 119 -46.83 -33.37 -55.44
CA PRO D 119 -48.28 -33.10 -55.33
C PRO D 119 -48.90 -33.92 -54.20
N PRO D 120 -50.07 -33.56 -53.64
CA PRO D 120 -50.66 -34.40 -52.57
C PRO D 120 -51.10 -35.75 -53.10
N SER D 121 -51.00 -36.80 -52.26
CA SER D 121 -51.37 -38.14 -52.67
C SER D 121 -52.90 -38.28 -52.78
N ASP D 122 -53.35 -39.15 -53.69
CA ASP D 122 -54.76 -39.45 -53.90
C ASP D 122 -55.34 -40.05 -52.63
N GLU D 123 -54.54 -40.89 -51.93
CA GLU D 123 -54.84 -41.52 -50.65
C GLU D 123 -55.15 -40.44 -49.58
N GLN D 124 -54.37 -39.34 -49.58
CA GLN D 124 -54.55 -38.24 -48.64
C GLN D 124 -55.76 -37.39 -48.98
N LEU D 125 -55.94 -37.05 -50.27
CA LEU D 125 -57.05 -36.23 -50.75
C LEU D 125 -58.40 -36.79 -50.35
N LYS D 126 -58.45 -38.12 -50.03
CA LYS D 126 -59.64 -38.84 -49.58
C LYS D 126 -60.13 -38.33 -48.23
N SER D 127 -59.21 -37.82 -47.38
CA SER D 127 -59.52 -37.31 -46.04
C SER D 127 -60.04 -35.87 -46.06
N GLY D 128 -59.72 -35.19 -47.15
CA GLY D 128 -60.14 -33.81 -47.37
C GLY D 128 -59.02 -32.80 -47.19
N THR D 129 -57.76 -33.28 -47.14
CA THR D 129 -56.59 -32.43 -46.96
C THR D 129 -55.63 -32.62 -48.12
N ALA D 130 -54.95 -31.54 -48.51
CA ALA D 130 -53.95 -31.57 -49.57
C ALA D 130 -52.65 -30.99 -49.04
N SER D 131 -51.62 -31.84 -48.92
CA SER D 131 -50.30 -31.46 -48.46
C SER D 131 -49.37 -31.44 -49.62
N VAL D 132 -49.03 -30.24 -50.06
CA VAL D 132 -48.12 -30.01 -51.17
C VAL D 132 -46.78 -29.76 -50.51
N VAL D 133 -45.78 -30.59 -50.84
CA VAL D 133 -44.45 -30.53 -50.25
C VAL D 133 -43.40 -30.03 -51.25
N CYS D 134 -42.49 -29.18 -50.77
CA CYS D 134 -41.36 -28.71 -51.53
C CYS D 134 -40.09 -29.06 -50.80
N LEU D 135 -39.11 -29.63 -51.53
CA LEU D 135 -37.83 -30.05 -51.01
C LEU D 135 -36.66 -29.31 -51.65
N LEU D 136 -35.84 -28.71 -50.82
CA LEU D 136 -34.60 -28.03 -51.16
C LEU D 136 -33.56 -28.97 -50.55
N ASN D 137 -32.88 -29.78 -51.40
CA ASN D 137 -31.96 -30.82 -50.96
C ASN D 137 -30.46 -30.52 -51.16
N ASN D 138 -29.67 -30.78 -50.10
CA ASN D 138 -28.21 -30.64 -50.03
C ASN D 138 -27.69 -29.30 -50.55
N PHE D 139 -27.76 -28.26 -49.71
CA PHE D 139 -27.35 -26.89 -50.04
C PHE D 139 -26.53 -26.22 -48.92
N TYR D 140 -25.88 -25.08 -49.23
CA TYR D 140 -25.06 -24.28 -48.31
C TYR D 140 -25.04 -22.79 -48.75
N PRO D 141 -25.24 -21.81 -47.82
CA PRO D 141 -25.52 -21.93 -46.37
C PRO D 141 -26.97 -22.26 -46.06
N ARG D 142 -27.32 -22.38 -44.75
CA ARG D 142 -28.65 -22.71 -44.22
C ARG D 142 -29.73 -21.73 -44.67
N GLU D 143 -29.31 -20.48 -44.99
CA GLU D 143 -30.17 -19.38 -45.42
C GLU D 143 -30.73 -19.59 -46.82
N ALA D 144 -32.04 -19.90 -46.87
CA ALA D 144 -32.83 -20.15 -48.08
C ALA D 144 -34.26 -19.65 -47.90
N LYS D 145 -34.86 -19.13 -48.98
CA LYS D 145 -36.24 -18.66 -48.95
C LYS D 145 -37.07 -19.37 -49.98
N VAL D 146 -38.11 -20.06 -49.49
CA VAL D 146 -39.09 -20.79 -50.30
C VAL D 146 -40.44 -20.04 -50.24
N GLN D 147 -40.94 -19.66 -51.42
CA GLN D 147 -42.21 -18.96 -51.65
C GLN D 147 -43.19 -19.88 -52.38
N TRP D 148 -44.39 -20.02 -51.80
CA TRP D 148 -45.48 -20.81 -52.37
C TRP D 148 -46.39 -19.92 -53.20
N LYS D 149 -46.59 -20.30 -54.46
CA LYS D 149 -47.45 -19.56 -55.38
C LYS D 149 -48.51 -20.48 -55.99
N VAL D 150 -49.81 -20.16 -55.77
CA VAL D 150 -50.95 -20.92 -56.31
C VAL D 150 -51.68 -20.02 -57.29
N ASP D 151 -51.64 -20.38 -58.59
CA ASP D 151 -52.22 -19.59 -59.70
C ASP D 151 -51.61 -18.18 -59.73
N ASN D 152 -50.29 -18.14 -59.40
CA ASN D 152 -49.44 -16.98 -59.28
C ASN D 152 -49.66 -16.12 -58.03
N ALA D 153 -50.70 -16.45 -57.22
CA ALA D 153 -50.99 -15.76 -55.97
C ALA D 153 -49.99 -16.15 -54.91
N LEU D 154 -49.32 -15.15 -54.31
CA LEU D 154 -48.33 -15.33 -53.27
C LEU D 154 -49.00 -15.86 -52.02
N GLN D 155 -48.47 -16.98 -51.46
CA GLN D 155 -49.02 -17.73 -50.34
C GLN D 155 -48.37 -17.56 -48.97
N SER D 156 -49.13 -16.97 -48.07
CA SER D 156 -48.80 -16.67 -46.69
C SER D 156 -49.70 -17.46 -45.74
N GLY D 157 -49.19 -17.69 -44.52
CA GLY D 157 -49.91 -18.34 -43.43
C GLY D 157 -50.37 -19.78 -43.57
N ASN D 158 -50.04 -20.44 -44.68
CA ASN D 158 -50.43 -21.83 -44.92
C ASN D 158 -49.22 -22.73 -45.29
N SER D 159 -48.05 -22.41 -44.74
CA SER D 159 -46.77 -23.08 -44.96
C SER D 159 -46.02 -23.33 -43.63
N GLN D 160 -45.25 -24.44 -43.55
CA GLN D 160 -44.39 -24.82 -42.40
C GLN D 160 -43.11 -25.47 -42.91
N GLU D 161 -41.97 -24.91 -42.51
CA GLU D 161 -40.62 -25.34 -42.91
C GLU D 161 -39.92 -26.19 -41.84
N SER D 162 -38.92 -26.97 -42.26
CA SER D 162 -38.11 -27.85 -41.40
C SER D 162 -36.73 -28.00 -42.03
N VAL D 163 -35.66 -27.77 -41.24
CA VAL D 163 -34.29 -27.85 -41.73
C VAL D 163 -33.48 -28.92 -40.99
N THR D 164 -32.91 -29.89 -41.73
CA THR D 164 -32.05 -30.94 -41.18
C THR D 164 -30.81 -30.29 -40.52
N GLU D 165 -30.13 -31.03 -39.61
CA GLU D 165 -28.91 -30.52 -39.00
C GLU D 165 -27.81 -30.68 -40.02
N GLN D 166 -26.75 -29.86 -39.94
CA GLN D 166 -25.66 -29.89 -40.90
C GLN D 166 -25.11 -31.30 -41.12
N ASP D 167 -25.25 -31.81 -42.37
CA ASP D 167 -24.84 -33.16 -42.75
C ASP D 167 -23.41 -33.44 -42.36
N SER D 168 -23.17 -34.61 -41.74
CA SER D 168 -21.83 -35.00 -41.27
C SER D 168 -20.81 -35.25 -42.39
N LYS D 169 -21.25 -35.81 -43.54
CA LYS D 169 -20.40 -36.11 -44.68
C LYS D 169 -20.01 -34.87 -45.50
N ASP D 170 -21.00 -34.13 -46.05
CA ASP D 170 -20.74 -32.98 -46.93
C ASP D 170 -20.99 -31.59 -46.38
N SER D 171 -21.31 -31.47 -45.08
CA SER D 171 -21.54 -30.20 -44.38
C SER D 171 -22.67 -29.33 -45.00
N THR D 172 -23.63 -30.00 -45.67
CA THR D 172 -24.76 -29.37 -46.35
C THR D 172 -26.05 -29.44 -45.54
N TYR D 173 -27.02 -28.61 -45.93
CA TYR D 173 -28.36 -28.55 -45.35
C TYR D 173 -29.42 -29.04 -46.34
N SER D 174 -30.57 -29.42 -45.80
CA SER D 174 -31.75 -29.83 -46.56
C SER D 174 -32.94 -29.22 -45.86
N LEU D 175 -33.94 -28.77 -46.65
CA LEU D 175 -35.14 -28.08 -46.20
C LEU D 175 -36.38 -28.72 -46.78
N SER D 176 -37.46 -28.77 -45.98
CA SER D 176 -38.79 -29.25 -46.36
C SER D 176 -39.81 -28.16 -46.01
N SER D 177 -40.56 -27.66 -47.02
CA SER D 177 -41.63 -26.67 -46.82
C SER D 177 -42.91 -27.37 -47.19
N THR D 178 -43.95 -27.26 -46.35
CA THR D 178 -45.22 -27.95 -46.60
C THR D 178 -46.41 -27.00 -46.65
N LEU D 179 -47.11 -26.98 -47.80
CA LEU D 179 -48.29 -26.17 -48.04
C LEU D 179 -49.54 -26.99 -47.71
N THR D 180 -50.31 -26.54 -46.70
CA THR D 180 -51.53 -27.23 -46.29
C THR D 180 -52.76 -26.47 -46.77
N LEU D 181 -53.50 -27.14 -47.64
CA LEU D 181 -54.73 -26.66 -48.25
C LEU D 181 -55.80 -27.74 -48.09
N SER D 182 -57.08 -27.32 -48.09
CA SER D 182 -58.21 -28.25 -47.99
C SER D 182 -58.48 -28.81 -49.39
N LYS D 183 -59.16 -29.97 -49.50
CA LYS D 183 -59.48 -30.56 -50.80
C LYS D 183 -60.22 -29.52 -51.65
N ALA D 184 -61.16 -28.77 -51.03
CA ALA D 184 -61.97 -27.73 -51.68
C ALA D 184 -61.10 -26.61 -52.33
N ASP D 185 -60.20 -25.98 -51.54
CA ASP D 185 -59.31 -24.91 -52.01
C ASP D 185 -58.31 -25.46 -53.03
N TYR D 186 -57.77 -26.66 -52.76
CA TYR D 186 -56.82 -27.32 -53.64
C TYR D 186 -57.44 -27.52 -55.02
N GLU D 187 -58.68 -28.04 -55.07
CA GLU D 187 -59.40 -28.30 -56.32
C GLU D 187 -59.92 -27.05 -57.04
N LYS D 188 -59.83 -25.89 -56.38
CA LYS D 188 -60.27 -24.58 -56.83
C LYS D 188 -59.20 -23.87 -57.74
N HIS D 189 -57.93 -24.38 -57.74
CA HIS D 189 -56.81 -23.81 -58.48
C HIS D 189 -56.00 -24.84 -59.29
N LYS D 190 -55.28 -24.39 -60.35
CA LYS D 190 -54.50 -25.27 -61.24
C LYS D 190 -53.00 -25.39 -60.97
N VAL D 191 -52.23 -24.29 -61.21
CA VAL D 191 -50.76 -24.27 -61.03
C VAL D 191 -50.35 -24.14 -59.57
N TYR D 192 -49.47 -25.08 -59.12
CA TYR D 192 -48.90 -25.12 -57.78
C TYR D 192 -47.40 -25.04 -57.91
N ALA D 193 -46.84 -23.86 -57.58
CA ALA D 193 -45.42 -23.56 -57.71
C ALA D 193 -44.68 -23.28 -56.40
N CYS D 194 -43.42 -23.70 -56.37
CA CYS D 194 -42.50 -23.51 -55.26
C CYS D 194 -41.29 -22.74 -55.81
N GLU D 195 -41.13 -21.46 -55.43
CA GLU D 195 -40.01 -20.63 -55.88
C GLU D 195 -38.95 -20.58 -54.81
N VAL D 196 -37.69 -20.88 -55.19
CA VAL D 196 -36.55 -20.98 -54.28
C VAL D 196 -35.47 -19.92 -54.51
N THR D 197 -35.10 -19.18 -53.43
CA THR D 197 -34.07 -18.13 -53.45
C THR D 197 -32.89 -18.60 -52.58
N HIS D 198 -31.72 -18.76 -53.22
CA HIS D 198 -30.49 -19.20 -52.57
C HIS D 198 -29.25 -18.58 -53.27
N GLN D 199 -28.19 -18.35 -52.47
CA GLN D 199 -26.90 -17.81 -52.88
C GLN D 199 -26.30 -18.54 -54.11
N GLY D 200 -26.36 -19.88 -54.08
CA GLY D 200 -25.86 -20.75 -55.13
C GLY D 200 -26.61 -20.69 -56.44
N LEU D 201 -27.85 -20.16 -56.41
CA LEU D 201 -28.69 -20.00 -57.59
C LEU D 201 -28.53 -18.59 -58.17
N SER D 202 -28.17 -18.50 -59.48
CA SER D 202 -27.97 -17.22 -60.19
C SER D 202 -29.23 -16.38 -60.20
N SER D 203 -30.39 -17.03 -60.39
CA SER D 203 -31.73 -16.46 -60.41
C SER D 203 -32.67 -17.47 -59.72
N PRO D 204 -33.72 -17.02 -58.97
CA PRO D 204 -34.64 -17.97 -58.31
C PRO D 204 -35.20 -19.09 -59.21
N VAL D 205 -35.10 -20.32 -58.71
CA VAL D 205 -35.56 -21.56 -59.34
C VAL D 205 -36.99 -21.79 -58.92
N THR D 206 -37.86 -22.16 -59.88
CA THR D 206 -39.26 -22.43 -59.63
C THR D 206 -39.58 -23.85 -60.07
N LYS D 207 -40.12 -24.67 -59.16
CA LYS D 207 -40.55 -26.03 -59.50
C LYS D 207 -42.04 -26.14 -59.26
N SER D 208 -42.82 -26.33 -60.35
CA SER D 208 -44.28 -26.37 -60.31
C SER D 208 -44.93 -27.59 -60.96
N PHE D 209 -46.28 -27.69 -60.80
CA PHE D 209 -47.17 -28.71 -61.35
C PHE D 209 -48.60 -28.15 -61.52
N ASN D 210 -49.37 -28.76 -62.46
CA ASN D 210 -50.78 -28.42 -62.73
C ASN D 210 -51.63 -29.58 -62.21
N ARG D 211 -52.48 -29.30 -61.19
CA ARG D 211 -53.38 -30.28 -60.55
C ARG D 211 -54.25 -31.00 -61.57
N GLU E 1 -17.37 -13.66 -48.09
CA GLU E 1 -17.74 -13.62 -49.50
C GLU E 1 -17.50 -12.20 -50.13
N VAL E 2 -18.23 -11.10 -49.79
CA VAL E 2 -19.40 -10.89 -48.90
C VAL E 2 -20.70 -10.99 -49.80
N GLN E 3 -21.82 -11.47 -49.23
CA GLN E 3 -23.09 -11.55 -49.95
C GLN E 3 -24.29 -11.18 -49.08
N LEU E 4 -25.30 -10.56 -49.70
CA LEU E 4 -26.60 -10.17 -49.16
C LEU E 4 -27.66 -10.53 -50.21
N LEU E 5 -28.67 -11.34 -49.84
CA LEU E 5 -29.72 -11.75 -50.79
C LEU E 5 -31.14 -11.55 -50.28
N GLU E 6 -31.85 -10.63 -50.93
CA GLU E 6 -33.23 -10.30 -50.61
C GLU E 6 -34.16 -11.29 -51.28
N SER E 7 -35.36 -11.45 -50.68
CA SER E 7 -36.41 -12.35 -51.15
C SER E 7 -37.69 -12.03 -50.40
N GLY E 8 -38.83 -12.33 -51.02
CA GLY E 8 -40.13 -12.12 -50.40
C GLY E 8 -41.00 -11.04 -51.02
N GLY E 9 -40.50 -10.42 -52.10
CA GLY E 9 -41.17 -9.32 -52.79
C GLY E 9 -41.85 -9.67 -54.09
N GLY E 10 -43.00 -9.00 -54.34
CA GLY E 10 -43.84 -9.14 -55.53
C GLY E 10 -45.16 -8.38 -55.42
N LEU E 11 -46.20 -8.79 -56.19
CA LEU E 11 -47.51 -8.11 -56.17
C LEU E 11 -48.28 -8.35 -54.86
N VAL E 12 -48.89 -7.27 -54.37
CA VAL E 12 -49.68 -7.18 -53.14
C VAL E 12 -50.64 -6.00 -53.33
N GLN E 13 -51.89 -6.15 -52.87
CA GLN E 13 -52.93 -5.13 -52.95
C GLN E 13 -52.68 -4.02 -51.93
N PRO E 14 -53.15 -2.78 -52.16
CA PRO E 14 -52.97 -1.73 -51.15
C PRO E 14 -53.73 -2.09 -49.87
N GLY E 15 -53.16 -1.73 -48.73
CA GLY E 15 -53.71 -2.03 -47.42
C GLY E 15 -53.29 -3.41 -46.94
N GLY E 16 -52.55 -4.11 -47.80
CA GLY E 16 -52.03 -5.45 -47.54
C GLY E 16 -50.68 -5.47 -46.88
N SER E 17 -50.22 -6.69 -46.51
CA SER E 17 -48.95 -6.97 -45.83
C SER E 17 -48.00 -7.84 -46.63
N LEU E 18 -46.69 -7.64 -46.41
CA LEU E 18 -45.60 -8.38 -47.05
C LEU E 18 -44.40 -8.39 -46.11
N ARG E 19 -43.70 -9.54 -45.98
N ARG E 19 -43.68 -9.53 -46.02
CA ARG E 19 -42.53 -9.67 -45.11
CA ARG E 19 -42.55 -9.72 -45.12
C ARG E 19 -41.28 -10.04 -45.91
C ARG E 19 -41.28 -10.07 -45.90
N LEU E 20 -40.39 -9.06 -46.11
CA LEU E 20 -39.14 -9.24 -46.84
C LEU E 20 -38.10 -9.91 -45.96
N SER E 21 -37.16 -10.61 -46.57
CA SER E 21 -36.06 -11.26 -45.86
C SER E 21 -34.77 -10.94 -46.62
N CYS E 22 -33.65 -10.89 -45.90
CA CYS E 22 -32.34 -10.56 -46.45
C CYS E 22 -31.30 -11.49 -45.83
N ALA E 23 -30.75 -12.43 -46.63
CA ALA E 23 -29.79 -13.46 -46.24
C ALA E 23 -28.35 -13.00 -46.24
N ALA E 24 -27.79 -12.79 -45.04
CA ALA E 24 -26.42 -12.33 -44.86
C ALA E 24 -25.48 -13.52 -44.73
N SER E 25 -24.33 -13.44 -45.43
CA SER E 25 -23.28 -14.45 -45.47
C SER E 25 -21.95 -13.87 -45.91
N GLY E 26 -20.85 -14.37 -45.34
CA GLY E 26 -19.48 -13.94 -45.65
C GLY E 26 -18.88 -12.91 -44.72
N PHE E 27 -19.56 -12.65 -43.59
CA PHE E 27 -19.18 -11.71 -42.55
C PHE E 27 -20.02 -11.98 -41.30
N THR E 28 -19.59 -11.41 -40.15
CA THR E 28 -20.28 -11.55 -38.87
C THR E 28 -21.45 -10.56 -38.80
N PHE E 29 -22.64 -11.08 -39.13
CA PHE E 29 -23.92 -10.39 -39.18
C PHE E 29 -24.30 -9.75 -37.87
N SER E 30 -24.23 -10.51 -36.77
CA SER E 30 -24.58 -10.11 -35.41
C SER E 30 -23.79 -8.94 -34.88
N SER E 31 -22.64 -8.62 -35.52
CA SER E 31 -21.76 -7.52 -35.11
C SER E 31 -21.86 -6.30 -36.05
N TYR E 32 -22.78 -6.35 -37.02
CA TYR E 32 -22.98 -5.30 -38.01
C TYR E 32 -24.40 -4.75 -37.99
N ALA E 33 -24.53 -3.42 -38.00
CA ALA E 33 -25.83 -2.72 -38.02
C ALA E 33 -26.37 -2.81 -39.45
N MET E 34 -27.69 -2.99 -39.62
CA MET E 34 -28.25 -3.20 -40.94
C MET E 34 -29.26 -2.17 -41.39
N SER E 35 -29.42 -2.00 -42.73
CA SER E 35 -30.35 -1.04 -43.34
C SER E 35 -31.17 -1.56 -44.54
N TRP E 36 -32.38 -0.97 -44.73
CA TRP E 36 -33.28 -1.24 -45.87
C TRP E 36 -33.44 0.09 -46.64
N VAL E 37 -33.18 0.08 -47.95
CA VAL E 37 -33.25 1.26 -48.81
C VAL E 37 -33.98 0.86 -50.09
N ARG E 38 -34.94 1.68 -50.57
CA ARG E 38 -35.73 1.37 -51.78
C ARG E 38 -35.51 2.30 -52.97
N GLN E 39 -35.85 1.80 -54.18
CA GLN E 39 -35.75 2.54 -55.44
C GLN E 39 -36.96 2.26 -56.35
N ALA E 40 -37.87 3.25 -56.44
CA ALA E 40 -39.04 3.16 -57.31
C ALA E 40 -38.55 3.18 -58.75
N PRO E 41 -39.15 2.39 -59.68
CA PRO E 41 -38.65 2.36 -61.07
C PRO E 41 -38.13 3.69 -61.65
N GLY E 42 -38.92 4.76 -61.48
CA GLY E 42 -38.53 6.11 -61.87
C GLY E 42 -37.45 6.65 -60.94
N LYS E 43 -36.29 5.94 -60.95
CA LYS E 43 -35.05 6.00 -60.16
C LYS E 43 -34.89 7.12 -59.12
N GLY E 44 -33.97 6.91 -58.19
CA GLY E 44 -33.73 7.81 -57.07
C GLY E 44 -33.93 6.99 -55.81
N LEU E 45 -33.00 7.14 -54.83
CA LEU E 45 -33.00 6.31 -53.63
C LEU E 45 -33.66 6.92 -52.41
N GLU E 46 -34.25 6.07 -51.56
CA GLU E 46 -34.94 6.48 -50.34
C GLU E 46 -34.60 5.54 -49.18
N TRP E 47 -34.21 6.12 -48.02
CA TRP E 47 -33.91 5.37 -46.80
C TRP E 47 -35.24 4.83 -46.23
N VAL E 48 -35.27 3.53 -45.90
CA VAL E 48 -36.47 2.90 -45.37
C VAL E 48 -36.34 2.71 -43.86
N SER E 49 -35.22 2.10 -43.39
CA SER E 49 -35.01 1.81 -41.98
C SER E 49 -33.60 1.32 -41.69
N THR E 50 -33.15 1.51 -40.42
CA THR E 50 -31.86 1.06 -39.88
C THR E 50 -32.09 0.34 -38.55
N ILE E 51 -31.31 -0.72 -38.32
CA ILE E 51 -31.36 -1.54 -37.11
C ILE E 51 -29.94 -1.68 -36.54
N SER E 52 -29.81 -1.64 -35.19
CA SER E 52 -28.56 -1.82 -34.45
C SER E 52 -28.07 -3.27 -34.59
N SER E 53 -26.76 -3.52 -34.41
CA SER E 53 -26.15 -4.86 -34.49
C SER E 53 -26.89 -5.91 -33.62
N GLY E 54 -27.26 -5.52 -32.40
CA GLY E 54 -27.99 -6.36 -31.46
C GLY E 54 -29.47 -6.49 -31.78
N GLY E 55 -30.05 -5.45 -32.37
CA GLY E 55 -31.47 -5.39 -32.73
C GLY E 55 -32.33 -4.49 -31.86
N SER E 56 -31.78 -4.08 -30.71
CA SER E 56 -32.45 -3.23 -29.72
C SER E 56 -32.87 -1.84 -30.23
N TYR E 57 -32.11 -1.28 -31.20
CA TYR E 57 -32.35 0.06 -31.72
C TYR E 57 -32.76 0.08 -33.19
N THR E 58 -33.82 0.84 -33.51
CA THR E 58 -34.39 0.97 -34.87
C THR E 58 -34.83 2.42 -35.15
N SER E 59 -34.53 2.94 -36.34
CA SER E 59 -34.96 4.28 -36.77
C SER E 59 -35.62 4.17 -38.15
N TYR E 60 -36.68 4.96 -38.38
CA TYR E 60 -37.47 4.97 -39.61
C TYR E 60 -37.82 6.40 -40.07
N PRO E 61 -38.04 6.64 -41.39
CA PRO E 61 -38.52 7.97 -41.81
C PRO E 61 -40.04 8.05 -41.58
N ASP E 62 -40.60 9.27 -41.54
CA ASP E 62 -42.04 9.49 -41.36
C ASP E 62 -42.89 8.88 -42.45
N SER E 63 -42.29 8.64 -43.64
CA SER E 63 -42.99 8.02 -44.78
C SER E 63 -43.42 6.57 -44.55
N VAL E 64 -42.63 5.77 -43.79
CA VAL E 64 -42.93 4.35 -43.54
C VAL E 64 -43.14 3.99 -42.07
N LYS E 65 -42.86 4.94 -41.15
CA LYS E 65 -42.99 4.77 -39.69
C LYS E 65 -44.41 4.36 -39.32
N GLY E 66 -44.54 3.39 -38.40
CA GLY E 66 -45.83 2.90 -37.94
C GLY E 66 -46.38 1.75 -38.77
N ARG E 67 -46.02 1.71 -40.08
CA ARG E 67 -46.44 0.71 -41.07
C ARG E 67 -45.39 -0.41 -41.21
N PHE E 68 -44.11 -0.03 -41.38
CA PHE E 68 -42.99 -0.97 -41.56
C PHE E 68 -42.24 -1.22 -40.25
N THR E 69 -41.73 -2.47 -40.07
CA THR E 69 -40.92 -2.90 -38.94
C THR E 69 -39.68 -3.69 -39.39
N ILE E 70 -38.49 -3.17 -39.08
CA ILE E 70 -37.19 -3.80 -39.35
C ILE E 70 -36.86 -4.72 -38.17
N SER E 71 -36.61 -5.99 -38.44
CA SER E 71 -36.29 -6.95 -37.41
C SER E 71 -35.11 -7.81 -37.86
N ARG E 72 -34.48 -8.53 -36.94
CA ARG E 72 -33.41 -9.47 -37.32
C ARG E 72 -33.38 -10.62 -36.35
N ASP E 73 -32.86 -11.76 -36.85
CA ASP E 73 -32.62 -12.97 -36.07
C ASP E 73 -31.19 -13.31 -36.42
N ASN E 74 -30.26 -12.80 -35.61
CA ASN E 74 -28.81 -12.99 -35.74
C ASN E 74 -28.39 -14.46 -35.79
N SER E 75 -29.16 -15.36 -35.13
CA SER E 75 -28.92 -16.81 -35.15
C SER E 75 -29.19 -17.39 -36.55
N LYS E 76 -30.17 -16.80 -37.27
CA LYS E 76 -30.56 -17.21 -38.62
C LYS E 76 -29.80 -16.45 -39.71
N ASN E 77 -28.97 -15.43 -39.31
CA ASN E 77 -28.22 -14.55 -40.21
C ASN E 77 -29.15 -13.89 -41.23
N THR E 78 -30.34 -13.47 -40.75
CA THR E 78 -31.38 -12.88 -41.55
C THR E 78 -31.90 -11.55 -41.00
N LEU E 79 -32.18 -10.64 -41.95
CA LEU E 79 -32.72 -9.30 -41.75
C LEU E 79 -34.15 -9.34 -42.32
N TYR E 80 -35.11 -8.75 -41.60
CA TYR E 80 -36.49 -8.74 -42.04
C TYR E 80 -37.04 -7.33 -42.16
N LEU E 81 -38.08 -7.19 -42.97
CA LEU E 81 -38.86 -5.97 -43.15
C LEU E 81 -40.30 -6.37 -43.28
N GLN E 82 -41.08 -6.09 -42.23
CA GLN E 82 -42.51 -6.37 -42.23
C GLN E 82 -43.15 -5.08 -42.73
N MET E 83 -43.79 -5.18 -43.87
CA MET E 83 -44.43 -4.03 -44.46
C MET E 83 -45.92 -4.27 -44.31
N ASN E 84 -46.61 -3.46 -43.49
CA ASN E 84 -48.05 -3.54 -43.26
C ASN E 84 -48.68 -2.24 -43.74
N SER E 85 -50.01 -2.24 -43.94
CA SER E 85 -50.77 -1.07 -44.40
C SER E 85 -50.13 -0.44 -45.66
N LEU E 86 -49.79 -1.31 -46.63
CA LEU E 86 -49.11 -0.93 -47.87
C LEU E 86 -49.89 0.02 -48.76
N ARG E 87 -49.16 0.98 -49.34
CA ARG E 87 -49.68 2.01 -50.23
C ARG E 87 -49.00 1.84 -51.56
N ALA E 88 -49.62 2.31 -52.64
CA ALA E 88 -49.09 2.25 -53.99
C ALA E 88 -47.71 2.90 -54.06
N GLU E 89 -47.52 4.02 -53.30
CA GLU E 89 -46.27 4.80 -53.19
C GLU E 89 -45.06 3.98 -52.64
N ASP E 90 -45.33 2.77 -52.08
CA ASP E 90 -44.31 1.84 -51.59
C ASP E 90 -43.81 0.88 -52.69
N THR E 91 -44.25 1.06 -53.96
CA THR E 91 -43.79 0.26 -55.10
C THR E 91 -42.34 0.65 -55.39
N ALA E 92 -41.41 -0.30 -55.20
CA ALA E 92 -39.97 -0.10 -55.43
C ALA E 92 -39.20 -1.40 -55.40
N VAL E 93 -37.92 -1.32 -55.79
CA VAL E 93 -36.95 -2.40 -55.68
C VAL E 93 -36.39 -2.16 -54.29
N TYR E 94 -36.53 -3.13 -53.36
CA TYR E 94 -36.06 -3.03 -51.97
C TYR E 94 -34.72 -3.69 -51.73
N TYR E 95 -33.72 -2.87 -51.35
CA TYR E 95 -32.35 -3.34 -51.05
C TYR E 95 -32.07 -3.42 -49.56
N CYS E 96 -31.28 -4.42 -49.17
CA CYS E 96 -30.75 -4.55 -47.82
C CYS E 96 -29.26 -4.29 -47.92
N ALA E 97 -28.69 -3.59 -46.94
CA ALA E 97 -27.28 -3.22 -46.94
C ALA E 97 -26.68 -3.14 -45.55
N LYS E 98 -25.33 -3.21 -45.52
CA LYS E 98 -24.51 -3.11 -44.32
C LYS E 98 -24.51 -1.64 -43.89
N GLN E 99 -24.70 -1.37 -42.58
CA GLN E 99 -24.69 0.00 -42.09
C GLN E 99 -23.48 0.31 -41.20
N ASP E 100 -22.64 1.20 -41.72
CA ASP E 100 -21.46 1.73 -41.04
C ASP E 100 -21.73 3.24 -41.02
N TYR E 101 -20.85 4.09 -41.61
CA TYR E 101 -21.12 5.53 -41.69
C TYR E 101 -22.14 5.72 -42.79
N ALA E 102 -22.06 4.84 -43.79
CA ALA E 102 -22.94 4.78 -44.94
C ALA E 102 -23.16 3.30 -45.29
N MET E 103 -24.07 3.02 -46.23
CA MET E 103 -24.37 1.64 -46.65
C MET E 103 -23.23 1.15 -47.57
N ASN E 104 -22.32 0.32 -47.04
CA ASN E 104 -21.13 -0.16 -47.76
C ASN E 104 -21.27 -1.23 -48.89
N TYR E 105 -21.97 -2.34 -48.61
CA TYR E 105 -22.27 -3.43 -49.54
C TYR E 105 -23.79 -3.53 -49.56
N TRP E 106 -24.37 -3.52 -50.78
CA TRP E 106 -25.82 -3.60 -51.00
C TRP E 106 -26.19 -4.91 -51.73
N GLY E 107 -27.33 -5.48 -51.36
CA GLY E 107 -27.87 -6.67 -51.99
C GLY E 107 -28.54 -6.30 -53.29
N GLN E 108 -28.66 -7.23 -54.25
CA GLN E 108 -29.24 -6.90 -55.54
C GLN E 108 -30.69 -6.38 -55.56
N GLY E 109 -31.43 -6.63 -54.47
CA GLY E 109 -32.80 -6.18 -54.29
C GLY E 109 -33.91 -7.16 -54.63
N THR E 110 -35.15 -6.74 -54.32
CA THR E 110 -36.41 -7.46 -54.54
C THR E 110 -37.51 -6.46 -54.89
N LEU E 111 -38.22 -6.70 -55.98
CA LEU E 111 -39.27 -5.78 -56.40
C LEU E 111 -40.62 -6.02 -55.71
N VAL E 112 -41.15 -4.98 -55.06
CA VAL E 112 -42.44 -4.98 -54.38
C VAL E 112 -43.34 -4.08 -55.20
N THR E 113 -44.49 -4.63 -55.67
CA THR E 113 -45.49 -3.91 -56.49
C THR E 113 -46.78 -3.80 -55.68
N VAL E 114 -47.17 -2.54 -55.35
CA VAL E 114 -48.41 -2.26 -54.60
C VAL E 114 -49.43 -1.63 -55.58
N SER E 115 -50.49 -2.41 -55.92
CA SER E 115 -51.54 -2.01 -56.85
C SER E 115 -52.80 -2.85 -56.65
N SER E 116 -53.94 -2.32 -57.08
CA SER E 116 -55.24 -3.02 -57.06
C SER E 116 -55.44 -3.81 -58.36
N ALA E 117 -54.66 -3.47 -59.41
CA ALA E 117 -54.67 -4.12 -60.72
C ALA E 117 -54.26 -5.58 -60.60
N SER E 118 -55.13 -6.47 -61.07
CA SER E 118 -54.93 -7.92 -61.06
C SER E 118 -53.78 -8.33 -61.97
N THR E 119 -53.19 -9.51 -61.67
CA THR E 119 -52.14 -10.13 -62.48
C THR E 119 -52.73 -10.45 -63.87
N LYS E 120 -52.10 -9.92 -64.94
CA LYS E 120 -52.52 -10.14 -66.33
C LYS E 120 -51.34 -10.52 -67.23
N GLY E 121 -51.54 -11.53 -68.07
CA GLY E 121 -50.52 -11.96 -69.02
C GLY E 121 -50.49 -11.06 -70.24
N PRO E 122 -49.34 -10.93 -70.96
CA PRO E 122 -49.32 -10.03 -72.13
C PRO E 122 -50.04 -10.54 -73.37
N SER E 123 -50.35 -9.59 -74.25
CA SER E 123 -50.90 -9.85 -75.57
C SER E 123 -49.74 -9.51 -76.50
N VAL E 124 -49.22 -10.50 -77.21
CA VAL E 124 -48.06 -10.28 -78.09
C VAL E 124 -48.56 -10.14 -79.54
N PHE E 125 -48.26 -8.98 -80.16
CA PHE E 125 -48.62 -8.62 -81.53
C PHE E 125 -47.36 -8.36 -82.33
N PRO E 126 -47.30 -8.72 -83.63
CA PRO E 126 -46.05 -8.48 -84.39
C PRO E 126 -45.85 -7.05 -84.82
N LEU E 127 -44.61 -6.72 -85.20
CA LEU E 127 -44.23 -5.45 -85.78
C LEU E 127 -43.56 -5.90 -87.09
N ALA E 128 -44.41 -6.10 -88.10
CA ALA E 128 -44.04 -6.63 -89.42
C ALA E 128 -43.09 -5.75 -90.24
N PRO E 129 -42.04 -6.37 -90.83
CA PRO E 129 -41.08 -5.60 -91.63
C PRO E 129 -41.63 -5.16 -92.98
N SER E 130 -41.25 -3.95 -93.45
CA SER E 130 -41.67 -3.40 -94.74
C SER E 130 -40.65 -3.73 -95.83
N GLY E 136 -32.28 -5.07 -100.97
CA GLY E 136 -32.32 -4.09 -99.89
C GLY E 136 -31.21 -4.26 -98.87
N GLY E 137 -31.01 -3.24 -98.05
CA GLY E 137 -29.97 -3.19 -97.00
C GLY E 137 -30.40 -3.84 -95.71
N THR E 138 -30.68 -3.04 -94.67
CA THR E 138 -31.14 -3.53 -93.36
C THR E 138 -32.67 -3.41 -93.19
N ALA E 139 -33.27 -4.40 -92.49
CA ALA E 139 -34.71 -4.47 -92.24
C ALA E 139 -35.00 -4.52 -90.75
N ALA E 140 -36.05 -3.82 -90.27
CA ALA E 140 -36.40 -3.83 -88.86
C ALA E 140 -37.73 -4.49 -88.64
N LEU E 141 -37.78 -5.34 -87.60
CA LEU E 141 -38.99 -6.03 -87.17
C LEU E 141 -38.99 -6.24 -85.67
N GLY E 142 -40.17 -6.40 -85.08
CA GLY E 142 -40.30 -6.60 -83.65
C GLY E 142 -41.60 -7.19 -83.17
N CYS E 143 -41.72 -7.28 -81.85
CA CYS E 143 -42.90 -7.78 -81.13
C CYS E 143 -43.37 -6.71 -80.16
N LEU E 144 -44.69 -6.49 -80.13
CA LEU E 144 -45.29 -5.56 -79.20
C LEU E 144 -45.90 -6.42 -78.08
N VAL E 145 -45.31 -6.32 -76.88
CA VAL E 145 -45.73 -7.02 -75.67
C VAL E 145 -46.61 -6.02 -74.91
N LYS E 146 -47.91 -6.12 -75.15
CA LYS E 146 -48.90 -5.19 -74.62
C LYS E 146 -49.76 -5.78 -73.52
N ASP E 147 -50.18 -4.90 -72.58
CA ASP E 147 -51.10 -5.18 -71.48
C ASP E 147 -50.73 -6.36 -70.60
N TYR E 148 -49.75 -6.16 -69.72
CA TYR E 148 -49.33 -7.16 -68.74
C TYR E 148 -49.03 -6.52 -67.39
N PHE E 149 -49.31 -7.26 -66.31
CA PHE E 149 -49.09 -6.77 -64.97
C PHE E 149 -48.89 -7.92 -64.00
N PRO E 150 -47.89 -7.83 -63.06
CA PRO E 150 -46.91 -6.76 -62.89
C PRO E 150 -45.64 -7.03 -63.70
N GLU E 151 -44.53 -6.33 -63.40
CA GLU E 151 -43.27 -6.58 -64.09
C GLU E 151 -42.56 -7.76 -63.38
N PRO E 152 -41.64 -8.47 -64.05
CA PRO E 152 -41.08 -8.24 -65.38
C PRO E 152 -41.54 -9.26 -66.42
N VAL E 153 -41.10 -9.04 -67.65
CA VAL E 153 -41.33 -9.93 -68.78
C VAL E 153 -39.97 -10.07 -69.43
N THR E 154 -39.68 -11.25 -69.97
CA THR E 154 -38.40 -11.52 -70.61
C THR E 154 -38.66 -11.81 -72.08
N VAL E 155 -37.96 -11.09 -72.97
CA VAL E 155 -38.14 -11.29 -74.41
C VAL E 155 -36.82 -11.76 -75.02
N SER E 156 -36.92 -12.88 -75.77
CA SER E 156 -35.83 -13.54 -76.49
C SER E 156 -36.21 -13.63 -77.97
N TRP E 157 -35.21 -13.85 -78.85
CA TRP E 157 -35.43 -13.98 -80.30
C TRP E 157 -34.83 -15.27 -80.82
N ASN E 158 -35.69 -16.11 -81.45
CA ASN E 158 -35.35 -17.43 -82.00
C ASN E 158 -34.78 -18.38 -80.93
N SER E 159 -35.43 -18.40 -79.74
CA SER E 159 -35.06 -19.19 -78.57
C SER E 159 -33.61 -18.90 -78.09
N GLY E 160 -33.26 -17.63 -78.06
CA GLY E 160 -31.95 -17.17 -77.62
C GLY E 160 -30.90 -17.09 -78.71
N ALA E 161 -31.15 -17.77 -79.87
CA ALA E 161 -30.23 -17.82 -81.02
C ALA E 161 -29.94 -16.44 -81.59
N LEU E 162 -30.99 -15.63 -81.80
CA LEU E 162 -30.85 -14.27 -82.29
C LEU E 162 -30.73 -13.32 -81.11
N THR E 163 -29.64 -12.55 -81.09
CA THR E 163 -29.38 -11.62 -80.01
C THR E 163 -28.71 -10.31 -80.47
N SER E 164 -27.98 -10.35 -81.59
CA SER E 164 -27.30 -9.17 -82.11
C SER E 164 -28.30 -8.27 -82.82
N GLY E 165 -28.35 -7.01 -82.38
CA GLY E 165 -29.24 -5.98 -82.91
C GLY E 165 -30.59 -5.92 -82.24
N VAL E 166 -30.79 -6.74 -81.18
CA VAL E 166 -32.02 -6.82 -80.41
C VAL E 166 -32.03 -5.68 -79.40
N HIS E 167 -33.15 -4.95 -79.35
CA HIS E 167 -33.36 -3.86 -78.40
C HIS E 167 -34.68 -4.07 -77.69
N THR E 168 -34.64 -4.62 -76.48
CA THR E 168 -35.85 -4.79 -75.69
C THR E 168 -35.94 -3.52 -74.87
N PHE E 169 -36.94 -2.71 -75.16
CA PHE E 169 -37.14 -1.42 -74.52
C PHE E 169 -37.72 -1.55 -73.13
N PRO E 170 -37.29 -0.68 -72.17
CA PRO E 170 -37.92 -0.71 -70.84
C PRO E 170 -39.44 -0.57 -70.94
N ALA E 171 -40.15 -1.29 -70.08
CA ALA E 171 -41.61 -1.25 -70.06
C ALA E 171 -42.08 0.11 -69.59
N VAL E 172 -43.12 0.64 -70.27
CA VAL E 172 -43.73 1.94 -69.92
C VAL E 172 -45.12 1.62 -69.39
N LEU E 173 -45.42 2.13 -68.20
CA LEU E 173 -46.70 1.90 -67.56
C LEU E 173 -47.72 2.80 -68.22
N GLN E 174 -48.69 2.18 -68.93
CA GLN E 174 -49.78 2.81 -69.68
C GLN E 174 -50.81 3.45 -68.75
N SER E 175 -51.72 4.27 -69.33
CA SER E 175 -52.79 4.94 -68.58
C SER E 175 -53.74 3.98 -67.85
N SER E 176 -53.95 2.79 -68.44
CA SER E 176 -54.75 1.67 -67.94
C SER E 176 -54.24 1.07 -66.61
N GLY E 177 -52.96 1.26 -66.33
CA GLY E 177 -52.32 0.72 -65.14
C GLY E 177 -51.59 -0.57 -65.45
N LEU E 178 -51.60 -0.95 -66.75
CA LEU E 178 -50.91 -2.13 -67.28
C LEU E 178 -49.62 -1.71 -67.99
N TYR E 179 -48.64 -2.60 -68.02
CA TYR E 179 -47.36 -2.34 -68.68
C TYR E 179 -47.42 -2.75 -70.13
N SER E 180 -46.53 -2.17 -70.94
CA SER E 180 -46.40 -2.43 -72.36
C SER E 180 -44.98 -2.12 -72.81
N LEU E 181 -44.41 -3.02 -73.62
CA LEU E 181 -43.10 -2.83 -74.20
C LEU E 181 -43.00 -3.36 -75.61
N SER E 182 -41.90 -3.02 -76.26
CA SER E 182 -41.57 -3.44 -77.60
C SER E 182 -40.16 -4.00 -77.63
N SER E 183 -39.97 -5.08 -78.40
CA SER E 183 -38.68 -5.70 -78.62
C SER E 183 -38.49 -5.74 -80.12
N VAL E 184 -37.48 -5.02 -80.61
CA VAL E 184 -37.23 -4.94 -82.05
C VAL E 184 -35.91 -5.60 -82.44
N VAL E 185 -35.80 -6.05 -83.70
CA VAL E 185 -34.60 -6.63 -84.32
C VAL E 185 -34.30 -5.97 -85.66
N THR E 186 -33.00 -5.72 -85.88
CA THR E 186 -32.47 -5.24 -87.15
C THR E 186 -31.75 -6.43 -87.80
N VAL E 187 -32.23 -6.85 -88.98
CA VAL E 187 -31.73 -7.99 -89.75
C VAL E 187 -31.54 -7.64 -91.23
N PRO E 188 -30.60 -8.30 -91.97
CA PRO E 188 -30.47 -8.00 -93.42
C PRO E 188 -31.74 -8.37 -94.19
N SER E 189 -32.07 -7.58 -95.21
CA SER E 189 -33.27 -7.69 -96.04
C SER E 189 -33.47 -9.07 -96.66
N SER E 190 -32.39 -9.67 -97.14
CA SER E 190 -32.37 -10.98 -97.79
C SER E 190 -32.98 -12.10 -96.95
N SER E 191 -32.64 -12.13 -95.64
CA SER E 191 -33.06 -13.13 -94.68
C SER E 191 -34.57 -13.14 -94.36
N LEU E 192 -35.29 -12.06 -94.67
CA LEU E 192 -36.71 -11.85 -94.36
C LEU E 192 -37.74 -13.00 -94.41
N GLY E 193 -37.96 -13.71 -95.52
CA GLY E 193 -37.22 -13.75 -96.77
C GLY E 193 -36.84 -15.21 -96.92
N THR E 194 -35.77 -15.60 -96.21
CA THR E 194 -35.26 -16.96 -96.12
C THR E 194 -35.61 -17.48 -94.71
N GLN E 195 -34.93 -16.91 -93.69
CA GLN E 195 -35.03 -17.18 -92.26
C GLN E 195 -36.39 -16.82 -91.63
N THR E 196 -36.73 -17.48 -90.52
CA THR E 196 -37.97 -17.26 -89.76
C THR E 196 -37.63 -16.69 -88.39
N TYR E 197 -38.27 -15.55 -88.07
CA TYR E 197 -38.05 -14.80 -86.83
C TYR E 197 -39.19 -14.94 -85.84
N ILE E 198 -38.88 -15.42 -84.62
CA ILE E 198 -39.85 -15.64 -83.56
C ILE E 198 -39.39 -14.97 -82.28
N CYS E 199 -40.30 -14.20 -81.64
CA CYS E 199 -40.01 -13.59 -80.36
C CYS E 199 -40.56 -14.52 -79.28
N ASN E 200 -39.72 -14.81 -78.29
CA ASN E 200 -40.05 -15.70 -77.19
C ASN E 200 -40.24 -14.84 -75.94
N VAL E 201 -41.51 -14.61 -75.61
CA VAL E 201 -41.95 -13.78 -74.48
C VAL E 201 -42.30 -14.70 -73.30
N ASN E 202 -41.80 -14.37 -72.12
CA ASN E 202 -42.10 -15.12 -70.90
C ASN E 202 -42.44 -14.14 -69.77
N HIS E 203 -43.70 -14.19 -69.29
CA HIS E 203 -44.15 -13.38 -68.17
C HIS E 203 -44.29 -14.37 -67.03
N LYS E 204 -43.26 -14.40 -66.18
CA LYS E 204 -43.22 -15.26 -65.00
C LYS E 204 -44.32 -14.91 -63.96
N PRO E 205 -44.59 -13.61 -63.63
CA PRO E 205 -45.63 -13.32 -62.62
C PRO E 205 -47.05 -13.81 -62.90
N SER E 206 -47.31 -14.40 -64.11
CA SER E 206 -48.63 -14.91 -64.52
C SER E 206 -48.56 -16.29 -65.17
N ASN E 207 -47.36 -16.90 -65.17
CA ASN E 207 -47.08 -18.23 -65.74
C ASN E 207 -47.49 -18.35 -67.22
N THR E 208 -47.29 -17.25 -67.96
CA THR E 208 -47.62 -17.15 -69.38
C THR E 208 -46.37 -17.02 -70.24
N LYS E 209 -46.25 -17.92 -71.22
CA LYS E 209 -45.14 -18.01 -72.18
C LYS E 209 -45.79 -17.90 -73.56
N VAL E 210 -45.26 -17.00 -74.39
CA VAL E 210 -45.80 -16.75 -75.73
C VAL E 210 -44.68 -16.70 -76.79
N ASP E 211 -44.80 -17.55 -77.82
CA ASP E 211 -43.90 -17.58 -78.94
C ASP E 211 -44.69 -17.00 -80.13
N LYS E 212 -44.22 -15.90 -80.73
CA LYS E 212 -44.89 -15.23 -81.84
C LYS E 212 -43.99 -15.15 -83.07
N LYS E 213 -44.53 -15.57 -84.22
CA LYS E 213 -43.85 -15.55 -85.50
C LYS E 213 -44.14 -14.20 -86.17
N VAL E 214 -43.07 -13.44 -86.47
CA VAL E 214 -43.16 -12.14 -87.16
C VAL E 214 -42.68 -12.35 -88.60
N GLU E 215 -43.57 -12.09 -89.56
CA GLU E 215 -43.27 -12.28 -90.98
C GLU E 215 -43.89 -11.15 -91.84
N PRO E 216 -43.39 -10.89 -93.09
CA PRO E 216 -43.99 -9.82 -93.90
C PRO E 216 -45.32 -10.24 -94.51
N ASP F 1 -37.15 18.49 -42.77
CA ASP F 1 -36.29 17.48 -43.40
C ASP F 1 -35.23 18.12 -44.31
N ILE F 2 -33.97 17.60 -44.26
CA ILE F 2 -32.84 18.09 -45.08
C ILE F 2 -33.00 17.59 -46.52
N GLN F 3 -32.82 18.49 -47.51
CA GLN F 3 -32.88 18.16 -48.95
C GLN F 3 -31.47 18.18 -49.56
N MET F 4 -31.17 17.20 -50.45
CA MET F 4 -29.86 17.08 -51.10
C MET F 4 -29.96 17.30 -52.61
N THR F 5 -29.50 18.48 -53.08
CA THR F 5 -29.57 18.88 -54.49
C THR F 5 -28.28 18.54 -55.25
N GLN F 6 -28.39 17.63 -56.21
CA GLN F 6 -27.28 17.17 -57.04
C GLN F 6 -27.11 18.02 -58.32
N SER F 7 -25.85 18.25 -58.76
CA SER F 7 -25.54 19.01 -59.98
C SER F 7 -24.31 18.46 -60.72
N PRO F 8 -24.38 18.19 -62.04
CA PRO F 8 -25.53 18.29 -62.96
C PRO F 8 -26.47 17.08 -62.89
N SER F 9 -27.59 17.13 -63.63
CA SER F 9 -28.53 16.01 -63.70
C SER F 9 -27.95 14.89 -64.56
N SER F 10 -27.19 15.27 -65.60
CA SER F 10 -26.52 14.40 -66.55
C SER F 10 -25.25 15.07 -67.08
N LEU F 11 -24.29 14.28 -67.59
CA LEU F 11 -23.03 14.76 -68.14
C LEU F 11 -22.43 13.77 -69.14
N SER F 12 -21.98 14.28 -70.29
CA SER F 12 -21.35 13.48 -71.33
C SER F 12 -19.87 13.70 -71.23
N ALA F 13 -19.10 12.61 -71.22
CA ALA F 13 -17.65 12.68 -71.12
C ALA F 13 -16.99 11.47 -71.77
N SER F 14 -15.68 11.59 -72.05
CA SER F 14 -14.87 10.54 -72.64
C SER F 14 -13.85 10.05 -71.61
N VAL F 15 -13.25 8.87 -71.86
CA VAL F 15 -12.24 8.31 -70.94
C VAL F 15 -11.02 9.22 -70.81
N GLY F 16 -10.53 9.36 -69.58
CA GLY F 16 -9.38 10.19 -69.27
C GLY F 16 -9.73 11.58 -68.77
N ASP F 17 -10.95 12.05 -69.06
CA ASP F 17 -11.40 13.38 -68.64
C ASP F 17 -11.52 13.51 -67.12
N ARG F 18 -11.39 14.73 -66.60
CA ARG F 18 -11.62 15.02 -65.20
C ARG F 18 -13.01 15.48 -64.93
N VAL F 19 -13.68 14.88 -63.96
CA VAL F 19 -15.10 15.15 -63.79
C VAL F 19 -15.58 15.46 -62.34
N THR F 20 -16.14 16.63 -62.16
CA THR F 20 -16.54 17.08 -60.87
C THR F 20 -18.02 17.05 -60.77
N ILE F 21 -18.54 16.29 -59.85
CA ILE F 21 -19.96 16.28 -59.61
C ILE F 21 -20.17 16.87 -58.24
N THR F 22 -21.31 17.46 -57.97
CA THR F 22 -21.49 18.24 -56.77
C THR F 22 -22.87 18.13 -56.08
N CYS F 23 -22.93 18.52 -54.84
CA CYS F 23 -24.11 18.25 -54.02
C CYS F 23 -24.28 19.40 -53.00
N LYS F 24 -25.51 19.88 -52.79
CA LYS F 24 -25.78 20.95 -51.82
C LYS F 24 -26.91 20.55 -50.86
N ALA F 25 -26.68 20.78 -49.57
CA ALA F 25 -27.62 20.46 -48.50
C ALA F 25 -28.46 21.68 -48.07
N SER F 26 -29.74 21.44 -47.71
CA SER F 26 -30.66 22.48 -47.23
C SER F 26 -30.29 23.04 -45.81
N GLN F 27 -29.41 22.34 -45.05
CA GLN F 27 -28.92 22.70 -43.71
C GLN F 27 -27.46 22.22 -43.56
N ASP F 28 -26.76 22.65 -42.46
CA ASP F 28 -25.39 22.22 -42.16
C ASP F 28 -25.39 20.75 -41.78
N VAL F 29 -24.54 19.97 -42.45
CA VAL F 29 -24.44 18.54 -42.22
C VAL F 29 -23.01 18.09 -41.97
N SER F 30 -22.15 19.06 -41.56
CA SER F 30 -20.73 18.88 -41.27
C SER F 30 -20.00 18.14 -42.43
N THR F 31 -19.45 16.97 -42.13
CA THR F 31 -18.73 16.11 -43.06
C THR F 31 -19.57 14.86 -43.36
N ALA F 32 -20.79 14.78 -42.84
CA ALA F 32 -21.67 13.64 -42.99
C ALA F 32 -22.30 13.43 -44.41
N VAL F 33 -21.46 13.33 -45.45
CA VAL F 33 -21.92 13.05 -46.82
C VAL F 33 -21.29 11.75 -47.34
N ALA F 34 -22.02 11.01 -48.20
CA ALA F 34 -21.53 9.79 -48.81
C ALA F 34 -21.81 9.79 -50.32
N TRP F 35 -20.89 9.19 -51.08
CA TRP F 35 -21.03 9.05 -52.53
C TRP F 35 -21.20 7.58 -52.87
N TYR F 36 -22.13 7.31 -53.78
CA TYR F 36 -22.45 5.99 -54.30
C TYR F 36 -22.40 5.96 -55.83
N GLN F 37 -22.18 4.77 -56.38
CA GLN F 37 -22.16 4.54 -57.82
C GLN F 37 -23.16 3.41 -58.13
N GLN F 38 -24.16 3.69 -58.98
CA GLN F 38 -25.14 2.71 -59.38
C GLN F 38 -25.15 2.54 -60.91
N LYS F 39 -25.17 1.28 -61.35
CA LYS F 39 -25.22 0.94 -62.78
C LYS F 39 -26.60 0.32 -63.14
N PRO F 40 -27.13 0.60 -64.35
CA PRO F 40 -28.45 0.03 -64.73
C PRO F 40 -28.62 -1.47 -64.50
N GLY F 41 -29.63 -1.81 -63.69
CA GLY F 41 -29.95 -3.18 -63.32
C GLY F 41 -29.20 -3.73 -62.12
N LYS F 42 -28.41 -2.87 -61.44
CA LYS F 42 -27.64 -3.27 -60.28
C LYS F 42 -27.84 -2.34 -59.07
N ALA F 43 -27.56 -2.89 -57.85
CA ALA F 43 -27.63 -2.23 -56.55
C ALA F 43 -26.47 -1.24 -56.44
N PRO F 44 -26.62 -0.12 -55.68
CA PRO F 44 -25.51 0.84 -55.57
C PRO F 44 -24.30 0.34 -54.77
N LYS F 45 -23.10 0.89 -55.07
CA LYS F 45 -21.83 0.57 -54.43
C LYS F 45 -21.29 1.80 -53.72
N LEU F 46 -20.75 1.65 -52.48
CA LEU F 46 -20.18 2.78 -51.73
C LEU F 46 -18.83 3.25 -52.32
N LEU F 47 -18.69 4.58 -52.50
CA LEU F 47 -17.47 5.22 -53.00
C LEU F 47 -16.72 5.93 -51.88
N ILE F 48 -17.36 6.99 -51.32
CA ILE F 48 -16.86 7.88 -50.26
C ILE F 48 -17.88 7.95 -49.12
N TYR F 49 -17.40 8.19 -47.87
CA TYR F 49 -18.19 8.42 -46.66
C TYR F 49 -17.50 9.50 -45.83
N SER F 50 -18.21 10.10 -44.86
CA SER F 50 -17.70 11.17 -44.01
C SER F 50 -16.99 12.28 -44.80
N ALA F 51 -17.58 12.58 -45.99
CA ALA F 51 -17.22 13.56 -47.02
C ALA F 51 -15.97 13.28 -47.83
N SER F 52 -14.88 12.79 -47.19
CA SER F 52 -13.61 12.56 -47.88
C SER F 52 -13.04 11.14 -47.79
N TYR F 53 -13.55 10.33 -46.85
CA TYR F 53 -13.07 8.96 -46.60
C TYR F 53 -13.50 7.99 -47.67
N ARG F 54 -12.53 7.48 -48.42
CA ARG F 54 -12.75 6.48 -49.47
C ARG F 54 -12.96 5.12 -48.81
N TYR F 55 -13.88 4.32 -49.35
CA TYR F 55 -14.16 2.97 -48.87
C TYR F 55 -13.10 1.98 -49.45
N THR F 56 -12.89 0.83 -48.78
CA THR F 56 -11.98 -0.24 -49.19
C THR F 56 -12.28 -0.67 -50.64
N GLY F 57 -11.23 -0.80 -51.43
CA GLY F 57 -11.35 -1.23 -52.83
C GLY F 57 -11.56 -0.12 -53.82
N VAL F 58 -12.13 1.02 -53.39
CA VAL F 58 -12.41 2.19 -54.24
C VAL F 58 -11.10 2.78 -54.80
N PRO F 59 -10.97 2.87 -56.15
CA PRO F 59 -9.73 3.43 -56.74
C PRO F 59 -9.47 4.87 -56.33
N SER F 60 -8.17 5.22 -56.23
CA SER F 60 -7.66 6.54 -55.83
C SER F 60 -8.16 7.71 -56.71
N ARG F 61 -8.57 7.44 -57.98
CA ARG F 61 -9.10 8.46 -58.89
C ARG F 61 -10.40 9.11 -58.36
N PHE F 62 -11.10 8.43 -57.43
CA PHE F 62 -12.31 8.89 -56.79
C PHE F 62 -11.95 9.64 -55.51
N SER F 63 -12.35 10.92 -55.44
CA SER F 63 -12.09 11.85 -54.34
C SER F 63 -13.33 12.65 -53.93
N GLY F 64 -13.57 12.69 -52.62
CA GLY F 64 -14.68 13.40 -52.02
C GLY F 64 -14.18 14.60 -51.23
N SER F 65 -14.88 15.75 -51.37
CA SER F 65 -14.51 17.00 -50.70
C SER F 65 -15.74 17.80 -50.24
N GLY F 66 -15.58 18.55 -49.16
CA GLY F 66 -16.64 19.38 -48.60
C GLY F 66 -16.79 19.36 -47.08
N SER F 67 -17.52 20.38 -46.58
CA SER F 67 -17.84 20.62 -45.17
C SER F 67 -18.97 21.65 -45.10
N GLY F 68 -19.91 21.43 -44.20
CA GLY F 68 -21.06 22.31 -44.04
C GLY F 68 -22.21 22.02 -44.99
N THR F 69 -22.23 22.69 -46.16
CA THR F 69 -23.32 22.58 -47.15
C THR F 69 -22.91 22.21 -48.58
N ASP F 70 -21.77 22.73 -49.08
CA ASP F 70 -21.31 22.46 -50.44
C ASP F 70 -20.25 21.38 -50.50
N PHE F 71 -20.59 20.27 -51.19
CA PHE F 71 -19.77 19.06 -51.36
C PHE F 71 -19.48 18.75 -52.85
N THR F 72 -18.41 17.95 -53.13
CA THR F 72 -17.95 17.61 -54.49
C THR F 72 -17.40 16.17 -54.65
N LEU F 73 -17.62 15.56 -55.82
CA LEU F 73 -17.12 14.23 -56.20
C LEU F 73 -16.29 14.43 -57.45
N THR F 74 -14.98 14.10 -57.39
CA THR F 74 -14.08 14.30 -58.54
C THR F 74 -13.50 12.97 -59.07
N ILE F 75 -13.68 12.68 -60.38
CA ILE F 75 -13.10 11.48 -61.00
C ILE F 75 -11.92 11.95 -61.86
N SER F 76 -10.72 12.06 -61.22
CA SER F 76 -9.43 12.53 -61.77
C SER F 76 -9.15 12.19 -63.25
N SER F 77 -9.44 10.95 -63.65
CA SER F 77 -9.27 10.46 -65.01
C SER F 77 -10.30 9.37 -65.21
N LEU F 78 -11.38 9.66 -65.98
CA LEU F 78 -12.44 8.69 -66.24
C LEU F 78 -11.92 7.38 -66.87
N ASN F 79 -12.60 6.27 -66.58
CA ASN F 79 -12.30 4.94 -67.10
C ASN F 79 -13.58 4.30 -67.64
N PRO F 80 -13.50 3.28 -68.54
CA PRO F 80 -14.74 2.69 -69.09
C PRO F 80 -15.80 2.25 -68.07
N GLU F 81 -15.36 1.68 -66.93
CA GLU F 81 -16.24 1.20 -65.87
C GLU F 81 -16.80 2.33 -64.98
N ASP F 82 -16.42 3.59 -65.23
CA ASP F 82 -16.89 4.72 -64.42
C ASP F 82 -18.20 5.34 -64.91
N PHE F 83 -18.63 5.00 -66.13
CA PHE F 83 -19.88 5.50 -66.71
C PHE F 83 -21.04 4.81 -66.03
N ALA F 84 -21.69 5.57 -65.13
CA ALA F 84 -22.81 5.17 -64.30
C ALA F 84 -23.50 6.41 -63.74
N THR F 85 -24.45 6.20 -62.80
CA THR F 85 -25.18 7.27 -62.11
C THR F 85 -24.51 7.43 -60.75
N TYR F 86 -24.34 8.69 -60.30
CA TYR F 86 -23.69 8.98 -59.04
C TYR F 86 -24.66 9.69 -58.09
N TYR F 87 -24.72 9.26 -56.82
CA TYR F 87 -25.61 9.85 -55.79
C TYR F 87 -24.84 10.33 -54.54
N CYS F 88 -25.42 11.29 -53.80
CA CYS F 88 -24.88 11.84 -52.54
C CYS F 88 -25.97 11.67 -51.47
N GLN F 89 -25.58 11.49 -50.17
CA GLN F 89 -26.54 11.31 -49.07
C GLN F 89 -26.13 11.84 -47.69
N GLN F 90 -26.96 11.54 -46.67
CA GLN F 90 -26.85 11.98 -45.27
C GLN F 90 -26.39 10.95 -44.26
N HIS F 91 -25.57 11.39 -43.31
CA HIS F 91 -25.15 10.61 -42.15
C HIS F 91 -25.64 11.46 -40.98
N TYR F 92 -25.71 12.79 -41.20
CA TYR F 92 -26.04 13.77 -40.19
C TYR F 92 -27.28 13.50 -39.37
N SER F 93 -28.45 13.82 -39.90
CA SER F 93 -29.67 13.58 -39.16
C SER F 93 -30.70 12.82 -39.95
N THR F 94 -31.23 11.73 -39.34
CA THR F 94 -32.32 10.98 -39.95
C THR F 94 -33.55 11.90 -40.03
N PRO F 95 -34.40 11.81 -41.08
CA PRO F 95 -34.34 10.86 -42.20
C PRO F 95 -33.19 11.13 -43.16
N TRP F 96 -32.43 10.05 -43.50
CA TRP F 96 -31.28 10.12 -44.40
C TRP F 96 -31.77 10.35 -45.81
N THR F 97 -31.42 11.52 -46.39
CA THR F 97 -31.87 11.93 -47.73
C THR F 97 -30.76 11.87 -48.76
N PHE F 98 -31.13 11.53 -50.01
CA PHE F 98 -30.21 11.35 -51.12
C PHE F 98 -30.29 12.47 -52.18
N GLY F 99 -29.30 12.49 -53.08
CA GLY F 99 -29.25 13.39 -54.21
C GLY F 99 -30.05 12.81 -55.36
N GLY F 100 -30.49 13.68 -56.27
CA GLY F 100 -31.27 13.28 -57.45
C GLY F 100 -30.57 12.35 -58.43
N GLY F 101 -29.23 12.36 -58.41
CA GLY F 101 -28.38 11.54 -59.27
C GLY F 101 -27.69 12.33 -60.37
N THR F 102 -26.58 11.79 -60.89
CA THR F 102 -25.81 12.37 -62.01
C THR F 102 -25.43 11.24 -62.97
N LYS F 103 -26.07 11.19 -64.15
CA LYS F 103 -25.77 10.19 -65.16
C LYS F 103 -24.50 10.59 -65.94
N VAL F 104 -23.44 9.75 -65.88
CA VAL F 104 -22.21 10.00 -66.63
C VAL F 104 -22.22 9.12 -67.89
N GLU F 105 -22.44 9.76 -69.04
CA GLU F 105 -22.60 9.14 -70.34
C GLU F 105 -21.31 9.12 -71.20
N ILE F 106 -21.13 8.03 -71.98
CA ILE F 106 -19.99 7.83 -72.87
C ILE F 106 -20.16 8.77 -74.05
N LYS F 107 -19.23 9.72 -74.22
CA LYS F 107 -19.28 10.67 -75.33
C LYS F 107 -18.67 10.02 -76.59
N ARG F 108 -19.45 9.98 -77.67
CA ARG F 108 -19.04 9.40 -78.96
C ARG F 108 -19.42 10.30 -80.16
N THR F 109 -19.15 9.84 -81.41
CA THR F 109 -19.45 10.60 -82.63
C THR F 109 -20.96 10.69 -82.88
N VAL F 110 -21.40 11.79 -83.52
CA VAL F 110 -22.82 12.00 -83.83
C VAL F 110 -23.31 10.85 -84.70
N ALA F 111 -24.45 10.24 -84.30
CA ALA F 111 -25.08 9.14 -85.03
C ALA F 111 -26.57 9.43 -85.26
N ALA F 112 -26.97 9.47 -86.54
CA ALA F 112 -28.36 9.72 -86.96
C ALA F 112 -29.23 8.46 -86.70
N PRO F 113 -30.53 8.58 -86.38
CA PRO F 113 -31.33 7.37 -86.12
C PRO F 113 -31.86 6.68 -87.38
N SER F 114 -32.07 5.36 -87.29
CA SER F 114 -32.69 4.61 -88.37
C SER F 114 -34.17 4.60 -88.01
N VAL F 115 -35.01 5.28 -88.81
CA VAL F 115 -36.44 5.45 -88.54
C VAL F 115 -37.31 4.41 -89.24
N PHE F 116 -38.15 3.71 -88.43
CA PHE F 116 -39.10 2.68 -88.87
C PHE F 116 -40.45 2.92 -88.23
N ILE F 117 -41.49 2.70 -89.02
CA ILE F 117 -42.89 2.82 -88.58
C ILE F 117 -43.58 1.47 -88.77
N PHE F 118 -44.31 1.02 -87.74
CA PHE F 118 -45.05 -0.25 -87.79
C PHE F 118 -46.55 -0.03 -87.66
N PRO F 119 -47.37 -0.44 -88.66
CA PRO F 119 -48.82 -0.29 -88.54
C PRO F 119 -49.40 -1.26 -87.51
N PRO F 120 -50.62 -1.04 -86.94
CA PRO F 120 -51.14 -2.01 -85.96
C PRO F 120 -51.50 -3.32 -86.63
N SER F 121 -51.32 -4.44 -85.91
CA SER F 121 -51.62 -5.76 -86.45
C SER F 121 -53.12 -5.98 -86.58
N ASP F 122 -53.52 -6.80 -87.56
CA ASP F 122 -54.92 -7.13 -87.80
C ASP F 122 -55.46 -7.90 -86.60
N GLU F 123 -54.60 -8.75 -85.99
CA GLU F 123 -54.86 -9.52 -84.77
C GLU F 123 -55.24 -8.58 -83.62
N GLN F 124 -54.53 -7.44 -83.50
CA GLN F 124 -54.78 -6.43 -82.48
C GLN F 124 -56.05 -5.65 -82.72
N LEU F 125 -56.26 -5.20 -83.96
CA LEU F 125 -57.43 -4.42 -84.36
C LEU F 125 -58.75 -5.11 -84.02
N LYS F 126 -58.70 -6.46 -83.82
CA LYS F 126 -59.84 -7.30 -83.44
C LYS F 126 -60.33 -6.97 -82.03
N SER F 127 -59.43 -6.49 -81.14
CA SER F 127 -59.75 -6.14 -79.76
C SER F 127 -60.37 -4.75 -79.61
N GLY F 128 -60.15 -3.94 -80.64
CA GLY F 128 -60.66 -2.57 -80.72
C GLY F 128 -59.61 -1.51 -80.47
N THR F 129 -58.31 -1.91 -80.45
CA THR F 129 -57.20 -0.99 -80.21
C THR F 129 -56.23 -1.00 -81.39
N ALA F 130 -55.62 0.16 -81.69
CA ALA F 130 -54.61 0.30 -82.73
C ALA F 130 -53.35 0.91 -82.13
N SER F 131 -52.27 0.11 -82.10
CA SER F 131 -50.98 0.54 -81.59
C SER F 131 -50.03 0.73 -82.75
N VAL F 132 -49.78 1.99 -83.06
CA VAL F 132 -48.88 2.41 -84.13
C VAL F 132 -47.56 2.70 -83.45
N VAL F 133 -46.49 2.00 -83.85
CA VAL F 133 -45.16 2.12 -83.25
C VAL F 133 -44.14 2.77 -84.20
N CYS F 134 -43.30 3.63 -83.64
CA CYS F 134 -42.20 4.25 -84.36
C CYS F 134 -40.90 3.93 -83.63
N LEU F 135 -39.88 3.52 -84.42
CA LEU F 135 -38.56 3.16 -83.91
C LEU F 135 -37.47 4.03 -84.48
N LEU F 136 -36.69 4.60 -83.57
CA LEU F 136 -35.49 5.41 -83.83
C LEU F 136 -34.40 4.50 -83.30
N ASN F 137 -33.67 3.82 -84.21
CA ASN F 137 -32.66 2.82 -83.85
C ASN F 137 -31.19 3.27 -84.01
N ASN F 138 -30.38 2.98 -82.97
CA ASN F 138 -28.94 3.23 -82.85
C ASN F 138 -28.52 4.64 -83.26
N PHE F 139 -28.68 5.60 -82.33
CA PHE F 139 -28.36 7.01 -82.55
C PHE F 139 -27.60 7.65 -81.37
N TYR F 140 -27.06 8.87 -81.59
CA TYR F 140 -26.32 9.65 -80.60
C TYR F 140 -26.40 11.16 -80.93
N PRO F 141 -26.67 12.07 -79.94
CA PRO F 141 -26.94 11.85 -78.52
C PRO F 141 -28.40 11.42 -78.23
N ARG F 142 -28.79 11.25 -76.93
CA ARG F 142 -30.14 10.85 -76.48
C ARG F 142 -31.21 11.81 -76.93
N GLU F 143 -30.82 13.07 -77.11
CA GLU F 143 -31.72 14.15 -77.52
C GLU F 143 -32.30 13.90 -78.90
N ALA F 144 -33.56 13.47 -78.93
CA ALA F 144 -34.34 13.20 -80.16
C ALA F 144 -35.80 13.59 -79.94
N LYS F 145 -36.43 14.12 -80.98
CA LYS F 145 -37.84 14.50 -80.92
C LYS F 145 -38.61 13.79 -82.02
N VAL F 146 -39.58 12.97 -81.58
CA VAL F 146 -40.49 12.23 -82.44
C VAL F 146 -41.88 12.85 -82.32
N GLN F 147 -42.43 13.25 -83.48
CA GLN F 147 -43.74 13.88 -83.64
C GLN F 147 -44.66 12.96 -84.42
N TRP F 148 -45.85 12.67 -83.85
CA TRP F 148 -46.89 11.85 -84.48
C TRP F 148 -47.86 12.74 -85.21
N LYS F 149 -48.06 12.49 -86.50
CA LYS F 149 -49.00 13.25 -87.32
C LYS F 149 -49.98 12.31 -88.03
N VAL F 150 -51.30 12.49 -87.76
CA VAL F 150 -52.38 11.70 -88.40
C VAL F 150 -53.19 12.66 -89.26
N ASP F 151 -53.12 12.49 -90.59
CA ASP F 151 -53.78 13.34 -91.60
C ASP F 151 -53.33 14.81 -91.40
N ASN F 152 -52.04 14.95 -91.08
CA ASN F 152 -51.31 16.18 -90.77
C ASN F 152 -51.58 16.81 -89.41
N ALA F 153 -52.57 16.27 -88.66
CA ALA F 153 -52.90 16.74 -87.32
C ALA F 153 -51.83 16.31 -86.34
N LEU F 154 -51.20 17.27 -85.63
CA LEU F 154 -50.18 17.03 -84.64
C LEU F 154 -50.81 16.32 -83.45
N GLN F 155 -50.23 15.18 -83.06
CA GLN F 155 -50.77 14.34 -81.99
C GLN F 155 -50.15 14.59 -80.63
N SER F 156 -51.04 14.79 -79.64
CA SER F 156 -50.69 14.99 -78.25
C SER F 156 -51.52 14.10 -77.32
N GLY F 157 -50.92 13.76 -76.18
CA GLY F 157 -51.51 12.98 -75.11
C GLY F 157 -51.79 11.51 -75.37
N ASN F 158 -51.48 10.99 -76.57
CA ASN F 158 -51.75 9.60 -77.00
C ASN F 158 -50.47 8.81 -77.39
N SER F 159 -49.30 9.37 -77.06
CA SER F 159 -47.96 8.85 -77.34
C SER F 159 -47.19 8.57 -76.04
N GLN F 160 -46.39 7.50 -76.05
CA GLN F 160 -45.52 7.09 -74.95
C GLN F 160 -44.17 6.61 -75.51
N GLU F 161 -43.09 7.24 -75.07
CA GLU F 161 -41.71 6.96 -75.49
C GLU F 161 -40.97 6.08 -74.46
N SER F 162 -39.94 5.37 -74.92
CA SER F 162 -39.08 4.49 -74.14
C SER F 162 -37.68 4.50 -74.76
N VAL F 163 -36.66 4.77 -73.93
CA VAL F 163 -35.29 4.86 -74.41
C VAL F 163 -34.41 3.80 -73.73
N THR F 164 -33.75 2.95 -74.54
CA THR F 164 -32.81 1.94 -74.07
C THR F 164 -31.64 2.62 -73.34
N GLU F 165 -30.94 1.90 -72.45
CA GLU F 165 -29.76 2.47 -71.79
C GLU F 165 -28.64 2.46 -72.83
N GLN F 166 -27.66 3.36 -72.69
CA GLN F 166 -26.56 3.48 -73.65
C GLN F 166 -25.92 2.13 -73.94
N ASP F 167 -26.01 1.70 -75.22
CA ASP F 167 -25.49 0.42 -75.69
C ASP F 167 -24.03 0.21 -75.29
N SER F 168 -23.73 -0.99 -74.77
CA SER F 168 -22.37 -1.31 -74.32
C SER F 168 -21.34 -1.44 -75.44
N LYS F 169 -21.75 -1.93 -76.63
CA LYS F 169 -20.87 -2.09 -77.78
C LYS F 169 -20.55 -0.76 -78.51
N ASP F 170 -21.57 -0.05 -79.01
CA ASP F 170 -21.37 1.19 -79.78
C ASP F 170 -21.71 2.52 -79.12
N SER F 171 -22.05 2.53 -77.82
CA SER F 171 -22.40 3.72 -77.03
C SER F 171 -23.57 4.54 -77.61
N THR F 172 -24.47 3.86 -78.35
CA THR F 172 -25.64 4.46 -79.00
C THR F 172 -26.93 4.22 -78.22
N TYR F 173 -27.95 5.00 -78.57
CA TYR F 173 -29.29 4.91 -78.02
C TYR F 173 -30.29 4.41 -79.06
N SER F 174 -31.41 3.88 -78.57
CA SER F 174 -32.54 3.45 -79.36
C SER F 174 -33.79 3.93 -78.62
N LEU F 175 -34.80 4.37 -79.39
CA LEU F 175 -36.05 4.91 -78.89
C LEU F 175 -37.24 4.23 -79.57
N SER F 176 -38.31 4.04 -78.79
CA SER F 176 -39.59 3.50 -79.23
C SER F 176 -40.68 4.47 -78.79
N SER F 177 -41.47 4.99 -79.75
CA SER F 177 -42.61 5.87 -79.48
C SER F 177 -43.83 5.10 -79.93
N THR F 178 -44.88 5.04 -79.09
CA THR F 178 -46.09 4.28 -79.39
C THR F 178 -47.35 5.12 -79.36
N LEU F 179 -48.06 5.14 -80.49
CA LEU F 179 -49.31 5.87 -80.64
C LEU F 179 -50.47 4.93 -80.38
N THR F 180 -51.29 5.28 -79.38
CA THR F 180 -52.46 4.49 -79.04
C THR F 180 -53.74 5.19 -79.45
N LEU F 181 -54.45 4.57 -80.40
CA LEU F 181 -55.72 5.01 -80.95
C LEU F 181 -56.71 3.85 -80.90
N SER F 182 -58.02 4.17 -80.84
CA SER F 182 -59.08 3.16 -80.83
C SER F 182 -59.33 2.71 -82.28
N LYS F 183 -59.92 1.52 -82.51
CA LYS F 183 -60.20 1.03 -83.85
C LYS F 183 -61.01 2.09 -84.59
N ALA F 184 -62.01 2.71 -83.91
CA ALA F 184 -62.88 3.75 -84.46
C ALA F 184 -62.10 4.97 -85.00
N ASP F 185 -61.25 5.59 -84.16
CA ASP F 185 -60.44 6.74 -84.53
C ASP F 185 -59.41 6.38 -85.59
N TYR F 186 -58.78 5.20 -85.44
CA TYR F 186 -57.80 4.69 -86.38
C TYR F 186 -58.41 4.59 -87.78
N GLU F 187 -59.61 3.99 -87.87
CA GLU F 187 -60.31 3.79 -89.13
C GLU F 187 -60.93 5.06 -89.74
N LYS F 188 -60.91 6.15 -88.97
CA LYS F 188 -61.44 7.48 -89.31
C LYS F 188 -60.43 8.32 -90.14
N HIS F 189 -59.14 7.92 -90.21
CA HIS F 189 -58.06 8.65 -90.88
C HIS F 189 -57.17 7.75 -91.77
N LYS F 190 -56.47 8.35 -92.77
CA LYS F 190 -55.63 7.63 -93.73
C LYS F 190 -54.12 7.60 -93.45
N VAL F 191 -53.42 8.77 -93.58
CA VAL F 191 -51.96 8.88 -93.39
C VAL F 191 -51.55 8.89 -91.93
N TYR F 192 -50.62 7.98 -91.56
CA TYR F 192 -50.05 7.83 -90.23
C TYR F 192 -48.55 8.03 -90.36
N ALA F 193 -48.06 9.20 -89.90
CA ALA F 193 -46.67 9.62 -90.02
C ALA F 193 -45.96 9.82 -88.69
N CYS F 194 -44.66 9.50 -88.71
CA CYS F 194 -43.73 9.64 -87.59
C CYS F 194 -42.58 10.52 -88.09
N GLU F 195 -42.52 11.79 -87.60
CA GLU F 195 -41.47 12.73 -88.00
C GLU F 195 -40.40 12.77 -86.93
N VAL F 196 -39.14 12.59 -87.33
CA VAL F 196 -37.98 12.51 -86.43
C VAL F 196 -36.98 13.68 -86.58
N THR F 197 -36.68 14.37 -85.45
CA THR F 197 -35.73 15.49 -85.39
C THR F 197 -34.51 15.06 -84.56
N HIS F 198 -33.32 15.05 -85.18
CA HIS F 198 -32.07 14.65 -84.55
C HIS F 198 -30.88 15.39 -85.18
N GLN F 199 -29.85 15.66 -84.35
CA GLN F 199 -28.59 16.34 -84.69
C GLN F 199 -27.95 15.76 -85.95
N GLY F 200 -27.88 14.41 -86.03
CA GLY F 200 -27.30 13.65 -87.12
C GLY F 200 -28.06 13.75 -88.42
N LEU F 201 -29.33 14.19 -88.38
CA LEU F 201 -30.18 14.36 -89.55
C LEU F 201 -30.13 15.82 -90.03
N SER F 202 -29.77 16.02 -91.32
CA SER F 202 -29.67 17.33 -91.96
C SER F 202 -31.02 18.08 -91.92
N SER F 203 -32.10 17.34 -92.15
CA SER F 203 -33.49 17.80 -92.19
C SER F 203 -34.37 16.70 -91.56
N PRO F 204 -35.47 17.03 -90.81
CA PRO F 204 -36.33 15.97 -90.23
C PRO F 204 -36.79 14.87 -91.20
N VAL F 205 -36.58 13.61 -90.77
CA VAL F 205 -36.95 12.39 -91.50
C VAL F 205 -38.38 12.03 -91.11
N THR F 206 -39.21 11.68 -92.10
CA THR F 206 -40.59 11.31 -91.87
C THR F 206 -40.83 9.91 -92.44
N LYS F 207 -41.33 8.97 -91.61
CA LYS F 207 -41.66 7.63 -92.06
C LYS F 207 -43.13 7.42 -91.81
N SER F 208 -43.90 7.29 -92.90
CA SER F 208 -45.36 7.16 -92.87
C SER F 208 -45.93 5.94 -93.62
N PHE F 209 -47.26 5.75 -93.49
CA PHE F 209 -48.08 4.73 -94.13
C PHE F 209 -49.54 5.20 -94.26
N ASN F 210 -50.27 4.65 -95.26
CA ASN F 210 -51.69 4.91 -95.49
C ASN F 210 -52.46 3.65 -95.08
N ARG F 211 -53.32 3.77 -94.03
CA ARG F 211 -54.16 2.68 -93.52
C ARG F 211 -55.00 2.06 -94.62
N GLU G 1 9.72 17.87 28.79
CA GLU G 1 10.95 18.52 29.25
C GLU G 1 12.23 17.79 28.79
N VAL G 2 12.85 18.31 27.71
CA VAL G 2 14.08 17.83 27.08
C VAL G 2 15.27 18.07 28.04
N GLN G 3 16.09 17.03 28.29
CA GLN G 3 17.23 17.07 29.20
C GLN G 3 18.44 16.32 28.63
N LEU G 4 19.52 17.06 28.34
CA LEU G 4 20.77 16.52 27.81
C LEU G 4 21.85 16.63 28.88
N LEU G 5 22.47 15.50 29.28
CA LEU G 5 23.51 15.51 30.32
C LEU G 5 24.81 14.81 29.95
N GLU G 6 25.86 15.63 29.82
CA GLU G 6 27.19 15.13 29.48
C GLU G 6 27.84 14.57 30.75
N SER G 7 28.46 13.38 30.65
CA SER G 7 29.08 12.69 31.79
C SER G 7 30.59 12.69 31.70
N GLY G 8 31.23 12.57 32.87
CA GLY G 8 32.67 12.64 33.04
C GLY G 8 33.01 14.10 33.27
N GLY G 9 34.03 14.65 32.60
CA GLY G 9 35.04 13.97 31.77
C GLY G 9 36.33 14.06 32.56
N GLY G 10 37.05 15.17 32.39
CA GLY G 10 38.25 15.47 33.16
C GLY G 10 39.61 15.53 32.47
N LEU G 11 40.66 15.39 33.31
CA LEU G 11 42.07 15.43 32.93
C LEU G 11 42.51 14.14 32.25
N VAL G 12 43.35 14.30 31.23
CA VAL G 12 43.94 13.26 30.39
C VAL G 12 45.23 13.84 29.82
N GLN G 13 46.27 13.01 29.70
CA GLN G 13 47.58 13.37 29.16
C GLN G 13 47.52 13.52 27.64
N PRO G 14 48.37 14.36 26.99
CA PRO G 14 48.34 14.44 25.52
C PRO G 14 48.74 13.10 24.91
N GLY G 15 48.11 12.77 23.78
CA GLY G 15 48.31 11.50 23.09
C GLY G 15 47.43 10.40 23.65
N GLY G 16 46.67 10.74 24.69
CA GLY G 16 45.75 9.86 25.41
C GLY G 16 44.36 9.85 24.84
N SER G 17 43.50 8.95 25.40
CA SER G 17 42.11 8.75 24.99
C SER G 17 41.10 9.03 26.10
N LEU G 18 39.89 9.46 25.70
CA LEU G 18 38.75 9.77 26.56
C LEU G 18 37.45 9.57 25.79
N ARG G 19 36.45 9.00 26.45
CA ARG G 19 35.15 8.75 25.84
C ARG G 19 34.07 9.51 26.59
N LEU G 20 33.47 10.49 25.91
CA LEU G 20 32.39 11.31 26.48
C LEU G 20 31.05 10.65 26.25
N SER G 21 30.09 10.92 27.11
CA SER G 21 28.74 10.39 26.95
C SER G 21 27.74 11.51 27.16
N CYS G 22 26.57 11.41 26.53
CA CYS G 22 25.50 12.41 26.64
C CYS G 22 24.13 11.72 26.78
N ALA G 23 23.52 11.86 27.98
CA ALA G 23 22.23 11.27 28.35
C ALA G 23 21.03 12.09 27.91
N ALA G 24 20.35 11.61 26.87
CA ALA G 24 19.16 12.24 26.34
C ALA G 24 17.91 11.69 27.00
N SER G 25 16.98 12.58 27.37
CA SER G 25 15.69 12.26 28.01
C SER G 25 14.68 13.40 27.82
N GLY G 26 13.40 13.06 27.63
CA GLY G 26 12.32 14.03 27.45
C GLY G 26 11.92 14.33 26.01
N PHE G 27 12.43 13.52 25.07
CA PHE G 27 12.20 13.61 23.63
C PHE G 27 12.62 12.30 22.96
N THR G 28 12.14 12.05 21.73
CA THR G 28 12.48 10.86 20.96
C THR G 28 13.85 11.05 20.29
N PHE G 29 14.89 10.57 20.99
CA PHE G 29 16.32 10.63 20.65
C PHE G 29 16.64 10.00 19.30
N SER G 30 16.10 8.78 19.04
CA SER G 30 16.29 7.97 17.84
C SER G 30 15.80 8.65 16.57
N SER G 31 14.96 9.67 16.70
CA SER G 31 14.41 10.43 15.58
C SER G 31 15.06 11.83 15.42
N TYR G 32 16.08 12.13 16.25
CA TYR G 32 16.77 13.41 16.25
C TYR G 32 18.25 13.27 15.96
N ALA G 33 18.77 14.10 15.04
CA ALA G 33 20.20 14.12 14.68
C ALA G 33 20.94 14.84 15.81
N MET G 34 22.16 14.39 16.15
CA MET G 34 22.89 14.97 17.28
C MET G 34 24.24 15.60 16.93
N SER G 35 24.68 16.56 17.77
CA SER G 35 25.94 17.29 17.60
C SER G 35 26.76 17.49 18.88
N TRP G 36 28.10 17.61 18.70
CA TRP G 36 29.07 17.89 19.78
C TRP G 36 29.76 19.22 19.41
N VAL G 37 29.74 20.19 20.34
CA VAL G 37 30.32 21.52 20.13
C VAL G 37 31.12 21.86 21.39
N ARG G 38 32.36 22.39 21.23
CA ARG G 38 33.23 22.74 22.36
C ARG G 38 33.51 24.26 22.57
N GLN G 39 33.87 24.66 23.82
CA GLN G 39 34.23 26.05 24.18
C GLN G 39 35.45 26.13 25.13
N ALA G 40 36.63 26.38 24.54
CA ALA G 40 37.88 26.51 25.25
C ALA G 40 37.79 27.71 26.19
N PRO G 41 38.33 27.62 27.44
CA PRO G 41 38.24 28.74 28.39
C PRO G 41 38.32 30.16 27.82
N GLY G 42 39.32 30.38 26.94
CA GLY G 42 39.50 31.62 26.19
C GLY G 42 38.46 31.71 25.08
N LYS G 43 37.18 31.58 25.49
CA LYS G 43 35.87 31.58 24.82
C LYS G 43 35.80 31.25 23.30
N GLY G 44 34.67 31.53 22.67
CA GLY G 44 34.44 31.23 21.26
C GLY G 44 34.05 29.78 21.07
N LEU G 45 33.00 29.53 20.26
CA LEU G 45 32.48 28.17 20.02
C LEU G 45 33.01 27.49 18.76
N GLU G 46 33.18 26.17 18.81
CA GLU G 46 33.71 25.38 17.71
C GLU G 46 32.91 24.11 17.53
N TRP G 47 32.50 23.83 16.27
CA TRP G 47 31.77 22.62 15.90
C TRP G 47 32.73 21.46 15.96
N VAL G 48 32.35 20.37 16.64
CA VAL G 48 33.18 19.17 16.79
C VAL G 48 32.73 18.07 15.83
N SER G 49 31.43 17.73 15.84
CA SER G 49 30.88 16.66 15.01
C SER G 49 29.38 16.62 15.04
N THR G 50 28.78 16.03 13.96
CA THR G 50 27.35 15.81 13.79
C THR G 50 27.10 14.37 13.38
N ILE G 51 26.02 13.77 13.91
CA ILE G 51 25.58 12.40 13.63
C ILE G 51 24.10 12.41 13.22
N SER G 52 23.74 11.58 12.21
CA SER G 52 22.39 11.40 11.69
C SER G 52 21.52 10.70 12.77
N SER G 53 20.16 10.87 12.70
CA SER G 53 19.22 10.26 13.66
C SER G 53 19.42 8.73 13.81
N GLY G 54 19.69 8.05 12.70
CA GLY G 54 19.95 6.62 12.68
C GLY G 54 21.36 6.23 13.10
N GLY G 55 22.32 7.11 12.82
CA GLY G 55 23.72 6.92 13.15
C GLY G 55 24.62 6.63 11.97
N SER G 56 24.01 6.32 10.81
CA SER G 56 24.68 5.98 9.54
C SER G 56 25.62 7.08 9.01
N TYR G 57 25.26 8.36 9.24
CA TYR G 57 25.99 9.51 8.71
C TYR G 57 26.63 10.37 9.80
N THR G 58 27.92 10.72 9.58
CA THR G 58 28.75 11.53 10.49
C THR G 58 29.65 12.51 9.69
N SER G 59 29.75 13.76 10.16
CA SER G 59 30.61 14.78 9.56
C SER G 59 31.45 15.43 10.66
N TYR G 60 32.73 15.74 10.35
CA TYR G 60 33.70 16.30 11.30
C TYR G 60 34.53 17.44 10.67
N PRO G 61 35.05 18.42 11.47
CA PRO G 61 35.96 19.42 10.89
C PRO G 61 37.37 18.80 10.81
N ASP G 62 38.26 19.38 9.97
CA ASP G 62 39.63 18.90 9.80
C ASP G 62 40.45 18.93 11.07
N SER G 63 40.05 19.78 12.05
CA SER G 63 40.73 19.90 13.34
C SER G 63 40.65 18.62 14.22
N VAL G 64 39.54 17.87 14.16
CA VAL G 64 39.35 16.66 14.99
C VAL G 64 39.17 15.36 14.20
N LYS G 65 39.00 15.48 12.85
CA LYS G 65 38.81 14.34 11.93
C LYS G 65 39.96 13.32 12.05
N GLY G 66 39.61 12.04 12.08
CA GLY G 66 40.58 10.95 12.20
C GLY G 66 40.92 10.58 13.63
N ARG G 67 40.77 11.53 14.56
CA ARG G 67 41.08 11.36 15.99
C ARG G 67 39.79 11.09 16.78
N PHE G 68 38.77 11.95 16.58
CA PHE G 68 37.48 11.85 17.25
C PHE G 68 36.45 11.05 16.44
N THR G 69 35.59 10.29 17.14
CA THR G 69 34.50 9.50 16.54
C THR G 69 33.18 9.68 17.32
N ILE G 70 32.16 10.24 16.64
CA ILE G 70 30.81 10.45 17.18
C ILE G 70 30.01 9.15 16.96
N SER G 71 29.44 8.60 18.02
CA SER G 71 28.66 7.38 17.95
C SER G 71 27.37 7.52 18.76
N ARG G 72 26.37 6.68 18.41
CA ARG G 72 25.01 6.60 18.95
C ARG G 72 24.68 5.25 19.56
N ASP G 73 23.80 5.28 20.56
CA ASP G 73 23.15 4.12 21.14
C ASP G 73 21.71 4.47 21.53
N ASN G 74 20.83 4.45 20.50
CA ASN G 74 19.39 4.77 20.57
C ASN G 74 18.69 3.81 21.52
N SER G 75 19.07 2.51 21.46
CA SER G 75 18.64 1.42 22.35
C SER G 75 18.84 1.87 23.79
N LYS G 76 19.94 2.57 24.07
CA LYS G 76 20.27 3.10 25.39
C LYS G 76 19.56 4.44 25.64
N ASN G 77 19.96 5.53 24.91
CA ASN G 77 19.52 6.94 24.92
C ASN G 77 20.78 7.86 24.85
N THR G 78 21.96 7.23 24.65
CA THR G 78 23.24 7.93 24.65
C THR G 78 23.89 8.31 23.33
N LEU G 79 24.60 9.43 23.42
CA LEU G 79 25.45 10.01 22.40
C LEU G 79 26.88 9.87 22.93
N TYR G 80 27.81 9.43 22.09
CA TYR G 80 29.19 9.28 22.49
C TYR G 80 30.14 10.09 21.63
N LEU G 81 31.31 10.38 22.21
CA LEU G 81 32.42 11.04 21.53
C LEU G 81 33.69 10.37 22.02
N GLN G 82 34.30 9.57 21.14
CA GLN G 82 35.56 8.90 21.43
C GLN G 82 36.63 9.86 20.95
N MET G 83 37.41 10.36 21.89
CA MET G 83 38.48 11.29 21.59
C MET G 83 39.77 10.53 21.78
N ASN G 84 40.50 10.28 20.69
CA ASN G 84 41.80 9.58 20.72
C ASN G 84 42.84 10.53 20.21
N SER G 85 44.14 10.23 20.46
CA SER G 85 45.27 11.06 20.02
C SER G 85 45.07 12.54 20.43
N LEU G 86 44.67 12.74 21.71
CA LEU G 86 44.37 14.05 22.29
C LEU G 86 45.56 15.02 22.34
N ARG G 87 45.26 16.28 22.00
CA ARG G 87 46.21 17.39 21.96
C ARG G 87 45.77 18.42 22.98
N ALA G 88 46.70 19.25 23.47
CA ALA G 88 46.41 20.32 24.42
C ALA G 88 45.32 21.26 23.89
N GLU G 89 45.33 21.54 22.56
CA GLU G 89 44.36 22.38 21.84
C GLU G 89 42.91 21.88 21.93
N ASP G 90 42.70 20.62 22.40
CA ASP G 90 41.38 20.02 22.60
C ASP G 90 40.81 20.31 24.01
N THR G 91 41.51 21.15 24.82
CA THR G 91 41.04 21.53 26.15
C THR G 91 39.84 22.46 25.97
N ALA G 92 38.66 22.03 26.45
CA ALA G 92 37.41 22.80 26.35
C ALA G 92 36.28 22.18 27.17
N VAL G 93 35.16 22.91 27.35
CA VAL G 93 33.95 22.38 27.97
C VAL G 93 33.07 21.91 26.81
N TYR G 94 32.93 20.57 26.67
CA TYR G 94 32.24 19.88 25.58
C TYR G 94 30.75 19.73 25.76
N TYR G 95 29.99 20.35 24.84
CA TYR G 95 28.52 20.31 24.86
C TYR G 95 27.96 19.35 23.82
N CYS G 96 26.85 18.69 24.18
CA CYS G 96 26.08 17.86 23.26
C CYS G 96 24.76 18.62 23.04
N ALA G 97 24.27 18.61 21.80
CA ALA G 97 23.04 19.35 21.43
C ALA G 97 22.23 18.64 20.34
N LYS G 98 20.91 18.96 20.26
CA LYS G 98 19.95 18.44 19.26
C LYS G 98 20.18 19.19 17.95
N GLN G 99 20.41 18.45 16.87
CA GLN G 99 20.70 19.04 15.57
C GLN G 99 19.50 19.04 14.61
N ASP G 100 19.06 20.25 14.27
CA ASP G 100 18.00 20.54 13.31
C ASP G 100 18.72 21.42 12.26
N TYR G 101 18.25 22.64 11.98
CA TYR G 101 18.96 23.52 11.05
C TYR G 101 20.17 24.05 11.81
N ALA G 102 20.01 24.21 13.13
CA ALA G 102 20.98 24.68 14.10
C ALA G 102 20.81 23.88 15.39
N MET G 103 21.76 24.02 16.33
CA MET G 103 21.72 23.32 17.61
C MET G 103 20.66 23.94 18.52
N ASN G 104 19.48 23.32 18.54
CA ASN G 104 18.38 23.72 19.40
C ASN G 104 18.49 22.81 20.62
N TYR G 105 18.51 23.39 21.82
CA TYR G 105 18.75 22.70 23.09
C TYR G 105 20.16 22.10 23.24
N TRP G 106 20.93 22.72 24.14
CA TRP G 106 22.30 22.33 24.47
C TRP G 106 22.39 21.83 25.92
N GLY G 107 23.22 20.82 26.14
CA GLY G 107 23.49 20.30 27.48
C GLY G 107 24.49 21.19 28.19
N GLN G 108 24.49 21.20 29.53
CA GLN G 108 25.38 22.10 30.27
C GLN G 108 26.90 21.93 30.05
N GLY G 109 27.30 20.79 29.52
CA GLY G 109 28.69 20.50 29.18
C GLY G 109 29.49 19.69 30.19
N THR G 110 30.72 19.33 29.76
CA THR G 110 31.71 18.57 30.51
C THR G 110 33.10 19.08 30.15
N LEU G 111 33.91 19.41 31.15
CA LEU G 111 35.24 19.93 30.89
C LEU G 111 36.30 18.84 30.68
N VAL G 112 36.99 18.91 29.53
CA VAL G 112 38.07 18.02 29.15
C VAL G 112 39.34 18.88 29.19
N THR G 113 40.33 18.44 29.97
CA THR G 113 41.62 19.12 30.15
C THR G 113 42.72 18.20 29.61
N VAL G 114 43.44 18.67 28.58
CA VAL G 114 44.54 17.90 27.98
C VAL G 114 45.84 18.64 28.33
N SER G 115 46.65 18.00 29.22
CA SER G 115 47.90 18.53 29.75
C SER G 115 48.75 17.41 30.31
N SER G 116 50.07 17.65 30.41
CA SER G 116 51.03 16.70 30.99
C SER G 116 51.17 16.95 32.49
N ALA G 117 50.70 18.12 32.95
CA ALA G 117 50.74 18.54 34.35
C ALA G 117 49.86 17.64 35.20
N SER G 118 50.44 17.07 36.25
CA SER G 118 49.79 16.16 37.21
C SER G 118 48.69 16.88 38.01
N THR G 119 47.70 16.10 38.50
CA THR G 119 46.65 16.60 39.38
C THR G 119 47.29 17.07 40.70
N LYS G 120 47.04 18.35 41.08
CA LYS G 120 47.58 18.95 42.30
C LYS G 120 46.50 19.71 43.08
N GLY G 121 46.46 19.52 44.40
CA GLY G 121 45.55 20.21 45.29
C GLY G 121 46.02 21.63 45.57
N PRO G 122 45.13 22.61 45.87
CA PRO G 122 45.60 23.99 46.10
C PRO G 122 46.31 24.24 47.42
N SER G 123 47.06 25.34 47.45
CA SER G 123 47.71 25.85 48.64
C SER G 123 46.88 27.11 48.95
N VAL G 124 46.18 27.11 50.09
CA VAL G 124 45.33 28.24 50.45
C VAL G 124 46.06 29.12 51.46
N PHE G 125 46.27 30.40 51.10
CA PHE G 125 46.95 31.41 51.91
C PHE G 125 46.00 32.57 52.17
N PRO G 126 46.05 33.23 53.35
CA PRO G 126 45.12 34.33 53.61
C PRO G 126 45.49 35.64 52.92
N LEU G 127 44.50 36.53 52.81
CA LEU G 127 44.65 37.89 52.33
C LEU G 127 44.12 38.70 53.51
N ALA G 128 45.02 38.95 54.47
CA ALA G 128 44.74 39.63 55.73
C ALA G 128 44.30 41.09 55.62
N PRO G 129 43.23 41.46 56.37
CA PRO G 129 42.75 42.85 56.32
C PRO G 129 43.66 43.83 57.07
N SER G 130 43.79 45.07 56.54
CA SER G 130 44.61 46.13 57.14
C SER G 130 43.77 47.01 58.07
N ALA G 139 36.68 47.57 55.16
CA ALA G 139 37.74 46.54 55.15
C ALA G 139 37.49 45.39 54.16
N ALA G 140 38.57 44.95 53.48
CA ALA G 140 38.58 43.84 52.53
C ALA G 140 39.54 42.75 53.01
N LEU G 141 39.13 41.52 52.87
CA LEU G 141 39.92 40.33 53.23
C LEU G 141 39.62 39.27 52.19
N GLY G 142 40.36 38.17 52.23
CA GLY G 142 40.21 37.09 51.27
C GLY G 142 41.13 35.91 51.44
N CYS G 143 41.05 34.97 50.48
CA CYS G 143 41.86 33.75 50.41
C CYS G 143 42.50 33.65 49.05
N LEU G 144 43.79 33.29 49.01
CA LEU G 144 44.50 33.08 47.77
C LEU G 144 44.59 31.56 47.59
N VAL G 145 43.89 31.03 46.59
CA VAL G 145 43.84 29.61 46.23
C VAL G 145 44.87 29.43 45.11
N LYS G 146 46.10 29.10 45.48
CA LYS G 146 47.24 29.00 44.58
C LYS G 146 47.66 27.57 44.28
N ASP G 147 48.20 27.38 43.05
CA ASP G 147 48.77 26.14 42.53
C ASP G 147 47.88 24.90 42.65
N TYR G 148 46.85 24.81 41.79
CA TYR G 148 45.92 23.69 41.74
C TYR G 148 45.59 23.33 40.30
N PHE G 149 45.60 22.04 39.99
CA PHE G 149 45.35 21.56 38.65
C PHE G 149 44.62 20.23 38.67
N PRO G 150 43.58 20.04 37.81
CA PRO G 150 43.00 20.99 36.84
C PRO G 150 41.87 21.81 37.48
N GLU G 151 41.04 22.47 36.66
CA GLU G 151 39.89 23.21 37.16
C GLU G 151 38.71 22.23 37.37
N PRO G 152 37.73 22.52 38.24
CA PRO G 152 37.51 23.75 39.02
C PRO G 152 37.75 23.57 40.50
N VAL G 153 37.64 24.69 41.22
CA VAL G 153 37.70 24.76 42.66
C VAL G 153 36.50 25.60 43.09
N THR G 154 35.91 25.26 44.23
CA THR G 154 34.74 25.98 44.75
C THR G 154 35.10 26.64 46.07
N VAL G 155 34.82 27.94 46.18
CA VAL G 155 35.14 28.68 47.40
C VAL G 155 33.86 29.25 48.04
N SER G 156 33.69 28.97 49.35
CA SER G 156 32.58 29.41 50.20
C SER G 156 33.15 30.21 51.38
N TRP G 157 32.29 31.01 52.06
CA TRP G 157 32.71 31.80 53.23
C TRP G 157 31.83 31.51 54.43
N ASN G 158 32.46 31.05 55.54
CA ASN G 158 31.83 30.68 56.82
C ASN G 158 30.80 29.56 56.62
N SER G 159 31.17 28.53 55.83
CA SER G 159 30.33 27.37 55.50
C SER G 159 29.01 27.77 54.82
N GLY G 160 29.10 28.71 53.89
CA GLY G 160 27.96 29.22 53.13
C GLY G 160 27.22 30.37 53.78
N ALA G 161 27.43 30.59 55.10
CA ALA G 161 26.80 31.66 55.89
C ALA G 161 27.09 33.05 55.35
N LEU G 162 28.37 33.33 55.03
CA LEU G 162 28.77 34.61 54.46
C LEU G 162 28.75 34.51 52.95
N THR G 163 28.00 35.40 52.31
CA THR G 163 27.84 35.39 50.87
C THR G 163 27.73 36.78 50.27
N SER G 164 27.25 37.77 51.06
CA SER G 164 27.12 39.15 50.58
C SER G 164 28.47 39.86 50.57
N GLY G 165 28.84 40.34 49.38
CA GLY G 165 30.10 41.04 49.15
C GLY G 165 31.25 40.13 48.75
N VAL G 166 30.94 38.84 48.52
CA VAL G 166 31.92 37.82 48.14
C VAL G 166 32.15 37.90 46.64
N HIS G 167 33.42 37.95 46.21
CA HIS G 167 33.80 37.96 44.81
C HIS G 167 34.84 36.87 44.58
N THR G 168 34.41 35.72 44.04
CA THR G 168 35.34 34.64 43.70
C THR G 168 35.73 34.91 42.26
N PHE G 169 36.99 35.25 42.04
CA PHE G 169 37.49 35.60 40.72
C PHE G 169 37.78 34.40 39.84
N PRO G 170 37.54 34.49 38.51
CA PRO G 170 37.93 33.38 37.64
C PRO G 170 39.42 33.05 37.78
N ALA G 171 39.73 31.74 37.71
CA ALA G 171 41.10 31.25 37.84
C ALA G 171 41.94 31.70 36.64
N VAL G 172 43.18 32.08 36.91
CA VAL G 172 44.15 32.52 35.91
C VAL G 172 45.23 31.44 35.83
N LEU G 173 45.48 30.92 34.62
CA LEU G 173 46.48 29.88 34.42
C LEU G 173 47.84 30.54 34.41
N GLN G 174 48.65 30.21 35.44
CA GLN G 174 50.01 30.73 35.67
C GLN G 174 51.01 30.16 34.67
N SER G 175 52.22 30.76 34.60
CA SER G 175 53.29 30.31 33.70
C SER G 175 53.74 28.85 33.93
N SER G 176 53.64 28.39 35.20
CA SER G 176 53.93 27.03 35.69
C SER G 176 53.03 25.95 35.07
N GLY G 177 51.85 26.35 34.60
CA GLY G 177 50.89 25.43 34.04
C GLY G 177 49.84 25.07 35.07
N LEU G 178 49.93 25.68 36.27
CA LEU G 178 48.99 25.48 37.37
C LEU G 178 48.05 26.68 37.46
N TYR G 179 46.84 26.47 37.98
CA TYR G 179 45.85 27.53 38.14
C TYR G 179 46.00 28.19 39.48
N SER G 180 45.41 29.35 39.61
CA SER G 180 45.42 30.13 40.83
C SER G 180 44.24 31.09 40.76
N LEU G 181 43.61 31.36 41.92
CA LEU G 181 42.54 32.33 42.08
C LEU G 181 42.50 32.96 43.44
N SER G 182 41.68 33.99 43.57
CA SER G 182 41.46 34.74 44.80
C SER G 182 39.96 34.89 45.04
N SER G 183 39.56 34.77 46.31
CA SER G 183 38.18 34.96 46.75
C SER G 183 38.27 35.99 47.85
N VAL G 184 37.65 37.15 47.62
CA VAL G 184 37.69 38.25 48.58
C VAL G 184 36.31 38.57 49.16
N VAL G 185 36.28 39.19 50.33
CA VAL G 185 35.04 39.61 50.97
C VAL G 185 35.19 40.99 51.62
N THR G 186 34.21 41.86 51.38
CA THR G 186 34.16 43.20 51.93
C THR G 186 33.23 43.15 53.14
N VAL G 187 33.78 43.49 54.31
CA VAL G 187 33.10 43.48 55.61
C VAL G 187 33.36 44.78 56.38
N PRO G 188 32.43 45.22 57.27
CA PRO G 188 32.71 46.44 58.07
C PRO G 188 33.90 46.23 59.03
N SER G 189 34.72 47.28 59.22
CA SER G 189 35.94 47.26 60.05
C SER G 189 35.74 46.75 61.46
N SER G 190 34.63 47.16 62.10
CA SER G 190 34.23 46.80 63.47
C SER G 190 34.09 45.30 63.67
N SER G 191 33.56 44.58 62.64
CA SER G 191 33.32 43.13 62.66
C SER G 191 34.60 42.29 62.82
N LEU G 192 35.76 42.85 62.45
CA LEU G 192 37.06 42.18 62.62
C LEU G 192 37.33 42.00 64.12
N GLY G 193 38.01 40.91 64.47
CA GLY G 193 38.29 40.55 65.85
C GLY G 193 37.15 39.78 66.49
N THR G 194 35.93 40.39 66.46
CA THR G 194 34.68 39.83 66.98
C THR G 194 34.21 38.64 66.09
N GLN G 195 33.88 38.94 64.81
CA GLN G 195 33.45 37.97 63.81
C GLN G 195 34.67 37.30 63.14
N THR G 196 34.66 35.95 63.12
CA THR G 196 35.71 35.12 62.55
C THR G 196 35.31 34.69 61.15
N TYR G 197 36.21 34.96 60.19
CA TYR G 197 36.02 34.70 58.77
C TYR G 197 36.86 33.53 58.27
N ILE G 198 36.19 32.51 57.70
CA ILE G 198 36.82 31.30 57.19
C ILE G 198 36.40 31.04 55.75
N CYS G 199 37.39 30.81 54.85
CA CYS G 199 37.10 30.45 53.47
C CYS G 199 37.12 28.92 53.36
N ASN G 200 36.09 28.37 52.73
CA ASN G 200 35.89 26.94 52.57
C ASN G 200 36.13 26.55 51.11
N VAL G 201 37.36 26.10 50.84
CA VAL G 201 37.87 25.74 49.51
C VAL G 201 37.70 24.24 49.29
N ASN G 202 37.15 23.85 48.14
CA ASN G 202 36.98 22.45 47.76
C ASN G 202 37.48 22.21 46.33
N HIS G 203 38.54 21.40 46.19
CA HIS G 203 39.08 21.03 44.89
C HIS G 203 38.72 19.58 44.59
N LYS G 204 37.52 19.36 43.98
CA LYS G 204 37.01 18.04 43.62
C LYS G 204 38.00 17.22 42.77
N PRO G 205 38.66 17.77 41.71
CA PRO G 205 39.59 16.93 40.92
C PRO G 205 40.78 16.31 41.66
N SER G 206 40.95 16.62 42.97
CA SER G 206 42.04 16.14 43.80
C SER G 206 41.58 15.66 45.19
N ASN G 207 40.24 15.59 45.42
CA ASN G 207 39.62 15.17 46.69
C ASN G 207 40.19 15.92 47.91
N THR G 208 40.52 17.20 47.70
CA THR G 208 41.10 18.08 48.72
C THR G 208 40.12 19.20 49.10
N LYS G 209 39.85 19.30 50.42
CA LYS G 209 38.97 20.29 51.04
C LYS G 209 39.84 21.03 52.06
N VAL G 210 39.82 22.38 52.01
CA VAL G 210 40.63 23.22 52.89
C VAL G 210 39.78 24.35 53.49
N ASP G 211 39.77 24.45 54.83
CA ASP G 211 39.12 25.52 55.57
C ASP G 211 40.26 26.40 56.12
N LYS G 212 40.28 27.69 55.73
CA LYS G 212 41.32 28.64 56.16
C LYS G 212 40.74 29.82 56.92
N LYS G 213 41.30 30.12 58.10
CA LYS G 213 40.91 31.23 58.96
C LYS G 213 41.75 32.44 58.57
N VAL G 214 41.08 33.54 58.15
CA VAL G 214 41.72 34.81 57.77
C VAL G 214 41.47 35.81 58.91
N GLU G 215 42.55 36.29 59.53
CA GLU G 215 42.47 37.23 60.64
C GLU G 215 43.57 38.32 60.55
N PRO G 216 43.42 39.50 61.21
CA PRO G 216 44.47 40.52 61.13
C PRO G 216 45.68 40.18 61.99
N ASP H 1 37.30 27.15 4.14
CA ASP H 1 36.57 27.44 5.37
C ASP H 1 36.03 28.87 5.35
N ILE H 2 34.71 28.99 5.61
CA ILE H 2 33.96 30.26 5.64
C ILE H 2 34.22 30.94 6.99
N GLN H 3 34.66 32.21 6.98
CA GLN H 3 34.88 32.96 8.21
C GLN H 3 33.64 33.80 8.55
N MET H 4 33.27 33.86 9.84
CA MET H 4 32.10 34.62 10.30
C MET H 4 32.53 35.76 11.22
N THR H 5 32.52 37.01 10.70
CA THR H 5 32.95 38.21 11.43
C THR H 5 31.79 38.92 12.10
N GLN H 6 31.80 38.98 13.43
CA GLN H 6 30.76 39.61 14.24
C GLN H 6 31.10 41.06 14.66
N SER H 7 30.10 41.96 14.55
CA SER H 7 30.25 43.38 14.91
C SER H 7 29.03 43.89 15.70
N PRO H 8 29.22 44.60 16.85
CA PRO H 8 30.50 44.93 17.51
C PRO H 8 31.06 43.78 18.35
N SER H 9 32.28 43.97 18.89
CA SER H 9 32.89 42.96 19.76
C SER H 9 32.22 43.01 21.14
N SER H 10 31.83 44.23 21.55
CA SER H 10 31.17 44.52 22.81
C SER H 10 30.28 45.74 22.64
N LEU H 11 29.26 45.89 23.52
CA LEU H 11 28.33 47.02 23.52
C LEU H 11 27.71 47.24 24.90
N SER H 12 27.70 48.50 25.36
CA SER H 12 27.10 48.92 26.61
C SER H 12 25.77 49.56 26.26
N ALA H 13 24.71 49.10 26.94
CA ALA H 13 23.35 49.60 26.69
C ALA H 13 22.49 49.51 27.94
N SER H 14 21.36 50.22 27.93
CA SER H 14 20.40 50.24 29.02
C SER H 14 19.10 49.57 28.59
N VAL H 15 18.26 49.17 29.56
CA VAL H 15 16.98 48.51 29.25
C VAL H 15 16.07 49.41 28.41
N GLY H 16 15.40 48.79 27.43
CA GLY H 16 14.50 49.48 26.53
C GLY H 16 15.13 49.89 25.22
N ASP H 17 16.47 49.99 25.16
CA ASP H 17 17.18 50.37 23.95
C ASP H 17 17.03 49.35 22.82
N ARG H 18 16.98 49.84 21.57
CA ARG H 18 16.88 49.01 20.37
C ARG H 18 18.30 48.71 19.89
N VAL H 19 18.73 47.43 19.96
CA VAL H 19 20.08 47.05 19.55
C VAL H 19 20.16 46.15 18.32
N THR H 20 21.11 46.47 17.42
CA THR H 20 21.37 45.77 16.16
C THR H 20 22.79 45.22 16.11
N ILE H 21 22.89 43.89 16.09
CA ILE H 21 24.13 43.14 16.05
C ILE H 21 24.27 42.52 14.64
N THR H 22 25.37 42.87 13.94
CA THR H 22 25.66 42.40 12.58
C THR H 22 26.64 41.23 12.54
N CYS H 23 26.40 40.28 11.64
CA CYS H 23 27.25 39.11 11.40
C CYS H 23 27.54 39.03 9.89
N LYS H 24 28.79 39.30 9.50
CA LYS H 24 29.26 39.30 8.12
C LYS H 24 29.98 37.98 7.81
N ALA H 25 29.90 37.49 6.56
CA ALA H 25 30.53 36.23 6.14
C ALA H 25 31.69 36.43 5.10
N SER H 26 32.49 35.36 4.83
CA SER H 26 33.57 35.38 3.83
C SER H 26 33.12 34.92 2.42
N GLN H 27 31.93 34.28 2.30
CA GLN H 27 31.33 33.79 1.05
C GLN H 27 29.78 33.94 1.11
N ASP H 28 29.08 33.59 0.00
CA ASP H 28 27.62 33.66 -0.05
C ASP H 28 26.95 32.49 0.67
N VAL H 29 26.44 32.80 1.87
CA VAL H 29 25.81 31.90 2.84
C VAL H 29 24.26 31.80 2.67
N SER H 30 23.69 32.67 1.80
CA SER H 30 22.25 32.75 1.48
C SER H 30 21.43 33.13 2.70
N THR H 31 20.66 32.20 3.30
CA THR H 31 19.89 32.46 4.51
C THR H 31 20.35 31.56 5.68
N ALA H 32 21.31 30.66 5.45
CA ALA H 32 21.80 29.73 6.47
C ALA H 32 22.56 30.36 7.66
N VAL H 33 21.87 31.18 8.45
CA VAL H 33 22.48 31.84 9.60
C VAL H 33 21.67 31.64 10.87
N ALA H 34 22.35 31.12 11.91
CA ALA H 34 21.79 30.87 13.24
C ALA H 34 22.24 31.97 14.21
N TRP H 35 21.50 32.14 15.30
CA TRP H 35 21.85 33.11 16.34
C TRP H 35 21.67 32.46 17.67
N TYR H 36 22.67 32.67 18.55
CA TYR H 36 22.71 32.08 19.90
C TYR H 36 22.94 33.11 20.99
N GLN H 37 22.42 32.80 22.19
CA GLN H 37 22.60 33.63 23.37
C GLN H 37 23.24 32.78 24.47
N GLN H 38 24.41 33.20 24.96
CA GLN H 38 25.14 32.50 26.02
C GLN H 38 25.39 33.43 27.21
N LYS H 39 25.10 32.92 28.42
CA LYS H 39 25.31 33.64 29.67
C LYS H 39 26.46 33.00 30.46
N PRO H 40 27.25 33.81 31.18
CA PRO H 40 28.38 33.26 31.95
C PRO H 40 28.05 32.06 32.85
N GLY H 41 28.75 30.95 32.60
CA GLY H 41 28.60 29.71 33.33
C GLY H 41 27.51 28.79 32.81
N LYS H 42 26.88 29.18 31.66
CA LYS H 42 25.81 28.40 31.06
C LYS H 42 26.04 28.09 29.56
N ALA H 43 25.42 26.98 29.09
CA ALA H 43 25.42 26.50 27.71
C ALA H 43 24.62 27.46 26.83
N PRO H 44 24.96 27.61 25.52
CA PRO H 44 24.21 28.55 24.68
C PRO H 44 22.77 28.11 24.35
N LYS H 45 21.93 29.06 24.04
CA LYS H 45 20.58 28.77 23.66
C LYS H 45 20.37 29.17 22.22
N LEU H 46 19.25 28.76 21.65
CA LEU H 46 18.97 29.08 20.26
C LEU H 46 18.06 30.25 20.17
N LEU H 47 18.38 31.18 19.29
CA LEU H 47 17.53 32.31 19.05
C LEU H 47 16.89 32.22 17.69
N ILE H 48 17.69 32.23 16.65
CA ILE H 48 17.18 32.26 15.31
C ILE H 48 17.76 31.13 14.46
N TYR H 49 17.06 30.77 13.39
CA TYR H 49 17.66 29.95 12.35
C TYR H 49 17.44 30.50 10.95
N SER H 50 18.03 29.87 9.96
CA SER H 50 17.72 30.19 8.57
C SER H 50 17.53 31.73 8.37
N ALA H 51 18.35 32.51 9.13
CA ALA H 51 18.47 33.98 9.20
C ALA H 51 17.34 34.74 9.86
N SER H 52 16.09 34.36 9.58
CA SER H 52 14.92 35.08 10.10
C SER H 52 13.98 34.26 10.99
N TYR H 53 14.06 32.93 10.92
CA TYR H 53 13.19 32.03 11.66
C TYR H 53 13.53 31.96 13.12
N ARG H 54 12.61 32.47 13.97
CA ARG H 54 12.75 32.44 15.42
C ARG H 54 12.46 31.02 15.93
N TYR H 55 13.20 30.57 16.94
CA TYR H 55 12.99 29.25 17.52
C TYR H 55 11.86 29.34 18.57
N THR H 56 11.27 28.17 18.90
CA THR H 56 10.20 28.00 19.88
C THR H 56 10.59 28.64 21.23
N GLY H 57 9.69 29.43 21.80
CA GLY H 57 9.90 30.08 23.09
C GLY H 57 10.61 31.42 23.07
N VAL H 58 11.40 31.69 22.00
CA VAL H 58 12.17 32.94 21.85
C VAL H 58 11.20 34.15 21.76
N PRO H 59 11.35 35.16 22.66
CA PRO H 59 10.44 36.32 22.61
C PRO H 59 10.50 37.09 21.29
N SER H 60 9.35 37.67 20.90
CA SER H 60 9.15 38.44 19.67
C SER H 60 10.09 39.64 19.49
N ARG H 61 10.64 40.21 20.59
CA ARG H 61 11.59 41.33 20.56
C ARG H 61 12.90 40.96 19.81
N PHE H 62 13.20 39.66 19.68
CA PHE H 62 14.36 39.12 18.96
C PHE H 62 13.96 38.85 17.51
N SER H 63 14.64 39.47 16.55
CA SER H 63 14.33 39.32 15.13
C SER H 63 15.53 39.41 14.20
N GLY H 64 15.76 38.35 13.45
CA GLY H 64 16.85 38.28 12.50
C GLY H 64 16.43 38.65 11.09
N SER H 65 17.37 39.28 10.35
CA SER H 65 17.19 39.70 8.96
C SER H 65 18.51 39.59 8.20
N GLY H 66 18.44 39.19 6.94
CA GLY H 66 19.64 39.07 6.14
C GLY H 66 19.64 37.98 5.09
N SER H 67 20.57 38.13 4.12
CA SER H 67 20.79 37.24 2.99
C SER H 67 22.20 37.44 2.40
N GLY H 68 22.77 36.37 1.87
CA GLY H 68 24.08 36.37 1.20
C GLY H 68 25.29 36.59 2.08
N THR H 69 25.47 37.84 2.57
CA THR H 69 26.64 38.16 3.40
C THR H 69 26.32 38.99 4.65
N ASP H 70 25.46 40.00 4.51
CA ASP H 70 25.16 40.89 5.63
C ASP H 70 23.86 40.61 6.41
N PHE H 71 24.01 39.76 7.46
CA PHE H 71 22.95 39.31 8.37
C PHE H 71 22.93 40.15 9.66
N THR H 72 21.73 40.36 10.21
CA THR H 72 21.56 41.20 11.38
C THR H 72 20.52 40.66 12.34
N LEU H 73 20.92 40.62 13.63
CA LEU H 73 20.05 40.27 14.74
C LEU H 73 19.60 41.62 15.35
N THR H 74 18.29 41.74 15.71
CA THR H 74 17.75 42.98 16.26
C THR H 74 16.93 42.73 17.51
N ILE H 75 17.31 43.41 18.61
CA ILE H 75 16.60 43.38 19.88
C ILE H 75 15.87 44.72 19.97
N SER H 76 14.54 44.67 19.74
CA SER H 76 13.62 45.81 19.69
C SER H 76 13.60 46.69 20.94
N SER H 77 13.60 46.06 22.13
CA SER H 77 13.59 46.75 23.41
C SER H 77 14.32 45.85 24.40
N LEU H 78 15.49 46.31 24.92
CA LEU H 78 16.29 45.53 25.86
C LEU H 78 15.61 45.31 27.20
N ASN H 79 15.71 44.07 27.70
CA ASN H 79 15.18 43.65 28.98
C ASN H 79 16.33 43.17 29.87
N PRO H 80 16.17 43.17 31.21
CA PRO H 80 17.28 42.74 32.08
C PRO H 80 17.94 41.39 31.75
N GLU H 81 17.13 40.40 31.32
CA GLU H 81 17.60 39.06 30.97
C GLU H 81 18.27 38.99 29.58
N ASP H 82 18.34 40.12 28.85
CA ASP H 82 18.94 40.18 27.52
C ASP H 82 20.44 40.39 27.52
N PHE H 83 20.99 40.89 28.63
CA PHE H 83 22.41 41.14 28.77
C PHE H 83 23.17 39.84 28.89
N ALA H 84 23.83 39.48 27.78
CA ALA H 84 24.60 38.25 27.58
C ALA H 84 25.53 38.45 26.36
N THR H 85 26.18 37.34 25.91
CA THR H 85 27.04 37.30 24.74
C THR H 85 26.21 36.69 23.61
N TYR H 86 26.33 37.25 22.41
CA TYR H 86 25.57 36.79 21.27
C TYR H 86 26.47 36.25 20.22
N TYR H 87 26.15 35.04 19.75
CA TYR H 87 26.92 34.34 18.73
C TYR H 87 26.09 34.11 17.48
N CYS H 88 26.73 34.19 16.31
CA CYS H 88 26.14 33.90 15.01
C CYS H 88 26.86 32.66 14.46
N GLN H 89 26.28 31.93 13.50
CA GLN H 89 26.91 30.75 12.93
C GLN H 89 26.41 30.49 11.53
N GLN H 90 27.23 29.83 10.69
CA GLN H 90 26.80 29.43 9.36
C GLN H 90 26.35 27.97 9.39
N HIS H 91 25.18 27.68 8.79
CA HIS H 91 24.65 26.33 8.67
C HIS H 91 24.45 25.94 7.19
N TYR H 92 25.39 26.43 6.34
CA TYR H 92 25.45 26.25 4.89
C TYR H 92 26.31 25.03 4.49
N SER H 93 27.63 25.06 4.73
CA SER H 93 28.50 23.95 4.37
C SER H 93 29.58 23.71 5.42
N THR H 94 29.86 22.42 5.73
CA THR H 94 30.88 22.04 6.72
C THR H 94 32.30 22.38 6.22
N PRO H 95 33.25 22.77 7.10
CA PRO H 95 33.11 22.94 8.56
C PRO H 95 32.26 24.13 8.95
N TRP H 96 31.32 23.88 9.87
CA TRP H 96 30.40 24.89 10.40
C TRP H 96 31.20 25.85 11.28
N THR H 97 31.19 27.14 10.92
CA THR H 97 31.94 28.20 11.61
C THR H 97 31.04 29.23 12.31
N PHE H 98 31.52 29.75 13.44
CA PHE H 98 30.82 30.72 14.28
C PHE H 98 31.45 32.11 14.26
N GLY H 99 30.72 33.09 14.75
CA GLY H 99 31.17 34.47 14.91
C GLY H 99 31.88 34.65 16.24
N GLY H 100 32.73 35.66 16.31
CA GLY H 100 33.54 35.98 17.48
C GLY H 100 32.78 36.25 18.78
N GLY H 101 31.55 36.74 18.66
CA GLY H 101 30.68 37.07 19.79
C GLY H 101 30.49 38.54 20.02
N THR H 102 29.39 38.91 20.72
CA THR H 102 29.05 40.30 21.07
C THR H 102 28.57 40.37 22.51
N LYS H 103 29.40 40.94 23.40
CA LYS H 103 29.04 41.09 24.80
C LYS H 103 28.09 42.31 24.98
N VAL H 104 26.86 42.08 25.48
CA VAL H 104 25.92 43.19 25.72
C VAL H 104 25.90 43.46 27.22
N GLU H 105 26.48 44.60 27.62
CA GLU H 105 26.69 45.05 29.01
C GLU H 105 25.63 46.03 29.52
N ILE H 106 25.31 45.95 30.83
CA ILE H 106 24.34 46.82 31.50
C ILE H 106 25.03 48.17 31.72
N LYS H 107 24.51 49.23 31.10
CA LYS H 107 25.07 50.58 31.23
C LYS H 107 24.54 51.23 32.52
N ARG H 108 25.46 51.65 33.39
CA ARG H 108 25.14 52.31 34.67
C ARG H 108 26.03 53.54 34.93
N THR H 109 25.86 54.20 36.11
CA THR H 109 26.64 55.39 36.49
C THR H 109 28.10 55.04 36.75
N VAL H 110 29.01 55.99 36.48
CA VAL H 110 30.45 55.80 36.70
C VAL H 110 30.69 55.49 38.18
N ALA H 111 31.44 54.40 38.44
CA ALA H 111 31.79 53.96 39.79
C ALA H 111 33.29 53.74 39.90
N ALA H 112 33.92 54.47 40.83
CA ALA H 112 35.36 54.40 41.11
C ALA H 112 35.68 53.11 41.89
N PRO H 113 36.86 52.48 41.72
CA PRO H 113 37.15 51.23 42.46
C PRO H 113 37.63 51.44 43.89
N SER H 114 37.37 50.44 44.75
CA SER H 114 37.88 50.45 46.12
C SER H 114 39.18 49.66 46.01
N VAL H 115 40.34 50.35 46.21
CA VAL H 115 41.65 49.75 46.03
C VAL H 115 42.24 49.23 47.32
N PHE H 116 42.63 47.92 47.32
CA PHE H 116 43.24 47.22 48.45
C PHE H 116 44.45 46.45 48.00
N ILE H 117 45.49 46.48 48.81
CA ILE H 117 46.72 45.75 48.57
C ILE H 117 46.95 44.77 49.75
N PHE H 118 47.29 43.52 49.42
CA PHE H 118 47.54 42.48 50.41
C PHE H 118 48.99 42.01 50.32
N PRO H 119 49.78 42.13 51.42
CA PRO H 119 51.16 41.62 51.39
C PRO H 119 51.17 40.08 51.36
N PRO H 120 52.26 39.41 50.93
CA PRO H 120 52.24 37.93 50.95
C PRO H 120 52.20 37.41 52.38
N SER H 121 51.51 36.28 52.59
CA SER H 121 51.40 35.68 53.92
C SER H 121 52.73 35.08 54.37
N ASP H 122 52.98 35.09 55.70
CA ASP H 122 54.18 34.51 56.29
C ASP H 122 54.21 33.00 56.01
N GLU H 123 53.02 32.36 56.04
CA GLU H 123 52.79 30.96 55.72
C GLU H 123 53.29 30.64 54.29
N GLN H 124 53.02 31.55 53.34
CA GLN H 124 53.42 31.40 51.95
C GLN H 124 54.90 31.63 51.75
N LEU H 125 55.46 32.69 52.37
CA LEU H 125 56.89 33.03 52.27
C LEU H 125 57.80 31.88 52.65
N LYS H 126 57.26 30.91 53.43
CA LYS H 126 57.95 29.70 53.88
C LYS H 126 58.30 28.78 52.72
N SER H 127 57.47 28.80 51.65
CA SER H 127 57.67 27.96 50.46
C SER H 127 58.69 28.55 49.49
N GLY H 128 58.93 29.85 49.62
CA GLY H 128 59.88 30.59 48.82
C GLY H 128 59.25 31.47 47.77
N THR H 129 57.92 31.68 47.86
CA THR H 129 57.16 32.50 46.91
C THR H 129 56.46 33.63 47.63
N ALA H 130 56.36 34.79 46.97
CA ALA H 130 55.65 35.96 47.48
C ALA H 130 54.61 36.41 46.46
N SER H 131 53.33 36.25 46.80
CA SER H 131 52.27 36.65 45.91
C SER H 131 51.60 37.84 46.55
N VAL H 132 51.85 39.01 45.94
CA VAL H 132 51.33 40.31 46.35
C VAL H 132 50.09 40.51 45.52
N VAL H 133 48.95 40.70 46.19
CA VAL H 133 47.65 40.85 45.52
C VAL H 133 47.10 42.28 45.64
N CYS H 134 46.50 42.77 44.54
CA CYS H 134 45.82 44.05 44.51
C CYS H 134 44.38 43.83 44.07
N LEU H 135 43.44 44.45 44.80
CA LEU H 135 42.01 44.36 44.55
C LEU H 135 41.39 45.71 44.24
N LEU H 136 40.70 45.76 43.11
CA LEU H 136 39.92 46.89 42.61
C LEU H 136 38.48 46.36 42.75
N ASN H 137 37.75 46.81 43.79
CA ASN H 137 36.42 46.29 44.11
C ASN H 137 35.25 47.22 43.77
N ASN H 138 34.21 46.64 43.14
CA ASN H 138 32.95 47.26 42.74
C ASN H 138 33.12 48.59 42.00
N PHE H 139 33.41 48.52 40.71
CA PHE H 139 33.63 49.70 39.85
C PHE H 139 32.92 49.59 38.49
N TYR H 140 32.86 50.72 37.74
CA TYR H 140 32.25 50.82 36.42
C TYR H 140 32.88 51.97 35.60
N PRO H 141 33.25 51.78 34.30
CA PRO H 141 33.15 50.55 33.49
C PRO H 141 34.26 49.54 33.76
N ARG H 142 34.24 48.39 33.04
CA ARG H 142 35.20 47.28 33.15
C ARG H 142 36.65 47.72 32.91
N GLU H 143 36.82 48.81 32.13
CA GLU H 143 38.10 49.39 31.74
C GLU H 143 38.84 50.04 32.91
N ALA H 144 39.88 49.35 33.38
CA ALA H 144 40.73 49.77 34.49
C ALA H 144 42.18 49.34 34.23
N LYS H 145 43.14 50.17 34.67
CA LYS H 145 44.55 49.82 34.52
C LYS H 145 45.23 49.83 35.87
N VAL H 146 45.79 48.66 36.24
CA VAL H 146 46.55 48.44 37.47
C VAL H 146 48.01 48.23 37.10
N GLN H 147 48.90 49.04 37.69
CA GLN H 147 50.32 48.99 37.46
C GLN H 147 51.11 48.82 38.75
N TRP H 148 51.93 47.77 38.76
CA TRP H 148 52.75 47.34 39.88
C TRP H 148 54.07 48.08 39.90
N LYS H 149 54.39 48.70 41.04
CA LYS H 149 55.64 49.42 41.21
C LYS H 149 56.36 48.92 42.46
N VAL H 150 57.57 48.32 42.28
CA VAL H 150 58.41 47.74 43.34
C VAL H 150 59.61 48.67 43.47
N ASP H 151 59.68 49.44 44.59
CA ASP H 151 60.71 50.47 44.88
C ASP H 151 60.79 51.52 43.72
N ASN H 152 59.62 51.91 43.18
CA ASN H 152 59.35 52.83 42.05
C ASN H 152 59.59 52.24 40.66
N ALA H 153 60.19 51.03 40.59
CA ALA H 153 60.44 50.34 39.32
C ALA H 153 59.14 49.77 38.77
N LEU H 154 58.80 50.15 37.52
CA LEU H 154 57.59 49.69 36.84
C LEU H 154 57.73 48.20 36.54
N GLN H 155 56.73 47.40 36.97
CA GLN H 155 56.75 45.94 36.84
C GLN H 155 56.06 45.40 35.62
N SER H 156 56.78 44.52 34.91
CA SER H 156 56.31 43.84 33.70
C SER H 156 56.58 42.35 33.79
N GLY H 157 55.74 41.56 33.12
CA GLY H 157 55.83 40.12 32.98
C GLY H 157 55.71 39.24 34.22
N ASN H 158 55.36 39.82 35.37
CA ASN H 158 55.22 39.13 36.65
C ASN H 158 53.83 39.35 37.32
N SER H 159 52.87 39.87 36.52
CA SER H 159 51.50 40.20 36.94
C SER H 159 50.46 39.43 36.12
N GLN H 160 49.32 39.06 36.76
CA GLN H 160 48.18 38.35 36.16
C GLN H 160 46.89 38.90 36.77
N GLU H 161 45.99 39.39 35.90
CA GLU H 161 44.70 39.97 36.26
C GLU H 161 43.52 39.00 36.04
N SER H 162 42.40 39.25 36.73
CA SER H 162 41.17 38.48 36.67
C SER H 162 40.00 39.40 36.97
N VAL H 163 38.97 39.40 36.09
CA VAL H 163 37.81 40.28 36.25
C VAL H 163 36.52 39.47 36.42
N THR H 164 35.78 39.72 37.53
CA THR H 164 34.47 39.10 37.79
C THR H 164 33.48 39.51 36.67
N GLU H 165 32.41 38.71 36.49
CA GLU H 165 31.40 39.05 35.51
C GLU H 165 30.54 40.17 36.10
N GLN H 166 29.90 40.98 35.25
CA GLN H 166 29.11 42.11 35.73
C GLN H 166 28.10 41.69 36.81
N ASP H 167 28.28 42.26 38.03
CA ASP H 167 27.46 41.96 39.21
C ASP H 167 25.98 42.09 38.91
N SER H 168 25.20 41.09 39.34
CA SER H 168 23.76 41.04 39.10
C SER H 168 22.97 42.14 39.81
N LYS H 169 23.37 42.49 41.05
CA LYS H 169 22.71 43.51 41.87
C LYS H 169 23.00 44.95 41.42
N ASP H 170 24.29 45.36 41.42
CA ASP H 170 24.66 46.75 41.12
C ASP H 170 25.32 47.03 39.77
N SER H 171 25.40 46.03 38.88
CA SER H 171 25.99 46.11 37.52
C SER H 171 27.44 46.60 37.51
N THR H 172 28.18 46.33 38.61
CA THR H 172 29.58 46.70 38.79
C THR H 172 30.55 45.55 38.52
N TYR H 173 31.83 45.90 38.35
CA TYR H 173 32.92 44.97 38.15
C TYR H 173 33.88 44.97 39.34
N SER H 174 34.64 43.89 39.47
CA SER H 174 35.71 43.74 40.46
C SER H 174 36.89 43.08 39.73
N LEU H 175 38.12 43.50 40.09
CA LEU H 175 39.37 43.04 39.48
C LEU H 175 40.35 42.62 40.55
N SER H 176 41.14 41.57 40.24
CA SER H 176 42.23 41.05 41.07
C SER H 176 43.50 40.97 40.22
N SER H 177 44.57 41.67 40.65
CA SER H 177 45.87 41.64 39.96
C SER H 177 46.84 41.01 40.94
N THR H 178 47.64 40.03 40.48
CA THR H 178 48.57 39.32 41.36
C THR H 178 50.03 39.40 40.88
N LEU H 179 50.90 39.96 41.75
CA LEU H 179 52.33 40.11 41.50
C LEU H 179 53.07 38.90 42.10
N THR H 180 53.72 38.11 41.23
CA THR H 180 54.48 36.94 41.68
C THR H 180 55.98 37.20 41.66
N LEU H 181 56.56 37.16 42.86
CA LEU H 181 57.98 37.36 43.11
C LEU H 181 58.49 36.21 44.00
N SER H 182 59.81 35.92 43.91
CA SER H 182 60.45 34.88 44.74
C SER H 182 60.76 35.49 46.09
N LYS H 183 60.95 34.66 47.14
CA LYS H 183 61.28 35.17 48.47
C LYS H 183 62.52 36.07 48.39
N ALA H 184 63.53 35.65 47.59
CA ALA H 184 64.78 36.38 47.37
C ALA H 184 64.57 37.79 46.81
N ASP H 185 63.84 37.91 45.67
CA ASP H 185 63.56 39.20 45.03
C ASP H 185 62.67 40.06 45.91
N TYR H 186 61.65 39.42 46.55
CA TYR H 186 60.73 40.09 47.44
C TYR H 186 61.49 40.76 48.58
N GLU H 187 62.41 40.03 49.21
CA GLU H 187 63.23 40.52 50.32
C GLU H 187 64.32 41.53 49.93
N LYS H 188 64.54 41.71 48.63
CA LYS H 188 65.53 42.59 48.01
C LYS H 188 65.01 44.04 47.86
N HIS H 189 63.68 44.29 48.03
CA HIS H 189 63.04 45.60 47.89
C HIS H 189 62.08 45.96 49.04
N LYS H 190 61.84 47.27 49.28
CA LYS H 190 60.98 47.76 50.38
C LYS H 190 59.53 48.09 50.04
N VAL H 191 59.30 49.17 49.27
CA VAL H 191 57.95 49.64 48.91
C VAL H 191 57.32 48.80 47.80
N TYR H 192 56.10 48.31 48.06
CA TYR H 192 55.29 47.52 47.14
C TYR H 192 54.00 48.27 46.90
N ALA H 193 53.89 48.90 45.72
CA ALA H 193 52.75 49.74 45.36
C ALA H 193 51.92 49.23 44.19
N CYS H 194 50.61 49.47 44.28
CA CYS H 194 49.62 49.16 43.28
C CYS H 194 48.94 50.46 42.87
N GLU H 195 49.21 50.96 41.64
CA GLU H 195 48.64 52.20 41.14
C GLU H 195 47.46 51.88 40.23
N VAL H 196 46.31 52.51 40.50
CA VAL H 196 45.05 52.27 39.79
C VAL H 196 44.55 53.48 38.98
N THR H 197 44.29 53.27 37.67
CA THR H 197 43.78 54.28 36.73
C THR H 197 42.37 53.89 36.30
N HIS H 198 41.39 54.72 36.65
CA HIS H 198 39.97 54.52 36.33
C HIS H 198 39.24 55.86 36.15
N GLN H 199 38.22 55.87 35.27
CA GLN H 199 37.33 56.98 34.92
C GLN H 199 36.76 57.69 36.16
N GLY H 200 36.30 56.91 37.13
CA GLY H 200 35.73 57.37 38.37
C GLY H 200 36.70 58.05 39.32
N LEU H 201 38.01 57.83 39.11
CA LEU H 201 39.09 58.43 39.91
C LEU H 201 39.60 59.70 39.25
N SER H 202 39.58 60.83 39.98
CA SER H 202 40.04 62.15 39.50
C SER H 202 41.53 62.09 39.10
N SER H 203 42.34 61.40 39.91
CA SER H 203 43.77 61.19 39.74
C SER H 203 44.10 59.74 40.15
N PRO H 204 45.07 59.04 39.50
CA PRO H 204 45.37 57.66 39.91
C PRO H 204 45.62 57.43 41.41
N VAL H 205 44.94 56.43 41.96
CA VAL H 205 45.00 56.03 43.37
C VAL H 205 46.11 55.00 43.49
N THR H 206 46.95 55.15 44.53
CA THR H 206 48.06 54.24 44.79
C THR H 206 47.89 53.66 46.19
N LYS H 207 47.87 52.32 46.30
CA LYS H 207 47.80 51.66 47.60
C LYS H 207 49.04 50.82 47.74
N SER H 208 49.90 51.19 48.71
CA SER H 208 51.20 50.55 48.96
C SER H 208 51.43 50.07 50.38
N PHE H 209 52.58 49.37 50.57
CA PHE H 209 53.11 48.86 51.84
C PHE H 209 54.64 48.72 51.78
N ASN H 210 55.30 48.78 52.95
CA ASN H 210 56.75 48.60 53.09
C ASN H 210 56.97 47.24 53.75
N ARG H 211 57.64 46.31 53.03
CA ARG H 211 57.94 44.96 53.50
C ARG H 211 58.67 44.98 54.86
N PHE I 1 9.20 -17.01 4.78
CA PHE I 1 9.20 -18.37 4.27
C PHE I 1 8.90 -19.41 5.37
N GLY I 2 8.58 -20.66 4.98
CA GLY I 2 8.22 -21.71 5.91
C GLY I 2 8.65 -23.12 5.55
N LEU I 3 8.44 -24.04 6.51
CA LEU I 3 8.79 -25.46 6.41
C LEU I 3 7.62 -26.31 5.97
N ASP I 4 7.90 -27.34 5.14
CA ASP I 4 6.93 -28.32 4.62
C ASP I 4 7.43 -29.76 4.83
N CYS I 5 6.70 -30.54 5.65
CA CYS I 5 7.06 -31.92 6.00
C CYS I 5 5.83 -32.82 6.17
N ASP I 6 6.04 -34.15 6.19
CA ASP I 6 4.98 -35.16 6.35
C ASP I 6 5.36 -36.24 7.38
N GLU I 7 5.59 -37.51 6.94
CA GLU I 7 5.96 -38.65 7.79
C GLU I 7 6.79 -39.68 7.01
N SER I 12 11.36 -31.10 14.01
CA SER I 12 10.41 -30.79 15.06
C SER I 12 10.16 -29.28 15.25
N ARG I 13 10.50 -28.49 14.20
CA ARG I 13 10.30 -27.04 14.12
C ARG I 13 8.84 -26.71 13.71
N CYS I 14 8.51 -25.40 13.53
CA CYS I 14 7.18 -24.98 13.07
C CYS I 14 7.03 -25.32 11.58
N CYS I 15 6.57 -26.54 11.31
CA CYS I 15 6.44 -27.09 9.97
C CYS I 15 4.98 -27.29 9.56
N ARG I 16 4.72 -27.24 8.23
CA ARG I 16 3.39 -27.46 7.65
C ARG I 16 3.12 -28.94 7.34
N TYR I 17 2.23 -29.57 8.14
CA TYR I 17 1.77 -30.96 8.00
C TYR I 17 0.53 -30.98 7.09
N PRO I 18 0.37 -31.97 6.18
CA PRO I 18 -0.80 -31.95 5.29
C PRO I 18 -2.08 -32.53 5.90
N LEU I 19 -3.23 -31.93 5.53
CA LEU I 19 -4.55 -32.36 5.98
C LEU I 19 -5.64 -31.96 4.98
N THR I 20 -6.39 -32.96 4.49
CA THR I 20 -7.51 -32.79 3.56
C THR I 20 -8.81 -32.83 4.37
N VAL I 21 -9.65 -31.81 4.18
CA VAL I 21 -10.93 -31.69 4.87
C VAL I 21 -12.06 -32.33 4.04
N ASP I 22 -12.80 -33.30 4.64
CA ASP I 22 -13.93 -33.98 4.02
C ASP I 22 -15.27 -33.55 4.63
N PHE I 23 -16.07 -32.82 3.83
CA PHE I 23 -17.39 -32.34 4.27
C PHE I 23 -18.42 -33.45 4.44
N GLU I 24 -18.35 -34.53 3.62
CA GLU I 24 -19.28 -35.67 3.71
C GLU I 24 -19.03 -36.45 5.01
N ALA I 25 -17.72 -36.71 5.31
CA ALA I 25 -17.30 -37.42 6.54
C ALA I 25 -17.74 -36.68 7.79
N PHE I 26 -17.66 -35.32 7.77
CA PHE I 26 -18.09 -34.48 8.87
C PHE I 26 -19.63 -34.47 9.00
N GLY I 27 -20.31 -34.69 7.88
CA GLY I 27 -21.76 -34.74 7.80
C GLY I 27 -22.40 -33.42 7.43
N TRP I 28 -21.77 -32.70 6.48
CA TRP I 28 -22.24 -31.40 6.01
C TRP I 28 -22.57 -31.44 4.50
N ASP I 29 -23.71 -32.09 4.18
CA ASP I 29 -24.20 -32.21 2.81
C ASP I 29 -24.68 -30.86 2.22
N TRP I 30 -24.79 -29.80 3.05
CA TRP I 30 -25.18 -28.46 2.63
C TRP I 30 -24.11 -27.77 1.79
N ILE I 31 -22.87 -28.28 1.81
CA ILE I 31 -21.78 -27.77 0.98
C ILE I 31 -21.73 -28.68 -0.25
N ILE I 32 -21.91 -28.10 -1.45
CA ILE I 32 -21.88 -28.85 -2.69
C ILE I 32 -20.42 -28.98 -3.18
N ALA I 33 -19.71 -27.85 -3.32
CA ALA I 33 -18.35 -27.86 -3.81
C ALA I 33 -17.41 -26.89 -3.06
N PRO I 34 -16.19 -27.32 -2.67
CA PRO I 34 -15.64 -28.66 -2.84
C PRO I 34 -16.05 -29.61 -1.72
N LYS I 35 -16.25 -30.89 -2.04
CA LYS I 35 -16.62 -31.95 -1.08
C LYS I 35 -15.41 -32.22 -0.19
N ARG I 36 -14.20 -32.11 -0.79
CA ARG I 36 -12.89 -32.33 -0.20
C ARG I 36 -11.90 -31.25 -0.70
N TYR I 37 -10.96 -30.84 0.20
CA TYR I 37 -9.92 -29.85 -0.09
C TYR I 37 -8.68 -29.97 0.82
N LYS I 38 -7.48 -29.73 0.26
CA LYS I 38 -6.21 -29.73 1.00
C LYS I 38 -6.14 -28.41 1.77
N ALA I 39 -6.23 -28.49 3.11
CA ALA I 39 -6.25 -27.32 3.98
C ALA I 39 -4.94 -27.12 4.74
N ASN I 40 -4.32 -28.23 5.24
CA ASN I 40 -3.06 -28.30 6.00
C ASN I 40 -3.14 -27.62 7.38
N TYR I 41 -2.12 -27.82 8.23
CA TYR I 41 -1.99 -27.22 9.57
C TYR I 41 -0.52 -26.97 9.98
N CYS I 42 -0.30 -26.09 11.00
CA CYS I 42 1.04 -25.71 11.49
C CYS I 42 1.29 -26.28 12.87
N SER I 43 2.30 -27.16 13.03
CA SER I 43 2.65 -27.75 14.32
C SER I 43 4.16 -27.84 14.55
N GLY I 44 4.58 -27.69 15.81
CA GLY I 44 5.98 -27.70 16.21
C GLY I 44 6.35 -26.59 17.17
N GLU I 45 7.56 -26.68 17.76
CA GLU I 45 8.04 -25.68 18.71
C GLU I 45 8.72 -24.46 18.07
N CYS I 46 8.81 -23.37 18.84
CA CYS I 46 9.45 -22.11 18.44
C CYS I 46 10.53 -21.71 19.47
N GLU I 47 11.72 -21.26 19.00
CA GLU I 47 12.88 -20.82 19.79
C GLU I 47 12.54 -19.51 20.61
N PHE I 48 13.42 -18.96 21.52
CA PHE I 48 14.78 -19.35 21.92
C PHE I 48 14.79 -20.52 22.87
N VAL I 49 15.53 -21.57 22.48
CA VAL I 49 15.68 -22.83 23.21
C VAL I 49 17.14 -23.36 23.18
N PHE I 50 17.71 -23.81 24.32
CA PHE I 50 17.04 -23.93 25.61
C PHE I 50 17.78 -23.27 26.82
N LEU I 51 17.17 -22.19 27.41
CA LEU I 51 17.57 -21.41 28.62
C LEU I 51 16.90 -20.05 28.89
N GLN I 52 16.63 -19.82 30.20
CA GLN I 52 15.99 -18.66 30.84
C GLN I 52 14.51 -18.46 30.61
N LYS I 53 14.09 -18.66 29.34
CA LYS I 53 12.69 -18.60 28.96
C LYS I 53 12.05 -19.93 29.34
N TYR I 54 12.83 -21.06 29.20
CA TYR I 54 12.42 -22.44 29.48
C TYR I 54 11.49 -22.67 30.66
N PRO I 55 11.76 -22.13 31.89
CA PRO I 55 10.81 -22.34 32.99
C PRO I 55 9.41 -21.81 32.69
N HIS I 56 9.31 -20.60 32.11
CA HIS I 56 8.07 -19.93 31.71
C HIS I 56 7.32 -20.72 30.63
N THR I 57 8.07 -21.34 29.71
CA THR I 57 7.52 -22.17 28.65
C THR I 57 6.98 -23.49 29.21
N HIS I 58 7.81 -24.22 29.99
CA HIS I 58 7.43 -25.51 30.58
C HIS I 58 6.24 -25.38 31.54
N LEU I 59 6.17 -24.27 32.30
CA LEU I 59 5.08 -23.98 33.24
C LEU I 59 3.74 -23.78 32.54
N VAL I 60 3.79 -23.36 31.25
CA VAL I 60 2.62 -23.11 30.41
C VAL I 60 1.85 -24.40 30.04
N HIS I 61 2.56 -25.50 29.70
CA HIS I 61 1.90 -26.77 29.35
C HIS I 61 1.31 -27.52 30.54
N GLN I 62 1.64 -27.07 31.76
CA GLN I 62 1.09 -27.61 32.99
C GLN I 62 -0.25 -26.91 33.32
N ALA I 63 -0.28 -25.55 33.23
CA ALA I 63 -1.44 -24.70 33.52
C ALA I 63 -2.56 -24.75 32.46
N ASN I 64 -2.21 -24.60 31.17
CA ASN I 64 -3.14 -24.62 30.04
C ASN I 64 -2.37 -24.99 28.74
N PRO I 65 -2.52 -26.23 28.20
CA PRO I 65 -1.79 -26.60 26.98
C PRO I 65 -2.15 -25.78 25.73
N ARG I 66 -3.27 -25.02 25.79
CA ARG I 66 -3.74 -24.10 24.75
C ARG I 66 -3.08 -22.71 24.89
N GLY I 67 -2.41 -22.50 26.03
CA GLY I 67 -1.72 -21.26 26.36
C GLY I 67 -0.40 -21.05 25.63
N SER I 68 -0.08 -19.77 25.35
CA SER I 68 1.15 -19.37 24.66
C SER I 68 1.92 -18.35 25.49
N ALA I 69 3.14 -18.73 25.92
CA ALA I 69 4.04 -17.93 26.72
C ALA I 69 4.97 -17.08 25.85
N GLY I 70 5.00 -17.39 24.56
CA GLY I 70 5.83 -16.71 23.56
C GLY I 70 5.35 -16.98 22.15
N PRO I 71 6.26 -16.96 21.13
CA PRO I 71 5.83 -17.20 19.74
C PRO I 71 5.10 -18.51 19.51
N CYS I 72 3.99 -18.44 18.74
CA CYS I 72 3.11 -19.56 18.39
C CYS I 72 3.35 -20.04 16.97
N CYS I 73 3.16 -21.36 16.77
CA CYS I 73 3.25 -22.05 15.49
C CYS I 73 1.88 -21.95 14.80
N THR I 74 1.71 -20.91 13.97
CA THR I 74 0.47 -20.53 13.28
C THR I 74 0.70 -20.17 11.80
N PRO I 75 -0.29 -20.33 10.88
CA PRO I 75 -0.04 -19.98 9.47
C PRO I 75 0.19 -18.50 9.25
N THR I 76 1.19 -18.20 8.40
CA THR I 76 1.60 -16.84 8.03
C THR I 76 0.90 -16.41 6.75
N LYS I 77 0.86 -17.31 5.74
CA LYS I 77 0.20 -17.09 4.44
C LYS I 77 -1.03 -17.97 4.34
N MET I 78 -2.19 -17.34 4.08
CA MET I 78 -3.49 -18.03 3.97
C MET I 78 -4.32 -17.65 2.74
N SER I 79 -4.51 -18.62 1.83
CA SER I 79 -5.28 -18.50 0.58
C SER I 79 -6.77 -18.81 0.76
N PRO I 80 -7.69 -18.06 0.09
CA PRO I 80 -9.13 -18.37 0.21
C PRO I 80 -9.57 -19.50 -0.74
N ILE I 81 -10.80 -20.04 -0.53
CA ILE I 81 -11.40 -21.04 -1.41
C ILE I 81 -12.81 -20.67 -1.86
N ASN I 82 -13.12 -20.92 -3.15
CA ASN I 82 -14.43 -20.68 -3.75
C ASN I 82 -15.31 -21.86 -3.39
N MET I 83 -16.51 -21.57 -2.85
CA MET I 83 -17.42 -22.60 -2.36
C MET I 83 -18.86 -22.46 -2.80
N LEU I 84 -19.45 -23.59 -3.24
CA LEU I 84 -20.85 -23.69 -3.62
C LEU I 84 -21.56 -24.44 -2.50
N TYR I 85 -22.61 -23.81 -1.94
CA TYR I 85 -23.31 -24.36 -0.80
C TYR I 85 -24.76 -23.88 -0.68
N PHE I 86 -25.58 -24.64 0.07
CA PHE I 86 -26.98 -24.36 0.35
C PHE I 86 -27.09 -23.43 1.55
N ASN I 87 -27.97 -22.41 1.45
CA ASN I 87 -28.26 -21.49 2.54
C ASN I 87 -29.57 -21.92 3.23
N GLY I 88 -29.87 -21.34 4.39
CA GLY I 88 -31.09 -21.61 5.15
C GLY I 88 -32.38 -21.36 4.39
N LYS I 89 -32.39 -20.26 3.57
CA LYS I 89 -33.52 -19.81 2.74
C LYS I 89 -33.80 -20.67 1.47
N GLU I 90 -33.29 -21.94 1.46
CA GLU I 90 -33.42 -22.95 0.39
C GLU I 90 -32.94 -22.47 -0.99
N GLN I 91 -31.75 -21.83 -1.00
CA GLN I 91 -31.08 -21.29 -2.19
C GLN I 91 -29.63 -21.78 -2.25
N ILE I 92 -28.93 -21.63 -3.40
CA ILE I 92 -27.54 -22.08 -3.52
C ILE I 92 -26.62 -20.92 -3.87
N ILE I 93 -25.65 -20.61 -2.96
CA ILE I 93 -24.70 -19.53 -3.17
C ILE I 93 -23.28 -19.98 -3.48
N TYR I 94 -22.57 -19.12 -4.21
CA TYR I 94 -21.15 -19.21 -4.56
C TYR I 94 -20.51 -18.05 -3.81
N GLY I 95 -19.54 -18.40 -2.97
CA GLY I 95 -18.81 -17.43 -2.16
C GLY I 95 -17.32 -17.68 -2.07
N LYS I 96 -16.58 -16.58 -1.97
CA LYS I 96 -15.13 -16.56 -1.77
C LYS I 96 -14.97 -16.59 -0.25
N ILE I 97 -14.65 -17.77 0.30
CA ILE I 97 -14.47 -17.93 1.76
C ILE I 97 -12.98 -17.71 2.13
N PRO I 98 -12.64 -16.59 2.82
CA PRO I 98 -11.22 -16.31 3.13
C PRO I 98 -10.60 -17.19 4.21
N ALA I 99 -9.24 -17.25 4.22
CA ALA I 99 -8.38 -17.96 5.17
C ALA I 99 -8.85 -19.40 5.45
N MET I 100 -8.88 -20.23 4.39
CA MET I 100 -9.32 -21.65 4.44
C MET I 100 -8.17 -22.59 4.15
N VAL I 101 -7.20 -22.13 3.32
CA VAL I 101 -6.00 -22.89 2.93
C VAL I 101 -4.71 -22.33 3.57
N VAL I 102 -3.96 -23.21 4.25
CA VAL I 102 -2.66 -22.89 4.87
C VAL I 102 -1.61 -23.02 3.75
N ASP I 103 -0.93 -21.91 3.44
CA ASP I 103 0.12 -21.89 2.43
C ASP I 103 1.48 -22.05 3.13
N ARG I 104 1.77 -21.14 4.09
CA ARG I 104 3.02 -21.07 4.85
C ARG I 104 2.81 -21.14 6.36
N CYS I 105 3.79 -21.74 7.08
CA CYS I 105 3.82 -21.88 8.55
C CYS I 105 5.10 -21.24 9.12
N GLY I 106 4.92 -20.31 10.07
CA GLY I 106 6.02 -19.63 10.74
C GLY I 106 5.80 -19.39 12.23
N CYS I 107 6.77 -18.75 12.88
CA CYS I 107 6.67 -18.43 14.31
C CYS I 107 6.35 -16.96 14.51
N SER I 108 5.38 -16.67 15.40
CA SER I 108 4.94 -15.31 15.68
C SER I 108 5.92 -14.58 16.59
N PHE J 1 -5.25 -2.84 21.80
CA PHE J 1 -5.13 -3.40 23.15
C PHE J 1 -5.56 -4.85 23.21
N GLY J 2 -5.37 -5.47 24.39
CA GLY J 2 -5.75 -6.85 24.68
C GLY J 2 -6.61 -6.98 25.94
N LEU J 3 -7.15 -8.18 26.17
CA LEU J 3 -7.98 -8.44 27.36
C LEU J 3 -7.26 -9.26 28.42
N ASP J 4 -7.43 -8.88 29.71
CA ASP J 4 -6.78 -9.46 30.89
C ASP J 4 -7.77 -10.11 31.88
N CYS J 5 -7.62 -11.43 32.12
CA CYS J 5 -8.51 -12.18 33.01
C CYS J 5 -7.85 -13.13 34.03
N ASP J 6 -8.62 -13.61 35.03
CA ASP J 6 -8.17 -14.40 36.19
C ASP J 6 -9.09 -15.58 36.61
N GLU J 7 -10.03 -15.35 37.58
CA GLU J 7 -10.99 -16.35 38.08
C GLU J 7 -12.28 -15.68 38.57
N SER J 12 -13.19 -15.59 27.64
CA SER J 12 -13.75 -16.43 26.56
C SER J 12 -12.93 -16.29 25.26
N ARG J 13 -12.58 -15.03 24.90
CA ARG J 13 -11.78 -14.63 23.73
C ARG J 13 -10.26 -14.80 24.04
N CYS J 14 -9.34 -14.30 23.17
CA CYS J 14 -7.90 -14.37 23.41
C CYS J 14 -7.51 -13.42 24.55
N CYS J 15 -7.51 -13.99 25.77
CA CYS J 15 -7.30 -13.27 27.02
C CYS J 15 -6.00 -13.64 27.73
N ARG J 16 -5.47 -12.70 28.55
CA ARG J 16 -4.22 -12.85 29.31
C ARG J 16 -4.45 -13.38 30.72
N TYR J 17 -3.94 -14.60 30.98
CA TYR J 17 -4.01 -15.23 32.29
C TYR J 17 -2.65 -15.08 32.99
N PRO J 18 -2.61 -14.52 34.23
CA PRO J 18 -1.32 -14.32 34.89
C PRO J 18 -0.71 -15.62 35.43
N LEU J 19 0.62 -15.68 35.45
CA LEU J 19 1.36 -16.82 35.97
C LEU J 19 2.70 -16.34 36.50
N THR J 20 2.97 -16.65 37.78
CA THR J 20 4.21 -16.28 38.46
C THR J 20 5.18 -17.45 38.33
N VAL J 21 6.35 -17.20 37.70
CA VAL J 21 7.44 -18.19 37.51
C VAL J 21 8.36 -18.16 38.74
N ASP J 22 8.47 -19.29 39.46
CA ASP J 22 9.37 -19.41 40.63
C ASP J 22 10.56 -20.33 40.32
N PHE J 23 11.74 -19.72 40.10
CA PHE J 23 13.01 -20.37 39.77
C PHE J 23 13.53 -21.19 40.94
N GLU J 24 13.00 -20.92 42.13
CA GLU J 24 13.35 -21.69 43.30
C GLU J 24 12.58 -23.01 43.21
N ALA J 25 11.24 -22.94 43.10
CA ALA J 25 10.34 -24.09 42.97
C ALA J 25 10.68 -24.95 41.75
N PHE J 26 11.16 -24.32 40.64
CA PHE J 26 11.55 -25.03 39.43
C PHE J 26 12.85 -25.82 39.67
N GLY J 27 13.69 -25.30 40.58
CA GLY J 27 14.96 -25.92 40.96
C GLY J 27 16.14 -25.41 40.15
N TRP J 28 16.16 -24.09 39.82
CA TRP J 28 17.21 -23.44 39.05
C TRP J 28 17.82 -22.29 39.88
N ASP J 29 18.57 -22.69 40.94
CA ASP J 29 19.25 -21.80 41.89
C ASP J 29 20.36 -20.98 41.23
N TRP J 30 20.83 -21.37 40.03
CA TRP J 30 21.85 -20.64 39.30
C TRP J 30 21.46 -19.19 39.00
N ILE J 31 20.16 -18.90 38.84
CA ILE J 31 19.68 -17.52 38.69
C ILE J 31 19.40 -17.06 40.10
N ILE J 32 20.13 -16.03 40.52
CA ILE J 32 20.02 -15.45 41.86
C ILE J 32 18.73 -14.66 42.00
N ALA J 33 18.57 -13.61 41.18
CA ALA J 33 17.42 -12.72 41.22
C ALA J 33 16.87 -12.39 39.80
N PRO J 34 15.52 -12.30 39.62
CA PRO J 34 14.47 -12.52 40.64
C PRO J 34 14.14 -14.01 40.83
N LYS J 35 13.85 -14.41 42.07
CA LYS J 35 13.49 -15.79 42.41
C LYS J 35 12.09 -16.05 41.84
N ARG J 36 11.25 -14.99 41.84
CA ARG J 36 9.86 -14.97 41.38
C ARG J 36 9.57 -13.68 40.62
N TYR J 37 8.71 -13.80 39.58
CA TYR J 37 8.21 -12.71 38.72
C TYR J 37 6.92 -13.13 38.04
N LYS J 38 5.99 -12.16 37.91
CA LYS J 38 4.72 -12.30 37.20
C LYS J 38 5.07 -12.31 35.70
N ALA J 39 4.80 -13.46 35.02
CA ALA J 39 5.13 -13.72 33.61
C ALA J 39 3.95 -13.67 32.65
N ASN J 40 2.84 -14.36 33.02
CA ASN J 40 1.58 -14.47 32.24
C ASN J 40 1.67 -15.29 30.93
N TYR J 41 0.49 -15.59 30.32
CA TYR J 41 0.32 -16.34 29.06
C TYR J 41 -1.02 -16.00 28.42
N CYS J 42 -1.27 -16.53 27.20
CA CYS J 42 -2.49 -16.27 26.40
C CYS J 42 -3.35 -17.52 26.14
N SER J 43 -4.65 -17.46 26.49
CA SER J 43 -5.61 -18.55 26.27
C SER J 43 -6.95 -18.01 25.76
N GLY J 44 -7.58 -18.78 24.87
CA GLY J 44 -8.88 -18.44 24.27
C GLY J 44 -8.96 -18.62 22.77
N GLU J 45 -10.18 -18.52 22.22
CA GLU J 45 -10.45 -18.64 20.78
C GLU J 45 -9.96 -17.42 20.02
N CYS J 46 -9.71 -17.58 18.71
CA CYS J 46 -9.17 -16.48 17.91
C CYS J 46 -9.97 -15.90 16.75
N GLU J 47 -10.97 -16.64 16.24
CA GLU J 47 -11.80 -16.22 15.10
C GLU J 47 -13.13 -16.94 15.13
N PHE J 48 -14.18 -16.34 14.51
CA PHE J 48 -15.45 -17.06 14.42
C PHE J 48 -15.44 -17.79 13.06
N VAL J 49 -15.55 -17.13 11.89
CA VAL J 49 -16.00 -15.76 11.54
C VAL J 49 -17.27 -16.07 10.72
N PHE J 50 -17.13 -17.14 9.91
CA PHE J 50 -18.06 -17.88 9.05
C PHE J 50 -17.24 -19.05 8.49
N LEU J 51 -17.50 -20.35 8.85
CA LEU J 51 -18.52 -21.14 9.60
C LEU J 51 -18.28 -22.57 9.05
N GLN J 52 -17.86 -22.61 7.76
CA GLN J 52 -17.44 -23.76 6.98
C GLN J 52 -15.98 -24.05 7.43
N LYS J 53 -15.44 -23.15 8.29
CA LYS J 53 -14.12 -23.21 8.92
C LYS J 53 -14.07 -24.27 10.03
N TYR J 54 -15.20 -24.47 10.77
CA TYR J 54 -15.35 -25.46 11.86
C TYR J 54 -14.82 -26.88 11.54
N PRO J 55 -15.10 -27.50 10.36
CA PRO J 55 -14.51 -28.83 10.09
C PRO J 55 -12.97 -28.80 10.09
N HIS J 56 -12.35 -27.77 9.45
CA HIS J 56 -10.90 -27.58 9.38
C HIS J 56 -10.28 -27.36 10.76
N THR J 57 -11.01 -26.67 11.64
CA THR J 57 -10.59 -26.40 13.02
C THR J 57 -10.67 -27.69 13.85
N HIS J 58 -11.84 -28.39 13.82
CA HIS J 58 -12.07 -29.65 14.56
C HIS J 58 -11.12 -30.76 14.16
N LEU J 59 -10.78 -30.82 12.85
CA LEU J 59 -9.85 -31.80 12.26
C LEU J 59 -8.43 -31.60 12.76
N VAL J 60 -8.07 -30.37 13.16
CA VAL J 60 -6.78 -30.00 13.70
C VAL J 60 -6.46 -30.62 15.05
N HIS J 61 -7.44 -30.62 15.97
CA HIS J 61 -7.23 -31.20 17.28
C HIS J 61 -7.05 -32.72 17.26
N GLN J 62 -7.60 -33.39 16.23
CA GLN J 62 -7.52 -34.83 16.05
C GLN J 62 -6.12 -35.23 15.55
N ALA J 63 -5.58 -34.51 14.53
CA ALA J 63 -4.27 -34.76 13.91
C ALA J 63 -3.06 -34.34 14.77
N ASN J 64 -3.10 -33.11 15.34
CA ASN J 64 -2.03 -32.59 16.21
C ASN J 64 -2.61 -31.47 17.09
N PRO J 65 -2.81 -31.72 18.42
CA PRO J 65 -3.36 -30.65 19.30
C PRO J 65 -2.50 -29.38 19.41
N ARG J 66 -1.22 -29.47 18.97
CA ARG J 66 -0.27 -28.36 18.95
C ARG J 66 -0.41 -27.55 17.64
N GLY J 67 -1.14 -28.11 16.68
CA GLY J 67 -1.40 -27.52 15.38
C GLY J 67 -2.36 -26.34 15.39
N SER J 68 -2.14 -25.38 14.46
CA SER J 68 -2.97 -24.19 14.28
C SER J 68 -3.43 -24.09 12.82
N ALA J 69 -4.77 -24.13 12.62
CA ALA J 69 -5.45 -24.06 11.33
C ALA J 69 -5.67 -22.59 10.86
N GLY J 70 -5.47 -21.63 11.76
CA GLY J 70 -5.61 -20.19 11.52
C GLY J 70 -4.94 -19.36 12.59
N PRO J 71 -5.43 -18.11 12.87
CA PRO J 71 -4.80 -17.28 13.91
C PRO J 71 -4.74 -17.94 15.29
N CYS J 72 -3.58 -17.77 15.96
CA CYS J 72 -3.26 -18.33 17.27
C CYS J 72 -3.34 -17.27 18.37
N CYS J 73 -3.73 -17.72 19.58
CA CYS J 73 -3.81 -16.92 20.80
C CYS J 73 -2.41 -16.92 21.40
N THR J 74 -1.59 -15.97 20.92
CA THR J 74 -0.16 -15.76 21.20
C THR J 74 0.11 -14.33 21.73
N PRO J 75 1.12 -14.07 22.60
CA PRO J 75 1.36 -12.69 23.04
C PRO J 75 1.83 -11.78 21.90
N THR J 76 1.32 -10.54 21.91
CA THR J 76 1.63 -9.50 20.93
C THR J 76 2.72 -8.60 21.45
N LYS J 77 2.60 -8.17 22.73
CA LYS J 77 3.61 -7.31 23.40
C LYS J 77 4.30 -8.07 24.54
N MET J 78 5.65 -8.04 24.53
CA MET J 78 6.50 -8.72 25.51
C MET J 78 7.62 -7.84 26.04
N SER J 79 7.69 -7.72 27.38
CA SER J 79 8.65 -6.89 28.12
C SER J 79 9.86 -7.67 28.60
N PRO J 80 11.06 -7.05 28.67
CA PRO J 80 12.23 -7.77 29.23
C PRO J 80 12.35 -7.66 30.75
N ILE J 81 13.19 -8.54 31.36
CA ILE J 81 13.51 -8.50 32.79
C ILE J 81 15.02 -8.52 33.05
N ASN J 82 15.46 -7.72 34.04
CA ASN J 82 16.83 -7.65 34.52
C ASN J 82 17.08 -8.85 35.44
N MET J 83 18.14 -9.62 35.18
CA MET J 83 18.41 -10.83 35.95
C MET J 83 19.86 -10.99 36.40
N LEU J 84 20.01 -11.45 37.64
CA LEU J 84 21.29 -11.74 38.26
C LEU J 84 21.40 -13.25 38.35
N TYR J 85 22.42 -13.84 37.71
CA TYR J 85 22.63 -15.30 37.63
C TYR J 85 24.09 -15.71 37.54
N PHE J 86 24.34 -16.97 37.87
CA PHE J 86 25.65 -17.60 37.78
C PHE J 86 25.90 -18.11 36.36
N ASN J 87 27.10 -17.85 35.82
CA ASN J 87 27.52 -18.34 34.51
C ASN J 87 28.39 -19.59 34.72
N GLY J 88 28.51 -20.43 33.69
CA GLY J 88 29.31 -21.66 33.77
C GLY J 88 30.81 -21.44 33.72
N LYS J 89 31.28 -20.41 34.44
CA LYS J 89 32.68 -20.02 34.52
C LYS J 89 32.95 -19.51 35.95
N GLU J 90 32.00 -19.77 36.88
CA GLU J 90 32.03 -19.38 38.28
C GLU J 90 31.94 -17.84 38.52
N GLN J 91 31.24 -17.12 37.63
CA GLN J 91 31.05 -15.67 37.77
C GLN J 91 29.56 -15.32 37.91
N ILE J 92 29.22 -14.09 38.35
CA ILE J 92 27.81 -13.68 38.47
C ILE J 92 27.54 -12.46 37.59
N ILE J 93 26.65 -12.62 36.57
CA ILE J 93 26.31 -11.53 35.65
C ILE J 93 24.94 -10.94 35.89
N TYR J 94 24.81 -9.66 35.51
CA TYR J 94 23.58 -8.87 35.48
C TYR J 94 23.30 -8.65 33.98
N GLY J 95 22.12 -9.11 33.55
CA GLY J 95 21.70 -8.99 32.17
C GLY J 95 20.25 -8.63 31.94
N LYS J 96 19.99 -8.02 30.78
CA LYS J 96 18.68 -7.65 30.30
C LYS J 96 18.25 -8.83 29.43
N ILE J 97 17.37 -9.69 29.97
CA ILE J 97 16.87 -10.86 29.23
C ILE J 97 15.55 -10.48 28.52
N PRO J 98 15.54 -10.41 27.16
CA PRO J 98 14.33 -9.98 26.44
C PRO J 98 13.19 -10.98 26.43
N ALA J 99 11.95 -10.44 26.24
CA ALA J 99 10.69 -11.17 26.13
C ALA J 99 10.45 -12.24 27.19
N MET J 100 10.44 -11.81 28.47
CA MET J 100 10.22 -12.70 29.62
C MET J 100 8.79 -12.53 30.16
N VAL J 101 8.26 -11.31 30.08
CA VAL J 101 6.92 -10.96 30.54
C VAL J 101 6.00 -10.76 29.33
N VAL J 102 4.77 -11.30 29.42
CA VAL J 102 3.70 -11.15 28.44
C VAL J 102 2.94 -9.88 28.91
N ASP J 103 2.77 -8.90 28.02
CA ASP J 103 2.03 -7.66 28.36
C ASP J 103 0.66 -7.54 27.68
N ARG J 104 0.54 -8.16 26.50
CA ARG J 104 -0.68 -8.15 25.71
C ARG J 104 -0.87 -9.47 24.99
N CYS J 105 -2.14 -9.90 24.89
CA CYS J 105 -2.55 -11.13 24.22
C CYS J 105 -3.59 -10.81 23.14
N GLY J 106 -3.23 -11.11 21.89
CA GLY J 106 -4.06 -10.91 20.72
C GLY J 106 -4.05 -12.11 19.79
N CYS J 107 -4.72 -11.97 18.64
CA CYS J 107 -4.80 -13.02 17.63
C CYS J 107 -3.89 -12.74 16.44
N SER J 108 -3.14 -13.76 16.01
CA SER J 108 -2.20 -13.64 14.88
C SER J 108 -2.91 -13.66 13.55
N PHE K 1 -6.47 31.54 -10.05
CA PHE K 1 -6.12 30.73 -8.89
C PHE K 1 -6.63 29.29 -8.97
N GLY K 2 -6.52 28.59 -7.84
CA GLY K 2 -6.93 27.21 -7.67
C GLY K 2 -7.78 27.01 -6.42
N LEU K 3 -8.27 25.78 -6.24
CA LEU K 3 -9.12 25.40 -5.12
C LEU K 3 -8.34 24.73 -3.99
N ASP K 4 -8.77 25.01 -2.73
CA ASP K 4 -8.17 24.50 -1.50
C ASP K 4 -9.24 23.86 -0.60
N CYS K 5 -9.11 22.54 -0.35
CA CYS K 5 -10.04 21.78 0.49
C CYS K 5 -9.33 20.73 1.35
N ASP K 6 -10.03 20.22 2.40
CA ASP K 6 -9.53 19.20 3.32
C ASP K 6 -10.60 18.12 3.60
N GLU K 7 -11.09 18.00 4.87
CA GLU K 7 -12.13 17.06 5.30
C GLU K 7 -12.91 17.57 6.51
N GLU K 11 -13.72 19.67 -2.73
CA GLU K 11 -14.61 19.49 -3.88
C GLU K 11 -14.33 18.19 -4.64
N SER K 12 -15.23 17.82 -5.58
CA SER K 12 -15.05 16.63 -6.43
C SER K 12 -14.12 17.00 -7.59
N ARG K 13 -13.99 18.32 -7.86
CA ARG K 13 -13.15 18.95 -8.88
C ARG K 13 -11.69 19.19 -8.39
N CYS K 14 -10.72 19.33 -9.33
CA CYS K 14 -9.28 19.54 -9.06
C CYS K 14 -9.00 20.59 -7.96
N CYS K 15 -8.82 20.06 -6.74
CA CYS K 15 -8.63 20.80 -5.51
C CYS K 15 -7.35 20.35 -4.80
N ARG K 16 -6.69 21.30 -4.08
CA ARG K 16 -5.46 21.05 -3.32
C ARG K 16 -5.74 20.46 -1.94
N TYR K 17 -5.41 19.16 -1.77
CA TYR K 17 -5.54 18.47 -0.49
C TYR K 17 -4.20 18.55 0.27
N PRO K 18 -4.19 18.69 1.62
CA PRO K 18 -2.91 18.84 2.32
C PRO K 18 -2.20 17.53 2.67
N LEU K 19 -0.85 17.57 2.71
CA LEU K 19 0.01 16.43 3.04
C LEU K 19 1.38 16.84 3.63
N THR K 20 1.76 16.21 4.77
CA THR K 20 3.01 16.42 5.49
C THR K 20 3.97 15.21 5.30
N VAL K 21 5.25 15.50 4.92
CA VAL K 21 6.31 14.51 4.67
C VAL K 21 7.19 14.33 5.92
N ASP K 22 7.47 13.06 6.34
CA ASP K 22 8.32 12.76 7.52
C ASP K 22 9.50 11.89 7.09
N PHE K 23 10.70 12.50 7.02
CA PHE K 23 11.94 11.85 6.61
C PHE K 23 12.43 10.74 7.55
N GLU K 24 12.17 10.92 8.85
CA GLU K 24 12.48 9.96 9.92
C GLU K 24 11.67 8.68 9.68
N ALA K 25 10.32 8.84 9.54
CA ALA K 25 9.36 7.76 9.33
C ALA K 25 9.67 6.97 8.06
N PHE K 26 10.12 7.66 7.00
CA PHE K 26 10.50 7.05 5.72
C PHE K 26 11.79 6.25 5.85
N GLY K 27 12.63 6.68 6.78
CA GLY K 27 13.89 6.01 7.08
C GLY K 27 15.10 6.50 6.33
N TRP K 28 15.15 7.80 5.99
CA TRP K 28 16.31 8.41 5.33
C TRP K 28 16.85 9.48 6.27
N ASP K 29 17.77 9.05 7.15
CA ASP K 29 18.43 9.88 8.17
C ASP K 29 19.47 10.86 7.62
N TRP K 30 19.81 10.75 6.32
CA TRP K 30 20.77 11.64 5.66
C TRP K 30 20.29 13.07 5.49
N ILE K 31 19.00 13.31 5.66
CA ILE K 31 18.46 14.67 5.62
C ILE K 31 18.23 15.06 7.09
N ILE K 32 18.81 16.17 7.53
CA ILE K 32 18.67 16.61 8.93
C ILE K 32 17.48 17.56 9.07
N ALA K 33 17.39 18.59 8.21
CA ALA K 33 16.30 19.56 8.28
C ALA K 33 15.69 19.93 6.91
N PRO K 34 14.35 20.00 6.82
CA PRO K 34 13.37 19.72 7.87
C PRO K 34 13.08 18.23 7.99
N LYS K 35 12.85 17.73 9.22
CA LYS K 35 12.53 16.32 9.47
C LYS K 35 11.13 16.05 8.91
N ARG K 36 10.25 17.06 9.05
CA ARG K 36 8.84 17.11 8.63
C ARG K 36 8.50 18.50 8.05
N TYR K 37 7.60 18.57 7.03
CA TYR K 37 7.14 19.80 6.34
C TYR K 37 5.81 19.61 5.59
N LYS K 38 5.01 20.69 5.45
CA LYS K 38 3.73 20.68 4.71
C LYS K 38 3.97 20.80 3.19
N ALA K 39 3.85 19.66 2.46
CA ALA K 39 4.09 19.52 1.01
C ALA K 39 2.84 19.61 0.11
N ASN K 40 1.73 18.94 0.49
CA ASN K 40 0.44 18.89 -0.24
C ASN K 40 0.46 18.14 -1.61
N TYR K 41 -0.74 18.01 -2.27
CA TYR K 41 -0.95 17.36 -3.57
C TYR K 41 -2.28 17.75 -4.19
N CYS K 42 -2.54 17.25 -5.43
CA CYS K 42 -3.76 17.55 -6.20
C CYS K 42 -4.61 16.31 -6.52
N SER K 43 -5.90 16.29 -6.10
CA SER K 43 -6.85 15.22 -6.43
C SER K 43 -8.23 15.77 -6.78
N GLY K 44 -8.77 15.33 -7.92
CA GLY K 44 -10.07 15.76 -8.42
C GLY K 44 -10.26 15.57 -9.91
N GLU K 45 -11.50 15.67 -10.35
CA GLU K 45 -11.81 15.40 -11.74
C GLU K 45 -11.58 16.61 -12.60
N CYS K 46 -11.01 16.34 -13.77
CA CYS K 46 -10.60 17.39 -14.70
C CYS K 46 -11.52 17.63 -15.91
N GLU K 47 -11.62 16.69 -16.86
CA GLU K 47 -12.52 16.89 -17.99
C GLU K 47 -13.87 16.24 -17.72
N PHE K 48 -14.93 16.77 -18.34
CA PHE K 48 -16.26 16.19 -18.24
C PHE K 48 -16.28 14.98 -19.18
N VAL K 49 -16.56 13.80 -18.63
CA VAL K 49 -16.64 12.58 -19.42
C VAL K 49 -17.96 12.57 -20.21
N PHE K 50 -17.82 12.57 -21.56
CA PHE K 50 -18.92 12.46 -22.52
C PHE K 50 -19.36 11.00 -22.43
N LEU K 51 -20.65 10.73 -22.65
CA LEU K 51 -21.17 9.36 -22.62
C LEU K 51 -20.37 8.43 -23.54
N GLN K 52 -19.93 8.96 -24.71
CA GLN K 52 -19.15 8.28 -25.73
C GLN K 52 -17.75 7.91 -25.22
N LYS K 53 -17.21 8.75 -24.30
CA LYS K 53 -15.91 8.56 -23.68
C LYS K 53 -15.96 7.56 -22.49
N TYR K 54 -17.17 7.24 -21.94
CA TYR K 54 -17.28 6.29 -20.84
C TYR K 54 -16.61 4.93 -21.08
N PRO K 55 -16.86 4.20 -22.22
CA PRO K 55 -16.17 2.91 -22.37
C PRO K 55 -14.66 3.04 -22.19
N HIS K 56 -14.05 4.04 -22.84
CA HIS K 56 -12.63 4.38 -22.77
C HIS K 56 -12.19 4.52 -21.29
N THR K 57 -12.84 5.44 -20.56
CA THR K 57 -12.61 5.78 -19.15
C THR K 57 -12.73 4.55 -18.24
N HIS K 58 -13.70 3.66 -18.52
CA HIS K 58 -13.89 2.42 -17.77
C HIS K 58 -12.81 1.40 -18.15
N LEU K 59 -12.38 1.37 -19.43
CA LEU K 59 -11.34 0.46 -19.96
C LEU K 59 -9.92 0.84 -19.50
N VAL K 60 -9.72 2.11 -19.14
CA VAL K 60 -8.44 2.61 -18.61
C VAL K 60 -8.28 2.07 -17.18
N HIS K 61 -9.32 2.22 -16.33
CA HIS K 61 -9.31 1.74 -14.93
C HIS K 61 -9.10 0.21 -14.83
N GLN K 62 -9.58 -0.55 -15.82
CA GLN K 62 -9.45 -2.00 -15.90
C GLN K 62 -7.99 -2.39 -16.13
N ALA K 63 -7.33 -1.81 -17.15
CA ALA K 63 -5.96 -2.14 -17.53
C ALA K 63 -4.92 -1.56 -16.58
N ASN K 64 -4.97 -0.22 -16.37
CA ASN K 64 -4.03 0.49 -15.52
C ASN K 64 -4.72 1.67 -14.79
N PRO K 65 -5.04 1.53 -13.48
CA PRO K 65 -5.69 2.64 -12.75
C PRO K 65 -4.83 3.92 -12.64
N ARG K 66 -3.52 3.80 -12.95
CA ARG K 66 -2.56 4.91 -12.95
C ARG K 66 -2.56 5.62 -14.33
N GLY K 67 -3.23 5.01 -15.32
CA GLY K 67 -3.38 5.52 -16.69
C GLY K 67 -4.29 6.72 -16.80
N SER K 68 -3.96 7.69 -17.70
CA SER K 68 -4.73 8.92 -17.94
C SER K 68 -5.16 9.03 -19.40
N ALA K 69 -6.49 9.02 -19.64
CA ALA K 69 -7.10 9.11 -20.95
C ALA K 69 -7.40 10.57 -21.33
N GLY K 70 -7.25 11.49 -20.36
CA GLY K 70 -7.49 12.92 -20.54
C GLY K 70 -6.69 13.79 -19.57
N PRO K 71 -7.09 15.08 -19.38
CA PRO K 71 -6.36 15.96 -18.44
C PRO K 71 -6.27 15.42 -17.03
N CYS K 72 -5.11 15.64 -16.40
CA CYS K 72 -4.80 15.18 -15.05
C CYS K 72 -4.88 16.31 -14.05
N CYS K 73 -5.13 15.96 -12.79
CA CYS K 73 -5.19 16.89 -11.67
C CYS K 73 -3.77 17.03 -11.06
N THR K 74 -2.93 17.90 -11.68
CA THR K 74 -1.51 18.18 -11.42
C THR K 74 -1.21 19.62 -10.87
N PRO K 75 -0.15 19.85 -10.04
CA PRO K 75 0.13 21.22 -9.58
C PRO K 75 0.63 22.17 -10.68
N THR K 76 0.11 23.40 -10.64
CA THR K 76 0.46 24.47 -11.59
C THR K 76 1.56 25.36 -11.00
N LYS K 77 1.44 25.70 -9.70
CA LYS K 77 2.41 26.52 -8.96
C LYS K 77 3.09 25.64 -7.89
N MET K 78 4.44 25.60 -7.92
CA MET K 78 5.21 24.80 -6.98
C MET K 78 6.38 25.55 -6.33
N SER K 79 6.35 25.64 -5.00
CA SER K 79 7.34 26.33 -4.16
C SER K 79 8.55 25.47 -3.73
N PRO K 80 9.74 26.09 -3.61
CA PRO K 80 10.90 25.32 -3.13
C PRO K 80 11.06 25.33 -1.60
N ILE K 81 11.92 24.43 -1.05
CA ILE K 81 12.24 24.37 0.38
C ILE K 81 13.74 24.32 0.63
N ASN K 82 14.19 24.99 1.72
CA ASN K 82 15.58 25.00 2.18
C ASN K 82 15.85 23.68 2.91
N MET K 83 16.91 22.96 2.50
CA MET K 83 17.23 21.64 3.07
C MET K 83 18.66 21.48 3.59
N LEU K 84 18.80 20.91 4.83
CA LEU K 84 20.08 20.57 5.42
C LEU K 84 20.18 19.05 5.36
N TYR K 85 21.20 18.54 4.65
CA TYR K 85 21.42 17.11 4.44
C TYR K 85 22.89 16.72 4.32
N PHE K 86 23.18 15.42 4.55
CA PHE K 86 24.50 14.81 4.40
C PHE K 86 24.69 14.46 2.92
N ASN K 87 25.79 14.95 2.32
CA ASN K 87 26.11 14.71 0.90
C ASN K 87 26.96 13.44 0.63
N GLY K 88 27.69 13.45 -0.50
CA GLY K 88 28.58 12.37 -0.93
C GLY K 88 29.69 12.09 0.04
N LYS K 89 30.50 13.12 0.31
CA LYS K 89 31.60 13.06 1.28
C LYS K 89 31.04 13.10 2.71
N GLU K 90 31.93 13.27 3.72
CA GLU K 90 31.47 13.38 5.09
C GLU K 90 31.30 14.88 5.40
N GLN K 91 30.40 15.51 4.60
CA GLN K 91 30.05 16.94 4.63
C GLN K 91 28.52 17.12 4.73
N ILE K 92 28.07 18.28 5.24
CA ILE K 92 26.66 18.64 5.38
C ILE K 92 26.36 19.93 4.63
N ILE K 93 25.47 19.85 3.61
CA ILE K 93 25.10 21.02 2.81
C ILE K 93 23.69 21.54 3.06
N TYR K 94 23.52 22.85 2.78
CA TYR K 94 22.29 23.64 2.80
C TYR K 94 22.10 24.05 1.35
N GLY K 95 20.96 23.65 0.77
CA GLY K 95 20.63 23.95 -0.61
C GLY K 95 19.16 24.22 -0.87
N LYS K 96 18.89 25.00 -1.94
CA LYS K 96 17.55 25.34 -2.42
C LYS K 96 17.06 24.14 -3.22
N ILE K 97 16.02 23.46 -2.71
CA ILE K 97 15.43 22.29 -3.39
C ILE K 97 14.08 22.65 -4.06
N PRO K 98 14.06 22.81 -5.41
CA PRO K 98 12.83 23.24 -6.07
C PRO K 98 11.72 22.20 -6.12
N ALA K 99 10.46 22.66 -6.43
CA ALA K 99 9.26 21.83 -6.61
C ALA K 99 9.09 20.76 -5.52
N MET K 100 9.05 21.23 -4.28
CA MET K 100 8.86 20.37 -3.11
C MET K 100 7.48 20.66 -2.49
N VAL K 101 7.06 21.96 -2.50
CA VAL K 101 5.77 22.43 -1.98
C VAL K 101 4.80 22.68 -3.17
N VAL K 102 3.49 22.36 -2.99
CA VAL K 102 2.41 22.57 -3.97
C VAL K 102 1.54 23.75 -3.50
N ASP K 103 1.43 24.80 -4.31
CA ASP K 103 0.61 25.97 -3.95
C ASP K 103 -0.72 25.95 -4.69
N ARG K 104 -0.70 25.71 -6.01
CA ARG K 104 -1.92 25.70 -6.82
C ARG K 104 -2.09 24.40 -7.58
N CYS K 105 -3.35 23.97 -7.79
CA CYS K 105 -3.70 22.76 -8.55
C CYS K 105 -4.65 23.08 -9.70
N GLY K 106 -4.28 22.65 -10.89
CA GLY K 106 -5.07 22.82 -12.11
C GLY K 106 -5.18 21.56 -12.95
N CYS K 107 -5.74 21.70 -14.17
CA CYS K 107 -5.92 20.57 -15.09
C CYS K 107 -5.05 20.68 -16.31
N SER K 108 -4.45 19.56 -16.73
CA SER K 108 -3.55 19.53 -17.89
C SER K 108 -4.33 19.47 -19.18
N PHE L 1 8.06 15.78 -26.93
CA PHE L 1 7.92 14.54 -27.68
C PHE L 1 7.50 13.40 -26.77
N GLY L 2 6.67 12.48 -27.29
CA GLY L 2 6.20 11.35 -26.50
C GLY L 2 6.81 10.00 -26.81
N LEU L 3 6.66 9.07 -25.84
CA LEU L 3 7.12 7.69 -25.92
C LEU L 3 5.98 6.76 -26.33
N ASP L 4 6.31 5.74 -27.16
CA ASP L 4 5.34 4.74 -27.65
C ASP L 4 5.85 3.33 -27.39
N CYS L 5 5.12 2.58 -26.56
CA CYS L 5 5.49 1.21 -26.19
C CYS L 5 4.29 0.26 -26.08
N ASP L 6 4.57 -1.05 -26.11
CA ASP L 6 3.56 -2.09 -25.99
C ASP L 6 4.12 -3.23 -25.11
N GLU L 7 4.14 -4.48 -25.64
CA GLU L 7 4.64 -5.69 -24.96
C GLU L 7 5.06 -6.76 -25.98
N SER L 12 9.63 2.33 -18.42
CA SER L 12 8.69 2.64 -17.36
C SER L 12 8.45 4.15 -17.17
N ARG L 13 8.82 4.95 -18.20
CA ARG L 13 8.63 6.41 -18.25
C ARG L 13 7.17 6.73 -18.68
N CYS L 14 6.81 8.01 -18.89
CA CYS L 14 5.46 8.40 -19.33
C CYS L 14 5.29 8.00 -20.81
N CYS L 15 4.87 6.75 -21.03
CA CYS L 15 4.73 6.11 -22.34
C CYS L 15 3.27 6.00 -22.78
N ARG L 16 3.03 5.93 -24.11
CA ARG L 16 1.67 5.78 -24.66
C ARG L 16 1.35 4.31 -24.96
N TYR L 17 0.52 3.67 -24.10
CA TYR L 17 0.10 2.26 -24.23
C TYR L 17 -1.14 2.15 -25.11
N PRO L 18 -1.18 1.18 -26.08
CA PRO L 18 -2.35 1.08 -26.95
C PRO L 18 -3.57 0.43 -26.29
N LEU L 19 -4.77 0.96 -26.60
CA LEU L 19 -6.06 0.47 -26.11
C LEU L 19 -7.13 0.70 -27.19
N THR L 20 -7.81 -0.40 -27.63
CA THR L 20 -8.88 -0.36 -28.61
C THR L 20 -10.21 -0.52 -27.88
N VAL L 21 -11.07 0.50 -28.02
CA VAL L 21 -12.42 0.51 -27.43
C VAL L 21 -13.33 -0.24 -28.41
N ASP L 22 -14.05 -1.26 -27.91
CA ASP L 22 -15.02 -2.08 -28.67
C ASP L 22 -16.40 -1.88 -28.02
N PHE L 23 -17.27 -1.16 -28.73
CA PHE L 23 -18.62 -0.87 -28.29
C PHE L 23 -19.54 -2.09 -28.23
N GLU L 24 -19.36 -3.10 -29.11
CA GLU L 24 -20.16 -4.33 -29.10
C GLU L 24 -19.85 -5.15 -27.84
N ALA L 25 -18.53 -5.30 -27.53
CA ALA L 25 -18.03 -6.03 -26.36
C ALA L 25 -18.55 -5.41 -25.07
N PHE L 26 -18.61 -4.06 -25.01
CA PHE L 26 -19.14 -3.32 -23.85
C PHE L 26 -20.67 -3.48 -23.73
N GLY L 27 -21.32 -3.71 -24.87
CA GLY L 27 -22.77 -3.91 -24.97
C GLY L 27 -23.53 -2.64 -25.30
N TRP L 28 -22.97 -1.82 -26.20
CA TRP L 28 -23.56 -0.54 -26.61
C TRP L 28 -23.83 -0.54 -28.12
N ASP L 29 -24.88 -1.27 -28.53
CA ASP L 29 -25.26 -1.36 -29.94
C ASP L 29 -25.88 -0.05 -30.46
N TRP L 30 -26.12 0.93 -29.58
CA TRP L 30 -26.64 2.24 -29.94
C TRP L 30 -25.63 3.10 -30.72
N ILE L 31 -24.35 2.72 -30.72
CA ILE L 31 -23.30 3.39 -31.50
C ILE L 31 -23.12 2.56 -32.75
N ILE L 32 -23.42 3.15 -33.91
CA ILE L 32 -23.29 2.44 -35.18
C ILE L 32 -21.81 2.48 -35.64
N ALA L 33 -21.22 3.71 -35.73
CA ALA L 33 -19.88 3.97 -36.25
C ALA L 33 -19.03 4.94 -35.38
N PRO L 34 -17.80 4.55 -34.96
CA PRO L 34 -17.11 3.26 -35.17
C PRO L 34 -17.46 2.22 -34.09
N LYS L 35 -17.52 0.94 -34.49
CA LYS L 35 -17.81 -0.20 -33.60
C LYS L 35 -16.58 -0.37 -32.67
N ARG L 36 -15.39 -0.14 -33.24
CA ARG L 36 -14.06 -0.25 -32.65
C ARG L 36 -13.18 0.91 -33.09
N TYR L 37 -12.28 1.34 -32.20
CA TYR L 37 -11.32 2.41 -32.46
C TYR L 37 -10.18 2.35 -31.45
N LYS L 38 -8.97 2.78 -31.88
CA LYS L 38 -7.78 2.88 -31.04
C LYS L 38 -7.95 4.16 -30.21
N ALA L 39 -7.98 3.98 -28.88
CA ALA L 39 -8.22 5.05 -27.92
C ALA L 39 -7.00 5.44 -27.13
N ASN L 40 -6.16 4.44 -26.74
CA ASN L 40 -4.89 4.56 -25.99
C ASN L 40 -4.99 5.29 -24.62
N TYR L 41 -3.88 5.31 -23.86
CA TYR L 41 -3.76 6.00 -22.57
C TYR L 41 -2.30 6.24 -22.19
N CYS L 42 -2.06 7.05 -21.15
CA CYS L 42 -0.74 7.41 -20.63
C CYS L 42 -0.51 6.80 -19.26
N SER L 43 0.63 6.12 -19.09
CA SER L 43 1.00 5.51 -17.81
C SER L 43 2.52 5.52 -17.66
N GLY L 44 2.96 5.73 -16.43
CA GLY L 44 4.37 5.79 -16.10
C GLY L 44 4.75 6.94 -15.19
N GLU L 45 5.96 6.89 -14.65
CA GLU L 45 6.45 7.92 -13.74
C GLU L 45 7.07 9.14 -14.45
N CYS L 46 7.12 10.26 -13.72
CA CYS L 46 7.73 11.51 -14.15
C CYS L 46 8.80 11.92 -13.14
N GLU L 47 10.02 12.18 -13.65
CA GLU L 47 11.24 12.51 -12.93
C GLU L 47 11.13 13.74 -11.96
N PHE L 48 11.98 13.90 -10.89
CA PHE L 48 13.22 13.20 -10.53
C PHE L 48 13.23 12.10 -9.45
N VAL L 49 14.08 11.07 -9.71
CA VAL L 49 14.44 9.89 -8.90
C VAL L 49 15.99 9.73 -9.04
N PHE L 50 16.73 9.26 -8.01
CA PHE L 50 16.26 8.83 -6.70
C PHE L 50 16.55 9.78 -5.53
N LEU L 51 15.53 9.93 -4.67
CA LEU L 51 15.47 10.69 -3.41
C LEU L 51 15.36 12.23 -3.46
N GLN L 52 14.80 12.77 -2.34
CA GLN L 52 14.42 14.15 -1.98
C GLN L 52 13.01 14.43 -2.47
N LYS L 53 12.76 14.09 -3.74
CA LYS L 53 11.46 14.17 -4.39
C LYS L 53 10.65 12.90 -4.02
N TYR L 54 11.31 11.71 -4.06
CA TYR L 54 10.74 10.39 -3.76
C TYR L 54 9.86 10.27 -2.51
N PRO L 55 10.24 10.78 -1.31
CA PRO L 55 9.34 10.65 -0.14
C PRO L 55 7.96 11.27 -0.38
N HIS L 56 7.93 12.49 -0.97
CA HIS L 56 6.72 13.26 -1.30
C HIS L 56 5.86 12.52 -2.34
N THR L 57 6.51 11.86 -3.30
CA THR L 57 5.86 11.07 -4.34
C THR L 57 5.26 9.79 -3.74
N HIS L 58 6.06 9.00 -2.98
CA HIS L 58 5.59 7.75 -2.35
C HIS L 58 4.45 7.98 -1.37
N LEU L 59 4.51 9.09 -0.60
CA LEU L 59 3.48 9.47 0.38
C LEU L 59 2.13 9.75 -0.28
N VAL L 60 2.16 10.13 -1.57
CA VAL L 60 0.98 10.41 -2.37
C VAL L 60 0.14 9.13 -2.69
N HIS L 61 0.81 7.99 -2.98
CA HIS L 61 0.18 6.69 -3.28
C HIS L 61 -0.42 5.98 -2.04
N GLN L 62 -0.12 6.52 -0.85
CA GLN L 62 -0.66 6.03 0.40
C GLN L 62 -1.96 6.79 0.73
N ALA L 63 -1.95 8.14 0.56
CA ALA L 63 -3.10 9.03 0.84
C ALA L 63 -4.23 8.97 -0.19
N ASN L 64 -3.89 9.06 -1.50
CA ASN L 64 -4.85 9.04 -2.61
C ASN L 64 -4.09 8.68 -3.92
N PRO L 65 -4.26 7.45 -4.47
CA PRO L 65 -3.55 7.09 -5.72
C PRO L 65 -3.90 7.95 -6.95
N ARG L 66 -5.02 8.70 -6.86
CA ARG L 66 -5.49 9.64 -7.88
C ARG L 66 -4.83 11.03 -7.71
N GLY L 67 -4.14 11.22 -6.58
CA GLY L 67 -3.43 12.45 -6.23
C GLY L 67 -2.12 12.66 -6.99
N SER L 68 -1.77 13.93 -7.24
CA SER L 68 -0.53 14.30 -7.94
C SER L 68 0.30 15.29 -7.12
N ALA L 69 1.52 14.85 -6.74
CA ALA L 69 2.50 15.60 -5.95
C ALA L 69 3.37 16.50 -6.81
N GLY L 70 3.38 16.23 -8.11
CA GLY L 70 4.16 16.96 -9.11
C GLY L 70 3.67 16.68 -10.51
N PRO L 71 4.55 16.68 -11.54
CA PRO L 71 4.09 16.41 -12.92
C PRO L 71 3.39 15.06 -13.10
N CYS L 72 2.27 15.09 -13.84
CA CYS L 72 1.42 13.94 -14.14
C CYS L 72 1.62 13.40 -15.53
N CYS L 73 1.46 12.07 -15.68
CA CYS L 73 1.53 11.33 -16.94
C CYS L 73 0.14 11.35 -17.56
N THR L 74 -0.10 12.34 -18.42
CA THR L 74 -1.38 12.65 -19.06
C THR L 74 -1.20 12.96 -20.56
N PRO L 75 -2.24 12.78 -21.42
CA PRO L 75 -2.04 13.10 -22.84
C PRO L 75 -1.82 14.57 -23.13
N THR L 76 -0.86 14.83 -24.03
CA THR L 76 -0.48 16.17 -24.48
C THR L 76 -1.23 16.52 -25.77
N LYS L 77 -1.29 15.54 -26.72
CA LYS L 77 -2.00 15.65 -27.99
C LYS L 77 -3.21 14.70 -27.99
N MET L 78 -4.41 15.23 -28.26
CA MET L 78 -5.66 14.44 -28.33
C MET L 78 -6.57 14.83 -29.51
N SER L 79 -6.79 13.89 -30.46
CA SER L 79 -7.63 14.10 -31.64
C SER L 79 -9.12 13.73 -31.41
N PRO L 80 -10.11 14.39 -32.09
CA PRO L 80 -11.53 13.98 -31.94
C PRO L 80 -11.90 12.81 -32.89
N ILE L 81 -13.08 12.20 -32.69
CA ILE L 81 -13.62 11.15 -33.58
C ILE L 81 -15.06 11.42 -34.01
N ASN L 82 -15.35 11.16 -35.31
CA ASN L 82 -16.68 11.29 -35.90
C ASN L 82 -17.44 10.03 -35.54
N MET L 83 -18.66 10.21 -35.00
CA MET L 83 -19.47 9.08 -34.53
C MET L 83 -20.91 9.07 -34.99
N LEU L 84 -21.37 7.90 -35.47
CA LEU L 84 -22.75 7.69 -35.89
C LEU L 84 -23.41 6.84 -34.80
N TYR L 85 -24.52 7.32 -34.23
CA TYR L 85 -25.19 6.65 -33.12
C TYR L 85 -26.66 6.99 -32.99
N PHE L 86 -27.41 6.11 -32.30
CA PHE L 86 -28.84 6.24 -32.01
C PHE L 86 -29.05 7.08 -30.76
N ASN L 87 -30.05 7.98 -30.80
CA ASN L 87 -30.43 8.81 -29.65
C ASN L 87 -31.72 8.25 -29.03
N GLY L 88 -32.09 8.76 -27.86
CA GLY L 88 -33.30 8.36 -27.13
C GLY L 88 -34.59 8.56 -27.90
N LYS L 89 -34.67 9.66 -28.68
CA LYS L 89 -35.83 10.05 -29.50
C LYS L 89 -36.02 9.23 -30.82
N GLU L 90 -35.41 8.04 -30.88
CA GLU L 90 -35.42 7.07 -32.01
C GLU L 90 -34.95 7.66 -33.35
N GLN L 91 -33.83 8.41 -33.30
CA GLN L 91 -33.19 9.05 -34.44
C GLN L 91 -31.69 8.67 -34.50
N ILE L 92 -31.01 8.93 -35.65
CA ILE L 92 -29.58 8.61 -35.79
C ILE L 92 -28.77 9.85 -36.09
N ILE L 93 -27.82 10.17 -35.18
CA ILE L 93 -26.94 11.35 -35.27
C ILE L 93 -25.55 11.02 -35.74
N TYR L 94 -24.91 12.06 -36.27
CA TYR L 94 -23.51 12.14 -36.63
C TYR L 94 -23.00 13.33 -35.83
N GLY L 95 -21.99 13.10 -35.01
CA GLY L 95 -21.36 14.13 -34.21
C GLY L 95 -19.86 14.00 -34.11
N LYS L 96 -19.17 15.16 -34.08
CA LYS L 96 -17.73 15.28 -33.88
C LYS L 96 -17.55 15.27 -32.36
N ILE L 97 -17.13 14.12 -31.81
CA ILE L 97 -16.93 13.95 -30.36
C ILE L 97 -15.47 14.29 -30.01
N PRO L 98 -15.21 15.44 -29.31
CA PRO L 98 -13.82 15.85 -29.03
C PRO L 98 -13.09 15.01 -27.99
N ALA L 99 -11.71 15.03 -28.05
CA ALA L 99 -10.77 14.35 -27.16
C ALA L 99 -11.18 12.90 -26.86
N MET L 100 -11.07 12.04 -27.88
CA MET L 100 -11.42 10.61 -27.84
C MET L 100 -10.23 9.73 -28.13
N VAL L 101 -9.20 10.26 -28.85
CA VAL L 101 -7.97 9.54 -29.15
C VAL L 101 -6.74 10.23 -28.53
N VAL L 102 -6.03 9.50 -27.66
CA VAL L 102 -4.78 9.91 -27.02
C VAL L 102 -3.67 9.72 -28.09
N ASP L 103 -3.06 10.82 -28.54
CA ASP L 103 -2.03 10.78 -29.59
C ASP L 103 -0.60 10.77 -29.07
N ARG L 104 -0.32 11.63 -28.08
CA ARG L 104 0.97 11.78 -27.42
C ARG L 104 0.78 11.81 -25.92
N CYS L 105 1.80 11.30 -25.21
CA CYS L 105 1.88 11.28 -23.75
C CYS L 105 3.17 11.98 -23.28
N GLY L 106 3.03 13.01 -22.45
CA GLY L 106 4.14 13.77 -21.88
C GLY L 106 3.94 14.05 -20.40
N CYS L 107 4.93 14.68 -19.76
CA CYS L 107 4.83 15.02 -18.34
C CYS L 107 4.50 16.49 -18.17
N SER L 108 3.53 16.77 -17.28
CA SER L 108 3.06 18.14 -17.01
C SER L 108 4.05 18.91 -16.14
#